data_1JL7
# 
_entry.id   1JL7 
# 
_audit_conform.dict_name       mmcif_pdbx.dic 
_audit_conform.dict_version    5.386 
_audit_conform.dict_location   http://mmcif.pdb.org/dictionaries/ascii/mmcif_pdbx.dic 
# 
loop_
_database_2.database_id 
_database_2.database_code 
_database_2.pdbx_database_accession 
_database_2.pdbx_DOI 
PDB   1JL7         pdb_00001jl7 10.2210/pdb1jl7/pdb 
RCSB  RCSB013900   ?            ?                   
WWPDB D_1000013900 ?            ?                   
# 
loop_
_pdbx_audit_revision_history.ordinal 
_pdbx_audit_revision_history.data_content_type 
_pdbx_audit_revision_history.major_revision 
_pdbx_audit_revision_history.minor_revision 
_pdbx_audit_revision_history.revision_date 
1 'Structure model' 1 0 2002-07-16 
2 'Structure model' 1 1 2008-04-27 
3 'Structure model' 1 2 2011-07-13 
4 'Structure model' 1 3 2024-02-07 
# 
_pdbx_audit_revision_details.ordinal             1 
_pdbx_audit_revision_details.revision_ordinal    1 
_pdbx_audit_revision_details.data_content_type   'Structure model' 
_pdbx_audit_revision_details.provider            repository 
_pdbx_audit_revision_details.type                'Initial release' 
_pdbx_audit_revision_details.description         ? 
_pdbx_audit_revision_details.details             ? 
# 
loop_
_pdbx_audit_revision_group.ordinal 
_pdbx_audit_revision_group.revision_ordinal 
_pdbx_audit_revision_group.data_content_type 
_pdbx_audit_revision_group.group 
1 2 'Structure model' 'Version format compliance' 
2 3 'Structure model' 'Version format compliance' 
3 4 'Structure model' 'Data collection'           
4 4 'Structure model' 'Database references'       
5 4 'Structure model' 'Derived calculations'      
# 
loop_
_pdbx_audit_revision_category.ordinal 
_pdbx_audit_revision_category.revision_ordinal 
_pdbx_audit_revision_category.data_content_type 
_pdbx_audit_revision_category.category 
1 4 'Structure model' chem_comp_atom 
2 4 'Structure model' chem_comp_bond 
3 4 'Structure model' database_2     
4 4 'Structure model' struct_site    
# 
loop_
_pdbx_audit_revision_item.ordinal 
_pdbx_audit_revision_item.revision_ordinal 
_pdbx_audit_revision_item.data_content_type 
_pdbx_audit_revision_item.item 
1 4 'Structure model' '_database_2.pdbx_DOI'                
2 4 'Structure model' '_database_2.pdbx_database_accession' 
3 4 'Structure model' '_struct_site.pdbx_auth_asym_id'      
4 4 'Structure model' '_struct_site.pdbx_auth_comp_id'      
5 4 'Structure model' '_struct_site.pdbx_auth_seq_id'       
# 
_pdbx_database_status.status_code                     REL 
_pdbx_database_status.entry_id                        1JL7 
_pdbx_database_status.recvd_initial_deposition_date   2001-07-16 
_pdbx_database_status.deposit_site                    RCSB 
_pdbx_database_status.process_site                    RCSB 
_pdbx_database_status.SG_entry                        . 
_pdbx_database_status.pdb_format_compatible           Y 
_pdbx_database_status.status_code_mr                  ? 
_pdbx_database_status.status_code_sf                  ? 
_pdbx_database_status.status_code_cs                  ? 
_pdbx_database_status.status_code_nmr_data            ? 
_pdbx_database_status.methods_development_category    ? 
# 
loop_
_audit_author.name 
_audit_author.pdbx_ordinal 
'Park, H.J.'      1 
'Yang, C.'        2 
'Treff, N.'       3 
'Satterlee, J.D.' 4 
'Kang, C.'        5 
# 
_citation.id                        primary 
_citation.title                     
'Crystal Structures of Unligated and CN-Ligated Glycera dibranchiata Monomer Ferric Hemoglobin Components III and IV' 
_citation.journal_abbrev            Proteins 
_citation.journal_volume            49 
_citation.page_first                49 
_citation.page_last                 60 
_citation.year                      2002 
_citation.journal_id_ASTM           PSFGEY 
_citation.country                   US 
_citation.journal_id_ISSN           0887-3585 
_citation.journal_id_CSD            0867 
_citation.book_publisher            ? 
_citation.pdbx_database_id_PubMed   12211015 
_citation.pdbx_database_id_DOI      10.1002/prot.10199 
# 
loop_
_citation_author.citation_id 
_citation_author.name 
_citation_author.ordinal 
_citation_author.identifier_ORCID 
primary 'Park, H.J.'      1 ? 
primary 'Yang, C.'        2 ? 
primary 'Treff, N.'       3 ? 
primary 'Satterlee, J.D.' 4 ? 
primary 'Kang, C.'        5 ? 
# 
loop_
_entity.id 
_entity.type 
_entity.src_method 
_entity.pdbx_description 
_entity.formula_weight 
_entity.pdbx_number_of_molecules 
_entity.pdbx_ec 
_entity.pdbx_mutation 
_entity.pdbx_fragment 
_entity.details 
1 polymer     nat 'Monomer hemoglobin component III' 14958.023 1  ? ? ? ? 
2 non-polymer syn 'CYANIDE ION'                      26.017    1  ? ? ? ? 
3 non-polymer syn 'PROTOPORPHYRIN IX CONTAINING FE'  616.487   1  ? ? ? ? 
4 water       nat water                              18.015    72 ? ? ? ? 
# 
_entity_name_com.entity_id   1 
_entity_name_com.name        GMH3 
# 
_entity_poly.entity_id                      1 
_entity_poly.type                           'polypeptide(L)' 
_entity_poly.nstd_linkage                   no 
_entity_poly.nstd_monomer                   no 
_entity_poly.pdbx_seq_one_letter_code       
;GLSAAQRQVVASTWKDIAGADNGAGVGKECLSKFISAHPEMAAVFGFSGASDPGVAELGAKVLAQIGVAVSHLGDEGKMV
AEMKAVGVRHKGYGNKHIKAEYFEPLGASLLSAMEHRIGGKMNAAAKDAWAAAYGDISGALISGLQS
;
_entity_poly.pdbx_seq_one_letter_code_can   
;GLSAAQRQVVASTWKDIAGADNGAGVGKECLSKFISAHPEMAAVFGFSGASDPGVAELGAKVLAQIGVAVSHLGDEGKMV
AEMKAVGVRHKGYGNKHIKAEYFEPLGASLLSAMEHRIGGKMNAAAKDAWAAAYGDISGALISGLQS
;
_entity_poly.pdbx_strand_id                 A 
_entity_poly.pdbx_target_identifier         ? 
# 
loop_
_pdbx_entity_nonpoly.entity_id 
_pdbx_entity_nonpoly.name 
_pdbx_entity_nonpoly.comp_id 
2 'CYANIDE ION'                     CYN 
3 'PROTOPORPHYRIN IX CONTAINING FE' HEM 
4 water                             HOH 
# 
loop_
_entity_poly_seq.entity_id 
_entity_poly_seq.num 
_entity_poly_seq.mon_id 
_entity_poly_seq.hetero 
1 1   GLY n 
1 2   LEU n 
1 3   SER n 
1 4   ALA n 
1 5   ALA n 
1 6   GLN n 
1 7   ARG n 
1 8   GLN n 
1 9   VAL n 
1 10  VAL n 
1 11  ALA n 
1 12  SER n 
1 13  THR n 
1 14  TRP n 
1 15  LYS n 
1 16  ASP n 
1 17  ILE n 
1 18  ALA n 
1 19  GLY n 
1 20  ALA n 
1 21  ASP n 
1 22  ASN n 
1 23  GLY n 
1 24  ALA n 
1 25  GLY n 
1 26  VAL n 
1 27  GLY n 
1 28  LYS n 
1 29  GLU n 
1 30  CYS n 
1 31  LEU n 
1 32  SER n 
1 33  LYS n 
1 34  PHE n 
1 35  ILE n 
1 36  SER n 
1 37  ALA n 
1 38  HIS n 
1 39  PRO n 
1 40  GLU n 
1 41  MET n 
1 42  ALA n 
1 43  ALA n 
1 44  VAL n 
1 45  PHE n 
1 46  GLY n 
1 47  PHE n 
1 48  SER n 
1 49  GLY n 
1 50  ALA n 
1 51  SER n 
1 52  ASP n 
1 53  PRO n 
1 54  GLY n 
1 55  VAL n 
1 56  ALA n 
1 57  GLU n 
1 58  LEU n 
1 59  GLY n 
1 60  ALA n 
1 61  LYS n 
1 62  VAL n 
1 63  LEU n 
1 64  ALA n 
1 65  GLN n 
1 66  ILE n 
1 67  GLY n 
1 68  VAL n 
1 69  ALA n 
1 70  VAL n 
1 71  SER n 
1 72  HIS n 
1 73  LEU n 
1 74  GLY n 
1 75  ASP n 
1 76  GLU n 
1 77  GLY n 
1 78  LYS n 
1 79  MET n 
1 80  VAL n 
1 81  ALA n 
1 82  GLU n 
1 83  MET n 
1 84  LYS n 
1 85  ALA n 
1 86  VAL n 
1 87  GLY n 
1 88  VAL n 
1 89  ARG n 
1 90  HIS n 
1 91  LYS n 
1 92  GLY n 
1 93  TYR n 
1 94  GLY n 
1 95  ASN n 
1 96  LYS n 
1 97  HIS n 
1 98  ILE n 
1 99  LYS n 
1 100 ALA n 
1 101 GLU n 
1 102 TYR n 
1 103 PHE n 
1 104 GLU n 
1 105 PRO n 
1 106 LEU n 
1 107 GLY n 
1 108 ALA n 
1 109 SER n 
1 110 LEU n 
1 111 LEU n 
1 112 SER n 
1 113 ALA n 
1 114 MET n 
1 115 GLU n 
1 116 HIS n 
1 117 ARG n 
1 118 ILE n 
1 119 GLY n 
1 120 GLY n 
1 121 LYS n 
1 122 MET n 
1 123 ASN n 
1 124 ALA n 
1 125 ALA n 
1 126 ALA n 
1 127 LYS n 
1 128 ASP n 
1 129 ALA n 
1 130 TRP n 
1 131 ALA n 
1 132 ALA n 
1 133 ALA n 
1 134 TYR n 
1 135 GLY n 
1 136 ASP n 
1 137 ILE n 
1 138 SER n 
1 139 GLY n 
1 140 ALA n 
1 141 LEU n 
1 142 ILE n 
1 143 SER n 
1 144 GLY n 
1 145 LEU n 
1 146 GLN n 
1 147 SER n 
# 
_entity_src_nat.entity_id                  1 
_entity_src_nat.pdbx_src_id                1 
_entity_src_nat.pdbx_alt_source_flag       sample 
_entity_src_nat.pdbx_beg_seq_num           ? 
_entity_src_nat.pdbx_end_seq_num           ? 
_entity_src_nat.common_name                ? 
_entity_src_nat.pdbx_organism_scientific   'Glycera dibranchiata' 
_entity_src_nat.pdbx_ncbi_taxonomy_id      6350 
_entity_src_nat.genus                      Glycera 
_entity_src_nat.species                    ? 
_entity_src_nat.strain                     ? 
_entity_src_nat.tissue                     ? 
_entity_src_nat.tissue_fraction            ? 
_entity_src_nat.pdbx_secretion             ? 
_entity_src_nat.pdbx_fragment              ? 
_entity_src_nat.pdbx_variant               ? 
_entity_src_nat.pdbx_cell_line             ? 
_entity_src_nat.pdbx_atcc                  ? 
_entity_src_nat.pdbx_cellular_location     ? 
_entity_src_nat.pdbx_organ                 ? 
_entity_src_nat.pdbx_organelle             ? 
_entity_src_nat.pdbx_cell                  ? 
_entity_src_nat.pdbx_plasmid_name          ? 
_entity_src_nat.pdbx_plasmid_details       ? 
_entity_src_nat.details                    ? 
# 
loop_
_chem_comp.id 
_chem_comp.type 
_chem_comp.mon_nstd_flag 
_chem_comp.name 
_chem_comp.pdbx_synonyms 
_chem_comp.formula 
_chem_comp.formula_weight 
ALA 'L-peptide linking' y ALANINE                           ?    'C3 H7 N O2'       89.093  
ARG 'L-peptide linking' y ARGININE                          ?    'C6 H15 N4 O2 1'   175.209 
ASN 'L-peptide linking' y ASPARAGINE                        ?    'C4 H8 N2 O3'      132.118 
ASP 'L-peptide linking' y 'ASPARTIC ACID'                   ?    'C4 H7 N O4'       133.103 
CYN non-polymer         . 'CYANIDE ION'                     ?    'C N -1'           26.017  
CYS 'L-peptide linking' y CYSTEINE                          ?    'C3 H7 N O2 S'     121.158 
GLN 'L-peptide linking' y GLUTAMINE                         ?    'C5 H10 N2 O3'     146.144 
GLU 'L-peptide linking' y 'GLUTAMIC ACID'                   ?    'C5 H9 N O4'       147.129 
GLY 'peptide linking'   y GLYCINE                           ?    'C2 H5 N O2'       75.067  
HEM non-polymer         . 'PROTOPORPHYRIN IX CONTAINING FE' HEME 'C34 H32 Fe N4 O4' 616.487 
HIS 'L-peptide linking' y HISTIDINE                         ?    'C6 H10 N3 O2 1'   156.162 
HOH non-polymer         . WATER                             ?    'H2 O'             18.015  
ILE 'L-peptide linking' y ISOLEUCINE                        ?    'C6 H13 N O2'      131.173 
LEU 'L-peptide linking' y LEUCINE                           ?    'C6 H13 N O2'      131.173 
LYS 'L-peptide linking' y LYSINE                            ?    'C6 H15 N2 O2 1'   147.195 
MET 'L-peptide linking' y METHIONINE                        ?    'C5 H11 N O2 S'    149.211 
PHE 'L-peptide linking' y PHENYLALANINE                     ?    'C9 H11 N O2'      165.189 
PRO 'L-peptide linking' y PROLINE                           ?    'C5 H9 N O2'       115.130 
SER 'L-peptide linking' y SERINE                            ?    'C3 H7 N O3'       105.093 
THR 'L-peptide linking' y THREONINE                         ?    'C4 H9 N O3'       119.119 
TRP 'L-peptide linking' y TRYPTOPHAN                        ?    'C11 H12 N2 O2'    204.225 
TYR 'L-peptide linking' y TYROSINE                          ?    'C9 H11 N O3'      181.189 
VAL 'L-peptide linking' y VALINE                            ?    'C5 H11 N O2'      117.146 
# 
loop_
_pdbx_poly_seq_scheme.asym_id 
_pdbx_poly_seq_scheme.entity_id 
_pdbx_poly_seq_scheme.seq_id 
_pdbx_poly_seq_scheme.mon_id 
_pdbx_poly_seq_scheme.ndb_seq_num 
_pdbx_poly_seq_scheme.pdb_seq_num 
_pdbx_poly_seq_scheme.auth_seq_num 
_pdbx_poly_seq_scheme.pdb_mon_id 
_pdbx_poly_seq_scheme.auth_mon_id 
_pdbx_poly_seq_scheme.pdb_strand_id 
_pdbx_poly_seq_scheme.pdb_ins_code 
_pdbx_poly_seq_scheme.hetero 
A 1 1   GLY 1   1   1   GLY GLY A . n 
A 1 2   LEU 2   2   2   LEU LEU A . n 
A 1 3   SER 3   3   3   SER SER A . n 
A 1 4   ALA 4   4   4   ALA ALA A . n 
A 1 5   ALA 5   5   5   ALA ALA A . n 
A 1 6   GLN 6   6   6   GLN GLN A . n 
A 1 7   ARG 7   7   7   ARG ARG A . n 
A 1 8   GLN 8   8   8   GLN GLN A . n 
A 1 9   VAL 9   9   9   VAL VAL A . n 
A 1 10  VAL 10  10  10  VAL VAL A . n 
A 1 11  ALA 11  11  11  ALA ALA A . n 
A 1 12  SER 12  12  12  SER SER A . n 
A 1 13  THR 13  13  13  THR THR A . n 
A 1 14  TRP 14  14  14  TRP TRP A . n 
A 1 15  LYS 15  15  15  LYS LYS A . n 
A 1 16  ASP 16  16  16  ASP ASP A . n 
A 1 17  ILE 17  17  17  ILE ILE A . n 
A 1 18  ALA 18  18  18  ALA ALA A . n 
A 1 19  GLY 19  19  19  GLY GLY A . n 
A 1 20  ALA 20  20  20  ALA ALA A . n 
A 1 21  ASP 21  21  21  ASP ASP A . n 
A 1 22  ASN 22  22  22  ASN ASN A . n 
A 1 23  GLY 23  23  23  GLY GLY A . n 
A 1 24  ALA 24  24  24  ALA ALA A . n 
A 1 25  GLY 25  25  25  GLY GLY A . n 
A 1 26  VAL 26  26  26  VAL VAL A . n 
A 1 27  GLY 27  27  27  GLY GLY A . n 
A 1 28  LYS 28  28  28  LYS LYS A . n 
A 1 29  GLU 29  29  29  GLU GLU A . n 
A 1 30  CYS 30  30  30  CYS CYS A . n 
A 1 31  LEU 31  31  31  LEU LEU A . n 
A 1 32  SER 32  32  32  SER SER A . n 
A 1 33  LYS 33  33  33  LYS LYS A . n 
A 1 34  PHE 34  34  34  PHE PHE A . n 
A 1 35  ILE 35  35  35  ILE ILE A . n 
A 1 36  SER 36  36  36  SER SER A . n 
A 1 37  ALA 37  37  37  ALA ALA A . n 
A 1 38  HIS 38  38  38  HIS HIS A . n 
A 1 39  PRO 39  39  39  PRO PRO A . n 
A 1 40  GLU 40  40  40  GLU GLU A . n 
A 1 41  MET 41  41  41  MET MET A . n 
A 1 42  ALA 42  42  42  ALA ALA A . n 
A 1 43  ALA 43  43  43  ALA ALA A . n 
A 1 44  VAL 44  44  44  VAL VAL A . n 
A 1 45  PHE 45  45  45  PHE PHE A . n 
A 1 46  GLY 46  46  46  GLY GLY A . n 
A 1 47  PHE 47  47  47  PHE PHE A . n 
A 1 48  SER 48  48  48  SER SER A . n 
A 1 49  GLY 49  49  49  GLY GLY A . n 
A 1 50  ALA 50  50  50  ALA ALA A . n 
A 1 51  SER 51  51  51  SER SER A . n 
A 1 52  ASP 52  52  52  ASP ASP A . n 
A 1 53  PRO 53  53  53  PRO PRO A . n 
A 1 54  GLY 54  54  54  GLY GLY A . n 
A 1 55  VAL 55  55  55  VAL VAL A . n 
A 1 56  ALA 56  56  56  ALA ALA A . n 
A 1 57  GLU 57  57  57  GLU GLU A . n 
A 1 58  LEU 58  58  58  LEU LEU A . n 
A 1 59  GLY 59  59  59  GLY GLY A . n 
A 1 60  ALA 60  60  60  ALA ALA A . n 
A 1 61  LYS 61  61  61  LYS LYS A . n 
A 1 62  VAL 62  62  62  VAL VAL A . n 
A 1 63  LEU 63  63  63  LEU LEU A . n 
A 1 64  ALA 64  64  64  ALA ALA A . n 
A 1 65  GLN 65  65  65  GLN GLN A . n 
A 1 66  ILE 66  66  66  ILE ILE A . n 
A 1 67  GLY 67  67  67  GLY GLY A . n 
A 1 68  VAL 68  68  68  VAL VAL A . n 
A 1 69  ALA 69  69  69  ALA ALA A . n 
A 1 70  VAL 70  70  70  VAL VAL A . n 
A 1 71  SER 71  71  71  SER SER A . n 
A 1 72  HIS 72  72  72  HIS HIS A . n 
A 1 73  LEU 73  73  73  LEU LEU A . n 
A 1 74  GLY 74  74  74  GLY GLY A . n 
A 1 75  ASP 75  75  75  ASP ASP A . n 
A 1 76  GLU 76  76  76  GLU GLU A . n 
A 1 77  GLY 77  77  77  GLY GLY A . n 
A 1 78  LYS 78  78  78  LYS LYS A . n 
A 1 79  MET 79  79  79  MET MET A . n 
A 1 80  VAL 80  80  80  VAL VAL A . n 
A 1 81  ALA 81  81  81  ALA ALA A . n 
A 1 82  GLU 82  82  82  GLU GLU A . n 
A 1 83  MET 83  83  83  MET MET A . n 
A 1 84  LYS 84  84  84  LYS LYS A . n 
A 1 85  ALA 85  85  85  ALA ALA A . n 
A 1 86  VAL 86  86  86  VAL VAL A . n 
A 1 87  GLY 87  87  87  GLY GLY A . n 
A 1 88  VAL 88  88  88  VAL VAL A . n 
A 1 89  ARG 89  89  89  ARG ARG A . n 
A 1 90  HIS 90  90  90  HIS HIS A . n 
A 1 91  LYS 91  91  91  LYS LYS A . n 
A 1 92  GLY 92  92  92  GLY GLY A . n 
A 1 93  TYR 93  93  93  TYR TYR A . n 
A 1 94  GLY 94  94  94  GLY GLY A . n 
A 1 95  ASN 95  95  95  ASN ASN A . n 
A 1 96  LYS 96  96  96  LYS LYS A . n 
A 1 97  HIS 97  97  97  HIS HIS A . n 
A 1 98  ILE 98  98  98  ILE ILE A . n 
A 1 99  LYS 99  99  99  LYS LYS A . n 
A 1 100 ALA 100 100 100 ALA ALA A . n 
A 1 101 GLU 101 101 101 GLU GLU A . n 
A 1 102 TYR 102 102 102 TYR TYR A . n 
A 1 103 PHE 103 103 103 PHE PHE A . n 
A 1 104 GLU 104 104 104 GLU GLU A . n 
A 1 105 PRO 105 105 105 PRO PRO A . n 
A 1 106 LEU 106 106 106 LEU LEU A . n 
A 1 107 GLY 107 107 107 GLY GLY A . n 
A 1 108 ALA 108 108 108 ALA ALA A . n 
A 1 109 SER 109 109 109 SER SER A . n 
A 1 110 LEU 110 110 110 LEU LEU A . n 
A 1 111 LEU 111 111 111 LEU LEU A . n 
A 1 112 SER 112 112 112 SER SER A . n 
A 1 113 ALA 113 113 113 ALA ALA A . n 
A 1 114 MET 114 114 114 MET MET A . n 
A 1 115 GLU 115 115 115 GLU GLU A . n 
A 1 116 HIS 116 116 116 HIS HIS A . n 
A 1 117 ARG 117 117 117 ARG ARG A . n 
A 1 118 ILE 118 118 118 ILE ILE A . n 
A 1 119 GLY 119 119 119 GLY GLY A . n 
A 1 120 GLY 120 120 120 GLY GLY A . n 
A 1 121 LYS 121 121 121 LYS LYS A . n 
A 1 122 MET 122 122 122 MET MET A . n 
A 1 123 ASN 123 123 123 ASN ASN A . n 
A 1 124 ALA 124 124 124 ALA ALA A . n 
A 1 125 ALA 125 125 125 ALA ALA A . n 
A 1 126 ALA 126 126 126 ALA ALA A . n 
A 1 127 LYS 127 127 127 LYS LYS A . n 
A 1 128 ASP 128 128 128 ASP ASP A . n 
A 1 129 ALA 129 129 129 ALA ALA A . n 
A 1 130 TRP 130 130 130 TRP TRP A . n 
A 1 131 ALA 131 131 131 ALA ALA A . n 
A 1 132 ALA 132 132 132 ALA ALA A . n 
A 1 133 ALA 133 133 133 ALA ALA A . n 
A 1 134 TYR 134 134 134 TYR TYR A . n 
A 1 135 GLY 135 135 135 GLY GLY A . n 
A 1 136 ASP 136 136 136 ASP ASP A . n 
A 1 137 ILE 137 137 137 ILE ILE A . n 
A 1 138 SER 138 138 138 SER SER A . n 
A 1 139 GLY 139 139 139 GLY GLY A . n 
A 1 140 ALA 140 140 140 ALA ALA A . n 
A 1 141 LEU 141 141 141 LEU LEU A . n 
A 1 142 ILE 142 142 142 ILE ILE A . n 
A 1 143 SER 143 143 143 SER SER A . n 
A 1 144 GLY 144 144 144 GLY GLY A . n 
A 1 145 LEU 145 145 145 LEU LEU A . n 
A 1 146 GLN 146 146 146 GLN GLN A . n 
A 1 147 SER 147 147 147 SER SER A . n 
# 
loop_
_pdbx_nonpoly_scheme.asym_id 
_pdbx_nonpoly_scheme.entity_id 
_pdbx_nonpoly_scheme.mon_id 
_pdbx_nonpoly_scheme.ndb_seq_num 
_pdbx_nonpoly_scheme.pdb_seq_num 
_pdbx_nonpoly_scheme.auth_seq_num 
_pdbx_nonpoly_scheme.pdb_mon_id 
_pdbx_nonpoly_scheme.auth_mon_id 
_pdbx_nonpoly_scheme.pdb_strand_id 
_pdbx_nonpoly_scheme.pdb_ins_code 
B 2 CYN 1  149 149 CYN CN  A . 
C 3 HEM 1  148 148 HEM HEM A . 
D 4 HOH 1  201 201 HOH HOH A . 
D 4 HOH 2  202 202 HOH HOH A . 
D 4 HOH 3  203 203 HOH HOH A . 
D 4 HOH 4  204 204 HOH HOH A . 
D 4 HOH 5  207 207 HOH HOH A . 
D 4 HOH 6  208 208 HOH HOH A . 
D 4 HOH 7  209 209 HOH HOH A . 
D 4 HOH 8  210 210 HOH HOH A . 
D 4 HOH 9  211 211 HOH HOH A . 
D 4 HOH 10 212 212 HOH HOH A . 
D 4 HOH 11 213 213 HOH HOH A . 
D 4 HOH 12 214 214 HOH HOH A . 
D 4 HOH 13 215 215 HOH HOH A . 
D 4 HOH 14 216 216 HOH HOH A . 
D 4 HOH 15 217 217 HOH HOH A . 
D 4 HOH 16 218 218 HOH HOH A . 
D 4 HOH 17 219 219 HOH HOH A . 
D 4 HOH 18 220 220 HOH HOH A . 
D 4 HOH 19 221 221 HOH HOH A . 
D 4 HOH 20 222 222 HOH HOH A . 
D 4 HOH 21 223 223 HOH HOH A . 
D 4 HOH 22 224 224 HOH HOH A . 
D 4 HOH 23 225 225 HOH HOH A . 
D 4 HOH 24 226 226 HOH HOH A . 
D 4 HOH 25 227 227 HOH HOH A . 
D 4 HOH 26 228 228 HOH HOH A . 
D 4 HOH 27 229 229 HOH HOH A . 
D 4 HOH 28 230 230 HOH HOH A . 
D 4 HOH 29 231 231 HOH HOH A . 
D 4 HOH 30 232 232 HOH HOH A . 
D 4 HOH 31 233 233 HOH HOH A . 
D 4 HOH 32 234 234 HOH HOH A . 
D 4 HOH 33 235 235 HOH HOH A . 
D 4 HOH 34 236 236 HOH HOH A . 
D 4 HOH 35 237 237 HOH HOH A . 
D 4 HOH 36 238 238 HOH HOH A . 
D 4 HOH 37 239 239 HOH HOH A . 
D 4 HOH 38 240 240 HOH HOH A . 
D 4 HOH 39 241 241 HOH HOH A . 
D 4 HOH 40 244 244 HOH HOH A . 
D 4 HOH 41 245 245 HOH HOH A . 
D 4 HOH 42 246 246 HOH HOH A . 
D 4 HOH 43 247 247 HOH HOH A . 
D 4 HOH 44 248 248 HOH HOH A . 
D 4 HOH 45 249 249 HOH HOH A . 
D 4 HOH 46 250 250 HOH HOH A . 
D 4 HOH 47 251 251 HOH HOH A . 
D 4 HOH 48 252 252 HOH HOH A . 
D 4 HOH 49 253 253 HOH HOH A . 
D 4 HOH 50 254 254 HOH HOH A . 
D 4 HOH 51 255 255 HOH HOH A . 
D 4 HOH 52 256 256 HOH HOH A . 
D 4 HOH 53 257 257 HOH HOH A . 
D 4 HOH 54 258 258 HOH HOH A . 
D 4 HOH 55 259 259 HOH HOH A . 
D 4 HOH 56 260 260 HOH HOH A . 
D 4 HOH 57 261 261 HOH HOH A . 
D 4 HOH 58 262 262 HOH HOH A . 
D 4 HOH 59 263 263 HOH HOH A . 
D 4 HOH 60 264 264 HOH HOH A . 
D 4 HOH 61 265 265 HOH HOH A . 
D 4 HOH 62 266 266 HOH HOH A . 
D 4 HOH 63 267 267 HOH HOH A . 
D 4 HOH 64 268 268 HOH HOH A . 
D 4 HOH 65 269 269 HOH HOH A . 
D 4 HOH 66 270 270 HOH HOH A . 
D 4 HOH 67 271 271 HOH HOH A . 
D 4 HOH 68 272 272 HOH HOH A . 
D 4 HOH 69 273 273 HOH HOH A . 
D 4 HOH 70 274 274 HOH HOH A . 
D 4 HOH 71 275 275 HOH HOH A . 
D 4 HOH 72 276 276 HOH HOH A . 
# 
loop_
_software.name 
_software.classification 
_software.version 
_software.citation_id 
_software.pdbx_ordinal 
DENZO     'data reduction' .     ? 1 
SCALEPACK 'data scaling'   .     ? 2 
X-PLOR    'model building' .     ? 3 
X-PLOR    refinement       3.851 ? 4 
X-PLOR    phasing          .     ? 5 
# 
_cell.entry_id           1JL7 
_cell.length_a           61.454 
_cell.length_b           32.814 
_cell.length_c           40.905 
_cell.angle_alpha        90 
_cell.angle_beta         109.986 
_cell.angle_gamma        90 
_cell.Z_PDB              2 
_cell.pdbx_unique_axis   ? 
# 
_symmetry.entry_id                         1JL7 
_symmetry.space_group_name_H-M             'P 1 21 1' 
_symmetry.pdbx_full_space_group_name_H-M   ? 
_symmetry.cell_setting                     ? 
_symmetry.Int_Tables_number                4 
# 
_exptl.entry_id          1JL7 
_exptl.method            'X-RAY DIFFRACTION' 
_exptl.crystals_number   1 
# 
_exptl_crystal.id                    1 
_exptl_crystal.density_meas          ? 
_exptl_crystal.density_Matthews      2.59 
_exptl_crystal.density_percent_sol   52.52 
_exptl_crystal.description           ? 
# 
_exptl_crystal_grow.crystal_id      1 
_exptl_crystal_grow.method          'VAPOR DIFFUSION, HANGING DROP' 
_exptl_crystal_grow.temp            277 
_exptl_crystal_grow.temp_details    ? 
_exptl_crystal_grow.pH              6.5 
_exptl_crystal_grow.pdbx_details    
'PEG 8000, sodium cacodylate, ammonium sulfate, pH 6.5, VAPOR DIFFUSION, HANGING DROP, temperature 277K' 
_exptl_crystal_grow.pdbx_pH_range   . 
# 
_diffrn.id                     1 
_diffrn.ambient_temp           277 
_diffrn.ambient_temp_details   ? 
_diffrn.crystal_id             1 
# 
_diffrn_detector.diffrn_id              1 
_diffrn_detector.detector               'IMAGE PLATE' 
_diffrn_detector.type                   'RIGAKU RAXIS IIC' 
_diffrn_detector.pdbx_collection_date   2000-03-02 
_diffrn_detector.details                mirror 
# 
_diffrn_radiation.diffrn_id                        1 
_diffrn_radiation.wavelength_id                    1 
_diffrn_radiation.pdbx_monochromatic_or_laue_m_l   M 
_diffrn_radiation.monochromator                    'YALE MIRRORS' 
_diffrn_radiation.pdbx_diffrn_protocol             'SINGLE WAVELENGTH' 
_diffrn_radiation.pdbx_scattering_type             x-ray 
# 
_diffrn_radiation_wavelength.id           1 
_diffrn_radiation_wavelength.wavelength   1.5418 
_diffrn_radiation_wavelength.wt           1.0 
# 
_diffrn_source.diffrn_id                   1 
_diffrn_source.source                      'ROTATING ANODE' 
_diffrn_source.type                        RIGAKU 
_diffrn_source.pdbx_synchrotron_site       ? 
_diffrn_source.pdbx_synchrotron_beamline   ? 
_diffrn_source.pdbx_wavelength             ? 
_diffrn_source.pdbx_wavelength_list        1.5418 
# 
_reflns.entry_id                     1JL7 
_reflns.observed_criterion_sigma_I   2 
_reflns.observed_criterion_sigma_F   2 
_reflns.d_resolution_low             30 
_reflns.d_resolution_high            1.4 
_reflns.number_obs                   12137 
_reflns.number_all                   17137 
_reflns.percent_possible_obs         84.3 
_reflns.pdbx_Rmerge_I_obs            0.054 
_reflns.pdbx_Rsym_value              ? 
_reflns.pdbx_netI_over_sigmaI        ? 
_reflns.B_iso_Wilson_estimate        ? 
_reflns.pdbx_redundancy              ? 
_reflns.R_free_details               ? 
_reflns.limit_h_max                  ? 
_reflns.limit_h_min                  ? 
_reflns.limit_k_max                  ? 
_reflns.limit_k_min                  ? 
_reflns.limit_l_max                  ? 
_reflns.limit_l_min                  ? 
_reflns.observed_criterion_F_max     ? 
_reflns.observed_criterion_F_min     ? 
_reflns.pdbx_diffrn_id               1 
_reflns.pdbx_ordinal                 1 
# 
_reflns_shell.d_res_high             1.4 
_reflns_shell.d_res_low              1.48 
_reflns_shell.percent_possible_all   50.4 
_reflns_shell.Rmerge_I_obs           0.159 
_reflns_shell.pdbx_Rsym_value        ? 
_reflns_shell.meanI_over_sigI_obs    ? 
_reflns_shell.pdbx_redundancy        ? 
_reflns_shell.percent_possible_obs   ? 
_reflns_shell.number_unique_all      ? 
_reflns_shell.pdbx_diffrn_id         ? 
_reflns_shell.pdbx_ordinal           1 
# 
_refine.entry_id                                 1JL7 
_refine.ls_number_reflns_obs                     11521 
_refine.ls_number_reflns_all                     12079 
_refine.pdbx_ls_sigma_I                          ? 
_refine.pdbx_ls_sigma_F                          2 
_refine.pdbx_data_cutoff_high_absF               ? 
_refine.pdbx_data_cutoff_low_absF                ? 
_refine.ls_d_res_low                             10 
_refine.ls_d_res_high                            1.4 
_refine.ls_percent_reflns_obs                    ? 
_refine.ls_R_factor_obs                          0.189 
_refine.ls_R_factor_all                          0.1963 
_refine.ls_R_factor_R_work                       0.175 
_refine.ls_R_factor_R_free                       0.215 
_refine.ls_R_factor_R_free_error                 ? 
_refine.ls_R_factor_R_free_error_details         ? 
_refine.ls_percent_reflns_R_free                 ? 
_refine.ls_number_reflns_R_free                  1528 
_refine.ls_number_parameters                     ? 
_refine.ls_number_restraints                     ? 
_refine.occupancy_min                            ? 
_refine.occupancy_max                            ? 
_refine.B_iso_mean                               ? 
_refine.aniso_B[1][1]                            ? 
_refine.aniso_B[2][2]                            ? 
_refine.aniso_B[3][3]                            ? 
_refine.aniso_B[1][2]                            ? 
_refine.aniso_B[1][3]                            ? 
_refine.aniso_B[2][3]                            ? 
_refine.solvent_model_details                    ? 
_refine.solvent_model_param_ksol                 ? 
_refine.solvent_model_param_bsol                 ? 
_refine.pdbx_ls_cross_valid_method               ? 
_refine.details                                  ? 
_refine.pdbx_starting_model                      ? 
_refine.pdbx_method_to_determine_struct          'MOLECULAR REPLACEMENT' 
_refine.pdbx_isotropic_thermal_model             ? 
_refine.pdbx_stereochemistry_target_values       ? 
_refine.pdbx_stereochem_target_val_spec_case     ? 
_refine.pdbx_R_Free_selection_details            random 
_refine.pdbx_overall_ESU_R_Free                  ? 
_refine.overall_SU_B                             ? 
_refine.ls_redundancy_reflns_obs                 ? 
_refine.B_iso_min                                ? 
_refine.B_iso_max                                ? 
_refine.correlation_coeff_Fo_to_Fc               ? 
_refine.overall_SU_R_Cruickshank_DPI             ? 
_refine.overall_SU_R_free                        ? 
_refine.overall_SU_ML                            ? 
_refine.pdbx_overall_ESU_R                       ? 
_refine.pdbx_data_cutoff_high_rms_absF           ? 
_refine.correlation_coeff_Fo_to_Fc_free          ? 
_refine.pdbx_solvent_vdw_probe_radii             ? 
_refine.pdbx_solvent_ion_probe_radii             ? 
_refine.pdbx_solvent_shrinkage_radii             ? 
_refine.pdbx_refine_id                           'X-RAY DIFFRACTION' 
_refine.pdbx_diffrn_id                           1 
_refine.pdbx_TLS_residual_ADP_flag               ? 
_refine.pdbx_overall_phase_error                 ? 
_refine.pdbx_overall_SU_R_free_Cruickshank_DPI   ? 
_refine.pdbx_overall_SU_R_Blow_DPI               ? 
_refine.pdbx_overall_SU_R_free_Blow_DPI          ? 
# 
_refine_hist.pdbx_refine_id                   'X-RAY DIFFRACTION' 
_refine_hist.cycle_id                         LAST 
_refine_hist.pdbx_number_atoms_protein        1049 
_refine_hist.pdbx_number_atoms_nucleic_acid   0 
_refine_hist.pdbx_number_atoms_ligand         45 
_refine_hist.number_atoms_solvent             72 
_refine_hist.number_atoms_total               1166 
_refine_hist.d_res_high                       1.4 
_refine_hist.d_res_low                        10 
# 
loop_
_refine_ls_restr.type 
_refine_ls_restr.dev_ideal 
_refine_ls_restr.dev_ideal_target 
_refine_ls_restr.weight 
_refine_ls_restr.number 
_refine_ls_restr.pdbx_refine_id 
_refine_ls_restr.pdbx_restraint_function 
x_bond_d  0.010 ? ? ? 'X-RAY DIFFRACTION' ? 
x_angle_d 2.168 ? ? ? 'X-RAY DIFFRACTION' ? 
# 
_struct.entry_id                  1JL7 
_struct.title                     'Crystal Structure Of CN-Ligated Component III Glycera Dibranchiata Monomeric Hemoglobin' 
_struct.pdbx_model_details        ? 
_struct.pdbx_CASP_flag            ? 
_struct.pdbx_model_type_details   ? 
# 
_struct_keywords.entry_id        1JL7 
_struct_keywords.pdbx_keywords   'OXYGEN STORAGE/TRANSPORT' 
_struct_keywords.text            'Glycera, monomer hemoglobin, OXYGEN STORAGE-TRANSPORT COMPLEX' 
# 
loop_
_struct_asym.id 
_struct_asym.pdbx_blank_PDB_chainid_flag 
_struct_asym.pdbx_modified 
_struct_asym.entity_id 
_struct_asym.details 
A N N 1 ? 
B N N 2 ? 
C N N 3 ? 
D N N 4 ? 
# 
_struct_ref.id                         1 
_struct_ref.db_name                    UNP 
_struct_ref.db_code                    GLB1_GLYDI 
_struct_ref.pdbx_db_accession          P02216 
_struct_ref.entity_id                  1 
_struct_ref.pdbx_align_begin           1 
_struct_ref.pdbx_db_isoform            ? 
_struct_ref.pdbx_seq_one_letter_code   ? 
# 
_struct_ref_seq.align_id                      1 
_struct_ref_seq.ref_id                        1 
_struct_ref_seq.pdbx_PDB_id_code              1JL7 
_struct_ref_seq.pdbx_strand_id                A 
_struct_ref_seq.seq_align_beg                 1 
_struct_ref_seq.pdbx_seq_align_beg_ins_code   ? 
_struct_ref_seq.seq_align_end                 147 
_struct_ref_seq.pdbx_seq_align_end_ins_code   ? 
_struct_ref_seq.pdbx_db_accession             P02216 
_struct_ref_seq.db_align_beg                  1 
_struct_ref_seq.pdbx_db_align_beg_ins_code    ? 
_struct_ref_seq.db_align_end                  147 
_struct_ref_seq.pdbx_db_align_end_ins_code    ? 
_struct_ref_seq.pdbx_auth_seq_align_beg       1 
_struct_ref_seq.pdbx_auth_seq_align_end       147 
# 
_pdbx_struct_assembly.id                   1 
_pdbx_struct_assembly.details              author_defined_assembly 
_pdbx_struct_assembly.method_details       ? 
_pdbx_struct_assembly.oligomeric_details   monomeric 
_pdbx_struct_assembly.oligomeric_count     1 
# 
_pdbx_struct_assembly_gen.assembly_id       1 
_pdbx_struct_assembly_gen.oper_expression   1 
_pdbx_struct_assembly_gen.asym_id_list      A,B,C,D 
# 
_pdbx_struct_oper_list.id                   1 
_pdbx_struct_oper_list.type                 'identity operation' 
_pdbx_struct_oper_list.name                 1_555 
_pdbx_struct_oper_list.symmetry_operation   x,y,z 
_pdbx_struct_oper_list.matrix[1][1]         1.0000000000 
_pdbx_struct_oper_list.matrix[1][2]         0.0000000000 
_pdbx_struct_oper_list.matrix[1][3]         0.0000000000 
_pdbx_struct_oper_list.vector[1]            0.0000000000 
_pdbx_struct_oper_list.matrix[2][1]         0.0000000000 
_pdbx_struct_oper_list.matrix[2][2]         1.0000000000 
_pdbx_struct_oper_list.matrix[2][3]         0.0000000000 
_pdbx_struct_oper_list.vector[2]            0.0000000000 
_pdbx_struct_oper_list.matrix[3][1]         0.0000000000 
_pdbx_struct_oper_list.matrix[3][2]         0.0000000000 
_pdbx_struct_oper_list.matrix[3][3]         1.0000000000 
_pdbx_struct_oper_list.vector[3]            0.0000000000 
# 
_struct_biol.id                    1 
_struct_biol.pdbx_parent_biol_id   ? 
_struct_biol.details               ? 
# 
loop_
_struct_conf.conf_type_id 
_struct_conf.id 
_struct_conf.pdbx_PDB_helix_id 
_struct_conf.beg_label_comp_id 
_struct_conf.beg_label_asym_id 
_struct_conf.beg_label_seq_id 
_struct_conf.pdbx_beg_PDB_ins_code 
_struct_conf.end_label_comp_id 
_struct_conf.end_label_asym_id 
_struct_conf.end_label_seq_id 
_struct_conf.pdbx_end_PDB_ins_code 
_struct_conf.beg_auth_comp_id 
_struct_conf.beg_auth_asym_id 
_struct_conf.beg_auth_seq_id 
_struct_conf.end_auth_comp_id 
_struct_conf.end_auth_asym_id 
_struct_conf.end_auth_seq_id 
_struct_conf.pdbx_PDB_helix_class 
_struct_conf.details 
_struct_conf.pdbx_PDB_helix_length 
HELX_P HELX_P1  1  SER A 3   ? GLY A 19  ? SER A 3   GLY A 19  1 ? 17 
HELX_P HELX_P2  2  GLY A 23  ? HIS A 38  ? GLY A 23  HIS A 38  1 ? 16 
HELX_P HELX_P3  3  MET A 41  ? GLY A 46  ? MET A 41  GLY A 46  1 ? 6  
HELX_P HELX_P4  4  ASP A 52  ? HIS A 72  ? ASP A 52  HIS A 72  1 ? 21 
HELX_P HELX_P5  5  ASP A 75  ? HIS A 90  ? ASP A 75  HIS A 90  1 ? 16 
HELX_P HELX_P6  6  LYS A 91  ? TYR A 93  ? LYS A 91  TYR A 93  5 ? 3  
HELX_P HELX_P7  7  LYS A 99  ? GLU A 101 ? LYS A 99  GLU A 101 5 ? 3  
HELX_P HELX_P8  8  TYR A 102 ? GLY A 119 ? TYR A 102 GLY A 119 1 ? 18 
HELX_P HELX_P9  9  GLY A 120 ? MET A 122 ? GLY A 120 MET A 122 5 ? 3  
HELX_P HELX_P10 10 ASN A 123 ? GLN A 146 ? ASN A 123 GLN A 146 1 ? 24 
# 
_struct_conf_type.id          HELX_P 
_struct_conf_type.criteria    ? 
_struct_conf_type.reference   ? 
# 
loop_
_struct_conn.id 
_struct_conn.conn_type_id 
_struct_conn.pdbx_leaving_atom_flag 
_struct_conn.pdbx_PDB_id 
_struct_conn.ptnr1_label_asym_id 
_struct_conn.ptnr1_label_comp_id 
_struct_conn.ptnr1_label_seq_id 
_struct_conn.ptnr1_label_atom_id 
_struct_conn.pdbx_ptnr1_label_alt_id 
_struct_conn.pdbx_ptnr1_PDB_ins_code 
_struct_conn.pdbx_ptnr1_standard_comp_id 
_struct_conn.ptnr1_symmetry 
_struct_conn.ptnr2_label_asym_id 
_struct_conn.ptnr2_label_comp_id 
_struct_conn.ptnr2_label_seq_id 
_struct_conn.ptnr2_label_atom_id 
_struct_conn.pdbx_ptnr2_label_alt_id 
_struct_conn.pdbx_ptnr2_PDB_ins_code 
_struct_conn.ptnr1_auth_asym_id 
_struct_conn.ptnr1_auth_comp_id 
_struct_conn.ptnr1_auth_seq_id 
_struct_conn.ptnr2_auth_asym_id 
_struct_conn.ptnr2_auth_comp_id 
_struct_conn.ptnr2_auth_seq_id 
_struct_conn.ptnr2_symmetry 
_struct_conn.pdbx_ptnr3_label_atom_id 
_struct_conn.pdbx_ptnr3_label_seq_id 
_struct_conn.pdbx_ptnr3_label_comp_id 
_struct_conn.pdbx_ptnr3_label_asym_id 
_struct_conn.pdbx_ptnr3_label_alt_id 
_struct_conn.pdbx_ptnr3_PDB_ins_code 
_struct_conn.details 
_struct_conn.pdbx_dist_value 
_struct_conn.pdbx_value_order 
_struct_conn.pdbx_role 
metalc1 metalc ? ? A HIS 90 NE2 ? ? ? 1_555 C HEM . FE ? ? A HIS 90  A HEM 148 1_555 ? ? ? ? ? ? ? 2.237 ? ? 
metalc2 metalc ? ? C HEM .  FE  ? ? ? 1_555 B CYN . C  ? ? A HEM 148 A CYN 149 1_555 ? ? ? ? ? ? ? 1.861 ? ? 
metalc3 metalc ? ? C HEM .  FE  ? ? ? 1_555 B CYN . N  ? ? A HEM 148 A CYN 149 1_555 ? ? ? ? ? ? ? 2.888 ? ? 
# 
_struct_conn_type.id          metalc 
_struct_conn_type.criteria    ? 
_struct_conn_type.reference   ? 
# 
loop_
_pdbx_struct_conn_angle.id 
_pdbx_struct_conn_angle.ptnr1_label_atom_id 
_pdbx_struct_conn_angle.ptnr1_label_alt_id 
_pdbx_struct_conn_angle.ptnr1_label_asym_id 
_pdbx_struct_conn_angle.ptnr1_label_comp_id 
_pdbx_struct_conn_angle.ptnr1_label_seq_id 
_pdbx_struct_conn_angle.ptnr1_auth_atom_id 
_pdbx_struct_conn_angle.ptnr1_auth_asym_id 
_pdbx_struct_conn_angle.ptnr1_auth_comp_id 
_pdbx_struct_conn_angle.ptnr1_auth_seq_id 
_pdbx_struct_conn_angle.ptnr1_PDB_ins_code 
_pdbx_struct_conn_angle.ptnr1_symmetry 
_pdbx_struct_conn_angle.ptnr2_label_atom_id 
_pdbx_struct_conn_angle.ptnr2_label_alt_id 
_pdbx_struct_conn_angle.ptnr2_label_asym_id 
_pdbx_struct_conn_angle.ptnr2_label_comp_id 
_pdbx_struct_conn_angle.ptnr2_label_seq_id 
_pdbx_struct_conn_angle.ptnr2_auth_atom_id 
_pdbx_struct_conn_angle.ptnr2_auth_asym_id 
_pdbx_struct_conn_angle.ptnr2_auth_comp_id 
_pdbx_struct_conn_angle.ptnr2_auth_seq_id 
_pdbx_struct_conn_angle.ptnr2_PDB_ins_code 
_pdbx_struct_conn_angle.ptnr2_symmetry 
_pdbx_struct_conn_angle.ptnr3_label_atom_id 
_pdbx_struct_conn_angle.ptnr3_label_alt_id 
_pdbx_struct_conn_angle.ptnr3_label_asym_id 
_pdbx_struct_conn_angle.ptnr3_label_comp_id 
_pdbx_struct_conn_angle.ptnr3_label_seq_id 
_pdbx_struct_conn_angle.ptnr3_auth_atom_id 
_pdbx_struct_conn_angle.ptnr3_auth_asym_id 
_pdbx_struct_conn_angle.ptnr3_auth_comp_id 
_pdbx_struct_conn_angle.ptnr3_auth_seq_id 
_pdbx_struct_conn_angle.ptnr3_PDB_ins_code 
_pdbx_struct_conn_angle.ptnr3_symmetry 
_pdbx_struct_conn_angle.value 
_pdbx_struct_conn_angle.value_esd 
1  NE2 ? A HIS 90 ? A HIS 90  ? 1_555 FE ? C HEM . ? A HEM 148 ? 1_555 NA ? C HEM . ? A HEM 148 ? 1_555 88.9  ? 
2  NE2 ? A HIS 90 ? A HIS 90  ? 1_555 FE ? C HEM . ? A HEM 148 ? 1_555 NB ? C HEM . ? A HEM 148 ? 1_555 91.9  ? 
3  NA  ? C HEM .  ? A HEM 148 ? 1_555 FE ? C HEM . ? A HEM 148 ? 1_555 NB ? C HEM . ? A HEM 148 ? 1_555 90.0  ? 
4  NE2 ? A HIS 90 ? A HIS 90  ? 1_555 FE ? C HEM . ? A HEM 148 ? 1_555 NC ? C HEM . ? A HEM 148 ? 1_555 96.3  ? 
5  NA  ? C HEM .  ? A HEM 148 ? 1_555 FE ? C HEM . ? A HEM 148 ? 1_555 NC ? C HEM . ? A HEM 148 ? 1_555 174.8 ? 
6  NB  ? C HEM .  ? A HEM 148 ? 1_555 FE ? C HEM . ? A HEM 148 ? 1_555 NC ? C HEM . ? A HEM 148 ? 1_555 89.9  ? 
7  NE2 ? A HIS 90 ? A HIS 90  ? 1_555 FE ? C HEM . ? A HEM 148 ? 1_555 ND ? C HEM . ? A HEM 148 ? 1_555 88.5  ? 
8  NA  ? C HEM .  ? A HEM 148 ? 1_555 FE ? C HEM . ? A HEM 148 ? 1_555 ND ? C HEM . ? A HEM 148 ? 1_555 90.3  ? 
9  NB  ? C HEM .  ? A HEM 148 ? 1_555 FE ? C HEM . ? A HEM 148 ? 1_555 ND ? C HEM . ? A HEM 148 ? 1_555 179.5 ? 
10 NC  ? C HEM .  ? A HEM 148 ? 1_555 FE ? C HEM . ? A HEM 148 ? 1_555 ND ? C HEM . ? A HEM 148 ? 1_555 89.7  ? 
11 NE2 ? A HIS 90 ? A HIS 90  ? 1_555 FE ? C HEM . ? A HEM 148 ? 1_555 C  ? B CYN . ? A CYN 149 ? 1_555 176.3 ? 
12 NA  ? C HEM .  ? A HEM 148 ? 1_555 FE ? C HEM . ? A HEM 148 ? 1_555 C  ? B CYN . ? A CYN 149 ? 1_555 92.2  ? 
13 NB  ? C HEM .  ? A HEM 148 ? 1_555 FE ? C HEM . ? A HEM 148 ? 1_555 C  ? B CYN . ? A CYN 149 ? 1_555 84.6  ? 
14 NC  ? C HEM .  ? A HEM 148 ? 1_555 FE ? C HEM . ? A HEM 148 ? 1_555 C  ? B CYN . ? A CYN 149 ? 1_555 82.6  ? 
15 ND  ? C HEM .  ? A HEM 148 ? 1_555 FE ? C HEM . ? A HEM 148 ? 1_555 C  ? B CYN . ? A CYN 149 ? 1_555 95.0  ? 
16 NE2 ? A HIS 90 ? A HIS 90  ? 1_555 FE ? C HEM . ? A HEM 148 ? 1_555 N  ? B CYN . ? A CYN 149 ? 1_555 168.3 ? 
17 NA  ? C HEM .  ? A HEM 148 ? 1_555 FE ? C HEM . ? A HEM 148 ? 1_555 N  ? B CYN . ? A CYN 149 ? 1_555 79.5  ? 
18 NB  ? C HEM .  ? A HEM 148 ? 1_555 FE ? C HEM . ? A HEM 148 ? 1_555 N  ? B CYN . ? A CYN 149 ? 1_555 87.8  ? 
19 NC  ? C HEM .  ? A HEM 148 ? 1_555 FE ? C HEM . ? A HEM 148 ? 1_555 N  ? B CYN . ? A CYN 149 ? 1_555 95.4  ? 
20 ND  ? C HEM .  ? A HEM 148 ? 1_555 FE ? C HEM . ? A HEM 148 ? 1_555 N  ? B CYN . ? A CYN 149 ? 1_555 91.8  ? 
21 C   ? B CYN .  ? A CYN 149 ? 1_555 FE ? C HEM . ? A HEM 148 ? 1_555 N  ? B CYN . ? A CYN 149 ? 1_555 13.2  ? 
# 
loop_
_struct_site.id 
_struct_site.pdbx_evidence_code 
_struct_site.pdbx_auth_asym_id 
_struct_site.pdbx_auth_comp_id 
_struct_site.pdbx_auth_seq_id 
_struct_site.pdbx_auth_ins_code 
_struct_site.pdbx_num_residues 
_struct_site.details 
AC1 Software A CYN 149 ? 3  'BINDING SITE FOR RESIDUE CYN A 149' 
AC2 Software A HEM 148 ? 11 'BINDING SITE FOR RESIDUE HEM A 148' 
# 
loop_
_struct_site_gen.id 
_struct_site_gen.site_id 
_struct_site_gen.pdbx_num_res 
_struct_site_gen.label_comp_id 
_struct_site_gen.label_asym_id 
_struct_site_gen.label_seq_id 
_struct_site_gen.pdbx_auth_ins_code 
_struct_site_gen.auth_comp_id 
_struct_site_gen.auth_asym_id 
_struct_site_gen.auth_seq_id 
_struct_site_gen.label_atom_id 
_struct_site_gen.label_alt_id 
_struct_site_gen.symmetry 
_struct_site_gen.details 
1  AC1 3  LEU A 58  ? LEU A 58  . ? 1_555 ? 
2  AC1 3  VAL A 62  ? VAL A 62  . ? 1_555 ? 
3  AC1 3  HEM C .   ? HEM A 148 . ? 1_555 ? 
4  AC2 11 PHE A 45  ? PHE A 45  . ? 1_555 ? 
5  AC2 11 LEU A 58  ? LEU A 58  . ? 1_555 ? 
6  AC2 11 LYS A 61  ? LYS A 61  . ? 1_555 ? 
7  AC2 11 VAL A 62  ? VAL A 62  . ? 1_555 ? 
8  AC2 11 ARG A 89  ? ARG A 89  . ? 1_555 ? 
9  AC2 11 HIS A 90  ? HIS A 90  . ? 1_555 ? 
10 AC2 11 TYR A 93  ? TYR A 93  . ? 1_555 ? 
11 AC2 11 GLY A 94  ? GLY A 94  . ? 1_555 ? 
12 AC2 11 PHE A 103 ? PHE A 103 . ? 1_555 ? 
13 AC2 11 LEU A 141 ? LEU A 141 . ? 1_555 ? 
14 AC2 11 CYN B .   ? CYN A 149 . ? 1_555 ? 
# 
loop_
_pdbx_validate_rmsd_bond.id 
_pdbx_validate_rmsd_bond.PDB_model_num 
_pdbx_validate_rmsd_bond.auth_atom_id_1 
_pdbx_validate_rmsd_bond.auth_asym_id_1 
_pdbx_validate_rmsd_bond.auth_comp_id_1 
_pdbx_validate_rmsd_bond.auth_seq_id_1 
_pdbx_validate_rmsd_bond.PDB_ins_code_1 
_pdbx_validate_rmsd_bond.label_alt_id_1 
_pdbx_validate_rmsd_bond.auth_atom_id_2 
_pdbx_validate_rmsd_bond.auth_asym_id_2 
_pdbx_validate_rmsd_bond.auth_comp_id_2 
_pdbx_validate_rmsd_bond.auth_seq_id_2 
_pdbx_validate_rmsd_bond.PDB_ins_code_2 
_pdbx_validate_rmsd_bond.label_alt_id_2 
_pdbx_validate_rmsd_bond.bond_value 
_pdbx_validate_rmsd_bond.bond_target_value 
_pdbx_validate_rmsd_bond.bond_deviation 
_pdbx_validate_rmsd_bond.bond_standard_deviation 
_pdbx_validate_rmsd_bond.linker_flag 
1 1 NE2 A HIS 38  ? ? CD2 A HIS 38  ? ? 1.300 1.373 -0.073 0.011 N 
2 1 NE2 A HIS 72  ? ? CD2 A HIS 72  ? ? 1.302 1.373 -0.071 0.011 N 
3 1 NE2 A HIS 97  ? ? CD2 A HIS 97  ? ? 1.304 1.373 -0.069 0.011 N 
4 1 NE2 A HIS 116 ? ? CD2 A HIS 116 ? ? 1.306 1.373 -0.067 0.011 N 
# 
loop_
_pdbx_validate_rmsd_angle.id 
_pdbx_validate_rmsd_angle.PDB_model_num 
_pdbx_validate_rmsd_angle.auth_atom_id_1 
_pdbx_validate_rmsd_angle.auth_asym_id_1 
_pdbx_validate_rmsd_angle.auth_comp_id_1 
_pdbx_validate_rmsd_angle.auth_seq_id_1 
_pdbx_validate_rmsd_angle.PDB_ins_code_1 
_pdbx_validate_rmsd_angle.label_alt_id_1 
_pdbx_validate_rmsd_angle.auth_atom_id_2 
_pdbx_validate_rmsd_angle.auth_asym_id_2 
_pdbx_validate_rmsd_angle.auth_comp_id_2 
_pdbx_validate_rmsd_angle.auth_seq_id_2 
_pdbx_validate_rmsd_angle.PDB_ins_code_2 
_pdbx_validate_rmsd_angle.label_alt_id_2 
_pdbx_validate_rmsd_angle.auth_atom_id_3 
_pdbx_validate_rmsd_angle.auth_asym_id_3 
_pdbx_validate_rmsd_angle.auth_comp_id_3 
_pdbx_validate_rmsd_angle.auth_seq_id_3 
_pdbx_validate_rmsd_angle.PDB_ins_code_3 
_pdbx_validate_rmsd_angle.label_alt_id_3 
_pdbx_validate_rmsd_angle.angle_value 
_pdbx_validate_rmsd_angle.angle_target_value 
_pdbx_validate_rmsd_angle.angle_deviation 
_pdbx_validate_rmsd_angle.angle_standard_deviation 
_pdbx_validate_rmsd_angle.linker_flag 
1 1 CD1 A TRP 14  ? ? CG  A TRP 14  ? ? CD2 A TRP 14  ? ? 111.97 106.30 5.67  0.80 N 
2 1 CE2 A TRP 14  ? ? CD2 A TRP 14  ? ? CG  A TRP 14  ? ? 101.48 107.30 -5.82 0.80 N 
3 1 NE  A ARG 117 ? ? CZ  A ARG 117 ? ? NH1 A ARG 117 ? ? 125.22 120.30 4.92  0.50 N 
4 1 NE  A ARG 117 ? ? CZ  A ARG 117 ? ? NH2 A ARG 117 ? ? 113.57 120.30 -6.73 0.50 N 
5 1 CD1 A TRP 130 ? ? CG  A TRP 130 ? ? CD2 A TRP 130 ? ? 112.06 106.30 5.76  0.80 N 
6 1 CE2 A TRP 130 ? ? CD2 A TRP 130 ? ? CG  A TRP 130 ? ? 101.82 107.30 -5.48 0.80 N 
# 
loop_
_chem_comp_atom.comp_id 
_chem_comp_atom.atom_id 
_chem_comp_atom.type_symbol 
_chem_comp_atom.pdbx_aromatic_flag 
_chem_comp_atom.pdbx_stereo_config 
_chem_comp_atom.pdbx_ordinal 
ALA N    N  N N 1   
ALA CA   C  N S 2   
ALA C    C  N N 3   
ALA O    O  N N 4   
ALA CB   C  N N 5   
ALA OXT  O  N N 6   
ALA H    H  N N 7   
ALA H2   H  N N 8   
ALA HA   H  N N 9   
ALA HB1  H  N N 10  
ALA HB2  H  N N 11  
ALA HB3  H  N N 12  
ALA HXT  H  N N 13  
ARG N    N  N N 14  
ARG CA   C  N S 15  
ARG C    C  N N 16  
ARG O    O  N N 17  
ARG CB   C  N N 18  
ARG CG   C  N N 19  
ARG CD   C  N N 20  
ARG NE   N  N N 21  
ARG CZ   C  N N 22  
ARG NH1  N  N N 23  
ARG NH2  N  N N 24  
ARG OXT  O  N N 25  
ARG H    H  N N 26  
ARG H2   H  N N 27  
ARG HA   H  N N 28  
ARG HB2  H  N N 29  
ARG HB3  H  N N 30  
ARG HG2  H  N N 31  
ARG HG3  H  N N 32  
ARG HD2  H  N N 33  
ARG HD3  H  N N 34  
ARG HE   H  N N 35  
ARG HH11 H  N N 36  
ARG HH12 H  N N 37  
ARG HH21 H  N N 38  
ARG HH22 H  N N 39  
ARG HXT  H  N N 40  
ASN N    N  N N 41  
ASN CA   C  N S 42  
ASN C    C  N N 43  
ASN O    O  N N 44  
ASN CB   C  N N 45  
ASN CG   C  N N 46  
ASN OD1  O  N N 47  
ASN ND2  N  N N 48  
ASN OXT  O  N N 49  
ASN H    H  N N 50  
ASN H2   H  N N 51  
ASN HA   H  N N 52  
ASN HB2  H  N N 53  
ASN HB3  H  N N 54  
ASN HD21 H  N N 55  
ASN HD22 H  N N 56  
ASN HXT  H  N N 57  
ASP N    N  N N 58  
ASP CA   C  N S 59  
ASP C    C  N N 60  
ASP O    O  N N 61  
ASP CB   C  N N 62  
ASP CG   C  N N 63  
ASP OD1  O  N N 64  
ASP OD2  O  N N 65  
ASP OXT  O  N N 66  
ASP H    H  N N 67  
ASP H2   H  N N 68  
ASP HA   H  N N 69  
ASP HB2  H  N N 70  
ASP HB3  H  N N 71  
ASP HD2  H  N N 72  
ASP HXT  H  N N 73  
CYN C    C  N N 74  
CYN N    N  N N 75  
CYS N    N  N N 76  
CYS CA   C  N R 77  
CYS C    C  N N 78  
CYS O    O  N N 79  
CYS CB   C  N N 80  
CYS SG   S  N N 81  
CYS OXT  O  N N 82  
CYS H    H  N N 83  
CYS H2   H  N N 84  
CYS HA   H  N N 85  
CYS HB2  H  N N 86  
CYS HB3  H  N N 87  
CYS HG   H  N N 88  
CYS HXT  H  N N 89  
GLN N    N  N N 90  
GLN CA   C  N S 91  
GLN C    C  N N 92  
GLN O    O  N N 93  
GLN CB   C  N N 94  
GLN CG   C  N N 95  
GLN CD   C  N N 96  
GLN OE1  O  N N 97  
GLN NE2  N  N N 98  
GLN OXT  O  N N 99  
GLN H    H  N N 100 
GLN H2   H  N N 101 
GLN HA   H  N N 102 
GLN HB2  H  N N 103 
GLN HB3  H  N N 104 
GLN HG2  H  N N 105 
GLN HG3  H  N N 106 
GLN HE21 H  N N 107 
GLN HE22 H  N N 108 
GLN HXT  H  N N 109 
GLU N    N  N N 110 
GLU CA   C  N S 111 
GLU C    C  N N 112 
GLU O    O  N N 113 
GLU CB   C  N N 114 
GLU CG   C  N N 115 
GLU CD   C  N N 116 
GLU OE1  O  N N 117 
GLU OE2  O  N N 118 
GLU OXT  O  N N 119 
GLU H    H  N N 120 
GLU H2   H  N N 121 
GLU HA   H  N N 122 
GLU HB2  H  N N 123 
GLU HB3  H  N N 124 
GLU HG2  H  N N 125 
GLU HG3  H  N N 126 
GLU HE2  H  N N 127 
GLU HXT  H  N N 128 
GLY N    N  N N 129 
GLY CA   C  N N 130 
GLY C    C  N N 131 
GLY O    O  N N 132 
GLY OXT  O  N N 133 
GLY H    H  N N 134 
GLY H2   H  N N 135 
GLY HA2  H  N N 136 
GLY HA3  H  N N 137 
GLY HXT  H  N N 138 
HEM CHA  C  N N 139 
HEM CHB  C  N N 140 
HEM CHC  C  N N 141 
HEM CHD  C  N N 142 
HEM C1A  C  Y N 143 
HEM C2A  C  Y N 144 
HEM C3A  C  Y N 145 
HEM C4A  C  Y N 146 
HEM CMA  C  N N 147 
HEM CAA  C  N N 148 
HEM CBA  C  N N 149 
HEM CGA  C  N N 150 
HEM O1A  O  N N 151 
HEM O2A  O  N N 152 
HEM C1B  C  N N 153 
HEM C2B  C  N N 154 
HEM C3B  C  N N 155 
HEM C4B  C  N N 156 
HEM CMB  C  N N 157 
HEM CAB  C  N N 158 
HEM CBB  C  N N 159 
HEM C1C  C  Y N 160 
HEM C2C  C  Y N 161 
HEM C3C  C  Y N 162 
HEM C4C  C  Y N 163 
HEM CMC  C  N N 164 
HEM CAC  C  N N 165 
HEM CBC  C  N N 166 
HEM C1D  C  N N 167 
HEM C2D  C  N N 168 
HEM C3D  C  N N 169 
HEM C4D  C  N N 170 
HEM CMD  C  N N 171 
HEM CAD  C  N N 172 
HEM CBD  C  N N 173 
HEM CGD  C  N N 174 
HEM O1D  O  N N 175 
HEM O2D  O  N N 176 
HEM NA   N  Y N 177 
HEM NB   N  N N 178 
HEM NC   N  Y N 179 
HEM ND   N  N N 180 
HEM FE   FE N N 181 
HEM HHB  H  N N 182 
HEM HHC  H  N N 183 
HEM HHD  H  N N 184 
HEM HMA  H  N N 185 
HEM HMAA H  N N 186 
HEM HMAB H  N N 187 
HEM HAA  H  N N 188 
HEM HAAA H  N N 189 
HEM HBA  H  N N 190 
HEM HBAA H  N N 191 
HEM HMB  H  N N 192 
HEM HMBA H  N N 193 
HEM HMBB H  N N 194 
HEM HAB  H  N N 195 
HEM HBB  H  N N 196 
HEM HBBA H  N N 197 
HEM HMC  H  N N 198 
HEM HMCA H  N N 199 
HEM HMCB H  N N 200 
HEM HAC  H  N N 201 
HEM HBC  H  N N 202 
HEM HBCA H  N N 203 
HEM HMD  H  N N 204 
HEM HMDA H  N N 205 
HEM HMDB H  N N 206 
HEM HAD  H  N N 207 
HEM HADA H  N N 208 
HEM HBD  H  N N 209 
HEM HBDA H  N N 210 
HEM H2A  H  N N 211 
HEM H2D  H  N N 212 
HEM HHA  H  N N 213 
HIS N    N  N N 214 
HIS CA   C  N S 215 
HIS C    C  N N 216 
HIS O    O  N N 217 
HIS CB   C  N N 218 
HIS CG   C  Y N 219 
HIS ND1  N  Y N 220 
HIS CD2  C  Y N 221 
HIS CE1  C  Y N 222 
HIS NE2  N  Y N 223 
HIS OXT  O  N N 224 
HIS H    H  N N 225 
HIS H2   H  N N 226 
HIS HA   H  N N 227 
HIS HB2  H  N N 228 
HIS HB3  H  N N 229 
HIS HD1  H  N N 230 
HIS HD2  H  N N 231 
HIS HE1  H  N N 232 
HIS HE2  H  N N 233 
HIS HXT  H  N N 234 
HOH O    O  N N 235 
HOH H1   H  N N 236 
HOH H2   H  N N 237 
ILE N    N  N N 238 
ILE CA   C  N S 239 
ILE C    C  N N 240 
ILE O    O  N N 241 
ILE CB   C  N S 242 
ILE CG1  C  N N 243 
ILE CG2  C  N N 244 
ILE CD1  C  N N 245 
ILE OXT  O  N N 246 
ILE H    H  N N 247 
ILE H2   H  N N 248 
ILE HA   H  N N 249 
ILE HB   H  N N 250 
ILE HG12 H  N N 251 
ILE HG13 H  N N 252 
ILE HG21 H  N N 253 
ILE HG22 H  N N 254 
ILE HG23 H  N N 255 
ILE HD11 H  N N 256 
ILE HD12 H  N N 257 
ILE HD13 H  N N 258 
ILE HXT  H  N N 259 
LEU N    N  N N 260 
LEU CA   C  N S 261 
LEU C    C  N N 262 
LEU O    O  N N 263 
LEU CB   C  N N 264 
LEU CG   C  N N 265 
LEU CD1  C  N N 266 
LEU CD2  C  N N 267 
LEU OXT  O  N N 268 
LEU H    H  N N 269 
LEU H2   H  N N 270 
LEU HA   H  N N 271 
LEU HB2  H  N N 272 
LEU HB3  H  N N 273 
LEU HG   H  N N 274 
LEU HD11 H  N N 275 
LEU HD12 H  N N 276 
LEU HD13 H  N N 277 
LEU HD21 H  N N 278 
LEU HD22 H  N N 279 
LEU HD23 H  N N 280 
LEU HXT  H  N N 281 
LYS N    N  N N 282 
LYS CA   C  N S 283 
LYS C    C  N N 284 
LYS O    O  N N 285 
LYS CB   C  N N 286 
LYS CG   C  N N 287 
LYS CD   C  N N 288 
LYS CE   C  N N 289 
LYS NZ   N  N N 290 
LYS OXT  O  N N 291 
LYS H    H  N N 292 
LYS H2   H  N N 293 
LYS HA   H  N N 294 
LYS HB2  H  N N 295 
LYS HB3  H  N N 296 
LYS HG2  H  N N 297 
LYS HG3  H  N N 298 
LYS HD2  H  N N 299 
LYS HD3  H  N N 300 
LYS HE2  H  N N 301 
LYS HE3  H  N N 302 
LYS HZ1  H  N N 303 
LYS HZ2  H  N N 304 
LYS HZ3  H  N N 305 
LYS HXT  H  N N 306 
MET N    N  N N 307 
MET CA   C  N S 308 
MET C    C  N N 309 
MET O    O  N N 310 
MET CB   C  N N 311 
MET CG   C  N N 312 
MET SD   S  N N 313 
MET CE   C  N N 314 
MET OXT  O  N N 315 
MET H    H  N N 316 
MET H2   H  N N 317 
MET HA   H  N N 318 
MET HB2  H  N N 319 
MET HB3  H  N N 320 
MET HG2  H  N N 321 
MET HG3  H  N N 322 
MET HE1  H  N N 323 
MET HE2  H  N N 324 
MET HE3  H  N N 325 
MET HXT  H  N N 326 
PHE N    N  N N 327 
PHE CA   C  N S 328 
PHE C    C  N N 329 
PHE O    O  N N 330 
PHE CB   C  N N 331 
PHE CG   C  Y N 332 
PHE CD1  C  Y N 333 
PHE CD2  C  Y N 334 
PHE CE1  C  Y N 335 
PHE CE2  C  Y N 336 
PHE CZ   C  Y N 337 
PHE OXT  O  N N 338 
PHE H    H  N N 339 
PHE H2   H  N N 340 
PHE HA   H  N N 341 
PHE HB2  H  N N 342 
PHE HB3  H  N N 343 
PHE HD1  H  N N 344 
PHE HD2  H  N N 345 
PHE HE1  H  N N 346 
PHE HE2  H  N N 347 
PHE HZ   H  N N 348 
PHE HXT  H  N N 349 
PRO N    N  N N 350 
PRO CA   C  N S 351 
PRO C    C  N N 352 
PRO O    O  N N 353 
PRO CB   C  N N 354 
PRO CG   C  N N 355 
PRO CD   C  N N 356 
PRO OXT  O  N N 357 
PRO H    H  N N 358 
PRO HA   H  N N 359 
PRO HB2  H  N N 360 
PRO HB3  H  N N 361 
PRO HG2  H  N N 362 
PRO HG3  H  N N 363 
PRO HD2  H  N N 364 
PRO HD3  H  N N 365 
PRO HXT  H  N N 366 
SER N    N  N N 367 
SER CA   C  N S 368 
SER C    C  N N 369 
SER O    O  N N 370 
SER CB   C  N N 371 
SER OG   O  N N 372 
SER OXT  O  N N 373 
SER H    H  N N 374 
SER H2   H  N N 375 
SER HA   H  N N 376 
SER HB2  H  N N 377 
SER HB3  H  N N 378 
SER HG   H  N N 379 
SER HXT  H  N N 380 
THR N    N  N N 381 
THR CA   C  N S 382 
THR C    C  N N 383 
THR O    O  N N 384 
THR CB   C  N R 385 
THR OG1  O  N N 386 
THR CG2  C  N N 387 
THR OXT  O  N N 388 
THR H    H  N N 389 
THR H2   H  N N 390 
THR HA   H  N N 391 
THR HB   H  N N 392 
THR HG1  H  N N 393 
THR HG21 H  N N 394 
THR HG22 H  N N 395 
THR HG23 H  N N 396 
THR HXT  H  N N 397 
TRP N    N  N N 398 
TRP CA   C  N S 399 
TRP C    C  N N 400 
TRP O    O  N N 401 
TRP CB   C  N N 402 
TRP CG   C  Y N 403 
TRP CD1  C  Y N 404 
TRP CD2  C  Y N 405 
TRP NE1  N  Y N 406 
TRP CE2  C  Y N 407 
TRP CE3  C  Y N 408 
TRP CZ2  C  Y N 409 
TRP CZ3  C  Y N 410 
TRP CH2  C  Y N 411 
TRP OXT  O  N N 412 
TRP H    H  N N 413 
TRP H2   H  N N 414 
TRP HA   H  N N 415 
TRP HB2  H  N N 416 
TRP HB3  H  N N 417 
TRP HD1  H  N N 418 
TRP HE1  H  N N 419 
TRP HE3  H  N N 420 
TRP HZ2  H  N N 421 
TRP HZ3  H  N N 422 
TRP HH2  H  N N 423 
TRP HXT  H  N N 424 
TYR N    N  N N 425 
TYR CA   C  N S 426 
TYR C    C  N N 427 
TYR O    O  N N 428 
TYR CB   C  N N 429 
TYR CG   C  Y N 430 
TYR CD1  C  Y N 431 
TYR CD2  C  Y N 432 
TYR CE1  C  Y N 433 
TYR CE2  C  Y N 434 
TYR CZ   C  Y N 435 
TYR OH   O  N N 436 
TYR OXT  O  N N 437 
TYR H    H  N N 438 
TYR H2   H  N N 439 
TYR HA   H  N N 440 
TYR HB2  H  N N 441 
TYR HB3  H  N N 442 
TYR HD1  H  N N 443 
TYR HD2  H  N N 444 
TYR HE1  H  N N 445 
TYR HE2  H  N N 446 
TYR HH   H  N N 447 
TYR HXT  H  N N 448 
VAL N    N  N N 449 
VAL CA   C  N S 450 
VAL C    C  N N 451 
VAL O    O  N N 452 
VAL CB   C  N N 453 
VAL CG1  C  N N 454 
VAL CG2  C  N N 455 
VAL OXT  O  N N 456 
VAL H    H  N N 457 
VAL H2   H  N N 458 
VAL HA   H  N N 459 
VAL HB   H  N N 460 
VAL HG11 H  N N 461 
VAL HG12 H  N N 462 
VAL HG13 H  N N 463 
VAL HG21 H  N N 464 
VAL HG22 H  N N 465 
VAL HG23 H  N N 466 
VAL HXT  H  N N 467 
# 
loop_
_chem_comp_bond.comp_id 
_chem_comp_bond.atom_id_1 
_chem_comp_bond.atom_id_2 
_chem_comp_bond.value_order 
_chem_comp_bond.pdbx_aromatic_flag 
_chem_comp_bond.pdbx_stereo_config 
_chem_comp_bond.pdbx_ordinal 
ALA N   CA   sing N N 1   
ALA N   H    sing N N 2   
ALA N   H2   sing N N 3   
ALA CA  C    sing N N 4   
ALA CA  CB   sing N N 5   
ALA CA  HA   sing N N 6   
ALA C   O    doub N N 7   
ALA C   OXT  sing N N 8   
ALA CB  HB1  sing N N 9   
ALA CB  HB2  sing N N 10  
ALA CB  HB3  sing N N 11  
ALA OXT HXT  sing N N 12  
ARG N   CA   sing N N 13  
ARG N   H    sing N N 14  
ARG N   H2   sing N N 15  
ARG CA  C    sing N N 16  
ARG CA  CB   sing N N 17  
ARG CA  HA   sing N N 18  
ARG C   O    doub N N 19  
ARG C   OXT  sing N N 20  
ARG CB  CG   sing N N 21  
ARG CB  HB2  sing N N 22  
ARG CB  HB3  sing N N 23  
ARG CG  CD   sing N N 24  
ARG CG  HG2  sing N N 25  
ARG CG  HG3  sing N N 26  
ARG CD  NE   sing N N 27  
ARG CD  HD2  sing N N 28  
ARG CD  HD3  sing N N 29  
ARG NE  CZ   sing N N 30  
ARG NE  HE   sing N N 31  
ARG CZ  NH1  sing N N 32  
ARG CZ  NH2  doub N N 33  
ARG NH1 HH11 sing N N 34  
ARG NH1 HH12 sing N N 35  
ARG NH2 HH21 sing N N 36  
ARG NH2 HH22 sing N N 37  
ARG OXT HXT  sing N N 38  
ASN N   CA   sing N N 39  
ASN N   H    sing N N 40  
ASN N   H2   sing N N 41  
ASN CA  C    sing N N 42  
ASN CA  CB   sing N N 43  
ASN CA  HA   sing N N 44  
ASN C   O    doub N N 45  
ASN C   OXT  sing N N 46  
ASN CB  CG   sing N N 47  
ASN CB  HB2  sing N N 48  
ASN CB  HB3  sing N N 49  
ASN CG  OD1  doub N N 50  
ASN CG  ND2  sing N N 51  
ASN ND2 HD21 sing N N 52  
ASN ND2 HD22 sing N N 53  
ASN OXT HXT  sing N N 54  
ASP N   CA   sing N N 55  
ASP N   H    sing N N 56  
ASP N   H2   sing N N 57  
ASP CA  C    sing N N 58  
ASP CA  CB   sing N N 59  
ASP CA  HA   sing N N 60  
ASP C   O    doub N N 61  
ASP C   OXT  sing N N 62  
ASP CB  CG   sing N N 63  
ASP CB  HB2  sing N N 64  
ASP CB  HB3  sing N N 65  
ASP CG  OD1  doub N N 66  
ASP CG  OD2  sing N N 67  
ASP OD2 HD2  sing N N 68  
ASP OXT HXT  sing N N 69  
CYN C   N    trip N N 70  
CYS N   CA   sing N N 71  
CYS N   H    sing N N 72  
CYS N   H2   sing N N 73  
CYS CA  C    sing N N 74  
CYS CA  CB   sing N N 75  
CYS CA  HA   sing N N 76  
CYS C   O    doub N N 77  
CYS C   OXT  sing N N 78  
CYS CB  SG   sing N N 79  
CYS CB  HB2  sing N N 80  
CYS CB  HB3  sing N N 81  
CYS SG  HG   sing N N 82  
CYS OXT HXT  sing N N 83  
GLN N   CA   sing N N 84  
GLN N   H    sing N N 85  
GLN N   H2   sing N N 86  
GLN CA  C    sing N N 87  
GLN CA  CB   sing N N 88  
GLN CA  HA   sing N N 89  
GLN C   O    doub N N 90  
GLN C   OXT  sing N N 91  
GLN CB  CG   sing N N 92  
GLN CB  HB2  sing N N 93  
GLN CB  HB3  sing N N 94  
GLN CG  CD   sing N N 95  
GLN CG  HG2  sing N N 96  
GLN CG  HG3  sing N N 97  
GLN CD  OE1  doub N N 98  
GLN CD  NE2  sing N N 99  
GLN NE2 HE21 sing N N 100 
GLN NE2 HE22 sing N N 101 
GLN OXT HXT  sing N N 102 
GLU N   CA   sing N N 103 
GLU N   H    sing N N 104 
GLU N   H2   sing N N 105 
GLU CA  C    sing N N 106 
GLU CA  CB   sing N N 107 
GLU CA  HA   sing N N 108 
GLU C   O    doub N N 109 
GLU C   OXT  sing N N 110 
GLU CB  CG   sing N N 111 
GLU CB  HB2  sing N N 112 
GLU CB  HB3  sing N N 113 
GLU CG  CD   sing N N 114 
GLU CG  HG2  sing N N 115 
GLU CG  HG3  sing N N 116 
GLU CD  OE1  doub N N 117 
GLU CD  OE2  sing N N 118 
GLU OE2 HE2  sing N N 119 
GLU OXT HXT  sing N N 120 
GLY N   CA   sing N N 121 
GLY N   H    sing N N 122 
GLY N   H2   sing N N 123 
GLY CA  C    sing N N 124 
GLY CA  HA2  sing N N 125 
GLY CA  HA3  sing N N 126 
GLY C   O    doub N N 127 
GLY C   OXT  sing N N 128 
GLY OXT HXT  sing N N 129 
HEM CHA C1A  sing N N 130 
HEM CHA C4D  doub N N 131 
HEM CHA HHA  sing N N 132 
HEM CHB C4A  sing N N 133 
HEM CHB C1B  doub N N 134 
HEM CHB HHB  sing N N 135 
HEM CHC C4B  sing N N 136 
HEM CHC C1C  doub N N 137 
HEM CHC HHC  sing N N 138 
HEM CHD C4C  doub N N 139 
HEM CHD C1D  sing N N 140 
HEM CHD HHD  sing N N 141 
HEM C1A C2A  doub Y N 142 
HEM C1A NA   sing Y N 143 
HEM C2A C3A  sing Y N 144 
HEM C2A CAA  sing N N 145 
HEM C3A C4A  doub Y N 146 
HEM C3A CMA  sing N N 147 
HEM C4A NA   sing Y N 148 
HEM CMA HMA  sing N N 149 
HEM CMA HMAA sing N N 150 
HEM CMA HMAB sing N N 151 
HEM CAA CBA  sing N N 152 
HEM CAA HAA  sing N N 153 
HEM CAA HAAA sing N N 154 
HEM CBA CGA  sing N N 155 
HEM CBA HBA  sing N N 156 
HEM CBA HBAA sing N N 157 
HEM CGA O1A  doub N N 158 
HEM CGA O2A  sing N N 159 
HEM C1B C2B  sing N N 160 
HEM C1B NB   sing N N 161 
HEM C2B C3B  doub N N 162 
HEM C2B CMB  sing N N 163 
HEM C3B C4B  sing N N 164 
HEM C3B CAB  sing N N 165 
HEM C4B NB   doub N N 166 
HEM CMB HMB  sing N N 167 
HEM CMB HMBA sing N N 168 
HEM CMB HMBB sing N N 169 
HEM CAB CBB  doub N N 170 
HEM CAB HAB  sing N N 171 
HEM CBB HBB  sing N N 172 
HEM CBB HBBA sing N N 173 
HEM C1C C2C  sing Y N 174 
HEM C1C NC   sing Y N 175 
HEM C2C C3C  doub Y N 176 
HEM C2C CMC  sing N N 177 
HEM C3C C4C  sing Y N 178 
HEM C3C CAC  sing N N 179 
HEM C4C NC   sing Y N 180 
HEM CMC HMC  sing N N 181 
HEM CMC HMCA sing N N 182 
HEM CMC HMCB sing N N 183 
HEM CAC CBC  doub N N 184 
HEM CAC HAC  sing N N 185 
HEM CBC HBC  sing N N 186 
HEM CBC HBCA sing N N 187 
HEM C1D C2D  sing N N 188 
HEM C1D ND   doub N N 189 
HEM C2D C3D  doub N N 190 
HEM C2D CMD  sing N N 191 
HEM C3D C4D  sing N N 192 
HEM C3D CAD  sing N N 193 
HEM C4D ND   sing N N 194 
HEM CMD HMD  sing N N 195 
HEM CMD HMDA sing N N 196 
HEM CMD HMDB sing N N 197 
HEM CAD CBD  sing N N 198 
HEM CAD HAD  sing N N 199 
HEM CAD HADA sing N N 200 
HEM CBD CGD  sing N N 201 
HEM CBD HBD  sing N N 202 
HEM CBD HBDA sing N N 203 
HEM CGD O1D  doub N N 204 
HEM CGD O2D  sing N N 205 
HEM O2A H2A  sing N N 206 
HEM O2D H2D  sing N N 207 
HEM FE  NA   sing N N 208 
HEM FE  NB   sing N N 209 
HEM FE  NC   sing N N 210 
HEM FE  ND   sing N N 211 
HIS N   CA   sing N N 212 
HIS N   H    sing N N 213 
HIS N   H2   sing N N 214 
HIS CA  C    sing N N 215 
HIS CA  CB   sing N N 216 
HIS CA  HA   sing N N 217 
HIS C   O    doub N N 218 
HIS C   OXT  sing N N 219 
HIS CB  CG   sing N N 220 
HIS CB  HB2  sing N N 221 
HIS CB  HB3  sing N N 222 
HIS CG  ND1  sing Y N 223 
HIS CG  CD2  doub Y N 224 
HIS ND1 CE1  doub Y N 225 
HIS ND1 HD1  sing N N 226 
HIS CD2 NE2  sing Y N 227 
HIS CD2 HD2  sing N N 228 
HIS CE1 NE2  sing Y N 229 
HIS CE1 HE1  sing N N 230 
HIS NE2 HE2  sing N N 231 
HIS OXT HXT  sing N N 232 
HOH O   H1   sing N N 233 
HOH O   H2   sing N N 234 
ILE N   CA   sing N N 235 
ILE N   H    sing N N 236 
ILE N   H2   sing N N 237 
ILE CA  C    sing N N 238 
ILE CA  CB   sing N N 239 
ILE CA  HA   sing N N 240 
ILE C   O    doub N N 241 
ILE C   OXT  sing N N 242 
ILE CB  CG1  sing N N 243 
ILE CB  CG2  sing N N 244 
ILE CB  HB   sing N N 245 
ILE CG1 CD1  sing N N 246 
ILE CG1 HG12 sing N N 247 
ILE CG1 HG13 sing N N 248 
ILE CG2 HG21 sing N N 249 
ILE CG2 HG22 sing N N 250 
ILE CG2 HG23 sing N N 251 
ILE CD1 HD11 sing N N 252 
ILE CD1 HD12 sing N N 253 
ILE CD1 HD13 sing N N 254 
ILE OXT HXT  sing N N 255 
LEU N   CA   sing N N 256 
LEU N   H    sing N N 257 
LEU N   H2   sing N N 258 
LEU CA  C    sing N N 259 
LEU CA  CB   sing N N 260 
LEU CA  HA   sing N N 261 
LEU C   O    doub N N 262 
LEU C   OXT  sing N N 263 
LEU CB  CG   sing N N 264 
LEU CB  HB2  sing N N 265 
LEU CB  HB3  sing N N 266 
LEU CG  CD1  sing N N 267 
LEU CG  CD2  sing N N 268 
LEU CG  HG   sing N N 269 
LEU CD1 HD11 sing N N 270 
LEU CD1 HD12 sing N N 271 
LEU CD1 HD13 sing N N 272 
LEU CD2 HD21 sing N N 273 
LEU CD2 HD22 sing N N 274 
LEU CD2 HD23 sing N N 275 
LEU OXT HXT  sing N N 276 
LYS N   CA   sing N N 277 
LYS N   H    sing N N 278 
LYS N   H2   sing N N 279 
LYS CA  C    sing N N 280 
LYS CA  CB   sing N N 281 
LYS CA  HA   sing N N 282 
LYS C   O    doub N N 283 
LYS C   OXT  sing N N 284 
LYS CB  CG   sing N N 285 
LYS CB  HB2  sing N N 286 
LYS CB  HB3  sing N N 287 
LYS CG  CD   sing N N 288 
LYS CG  HG2  sing N N 289 
LYS CG  HG3  sing N N 290 
LYS CD  CE   sing N N 291 
LYS CD  HD2  sing N N 292 
LYS CD  HD3  sing N N 293 
LYS CE  NZ   sing N N 294 
LYS CE  HE2  sing N N 295 
LYS CE  HE3  sing N N 296 
LYS NZ  HZ1  sing N N 297 
LYS NZ  HZ2  sing N N 298 
LYS NZ  HZ3  sing N N 299 
LYS OXT HXT  sing N N 300 
MET N   CA   sing N N 301 
MET N   H    sing N N 302 
MET N   H2   sing N N 303 
MET CA  C    sing N N 304 
MET CA  CB   sing N N 305 
MET CA  HA   sing N N 306 
MET C   O    doub N N 307 
MET C   OXT  sing N N 308 
MET CB  CG   sing N N 309 
MET CB  HB2  sing N N 310 
MET CB  HB3  sing N N 311 
MET CG  SD   sing N N 312 
MET CG  HG2  sing N N 313 
MET CG  HG3  sing N N 314 
MET SD  CE   sing N N 315 
MET CE  HE1  sing N N 316 
MET CE  HE2  sing N N 317 
MET CE  HE3  sing N N 318 
MET OXT HXT  sing N N 319 
PHE N   CA   sing N N 320 
PHE N   H    sing N N 321 
PHE N   H2   sing N N 322 
PHE CA  C    sing N N 323 
PHE CA  CB   sing N N 324 
PHE CA  HA   sing N N 325 
PHE C   O    doub N N 326 
PHE C   OXT  sing N N 327 
PHE CB  CG   sing N N 328 
PHE CB  HB2  sing N N 329 
PHE CB  HB3  sing N N 330 
PHE CG  CD1  doub Y N 331 
PHE CG  CD2  sing Y N 332 
PHE CD1 CE1  sing Y N 333 
PHE CD1 HD1  sing N N 334 
PHE CD2 CE2  doub Y N 335 
PHE CD2 HD2  sing N N 336 
PHE CE1 CZ   doub Y N 337 
PHE CE1 HE1  sing N N 338 
PHE CE2 CZ   sing Y N 339 
PHE CE2 HE2  sing N N 340 
PHE CZ  HZ   sing N N 341 
PHE OXT HXT  sing N N 342 
PRO N   CA   sing N N 343 
PRO N   CD   sing N N 344 
PRO N   H    sing N N 345 
PRO CA  C    sing N N 346 
PRO CA  CB   sing N N 347 
PRO CA  HA   sing N N 348 
PRO C   O    doub N N 349 
PRO C   OXT  sing N N 350 
PRO CB  CG   sing N N 351 
PRO CB  HB2  sing N N 352 
PRO CB  HB3  sing N N 353 
PRO CG  CD   sing N N 354 
PRO CG  HG2  sing N N 355 
PRO CG  HG3  sing N N 356 
PRO CD  HD2  sing N N 357 
PRO CD  HD3  sing N N 358 
PRO OXT HXT  sing N N 359 
SER N   CA   sing N N 360 
SER N   H    sing N N 361 
SER N   H2   sing N N 362 
SER CA  C    sing N N 363 
SER CA  CB   sing N N 364 
SER CA  HA   sing N N 365 
SER C   O    doub N N 366 
SER C   OXT  sing N N 367 
SER CB  OG   sing N N 368 
SER CB  HB2  sing N N 369 
SER CB  HB3  sing N N 370 
SER OG  HG   sing N N 371 
SER OXT HXT  sing N N 372 
THR N   CA   sing N N 373 
THR N   H    sing N N 374 
THR N   H2   sing N N 375 
THR CA  C    sing N N 376 
THR CA  CB   sing N N 377 
THR CA  HA   sing N N 378 
THR C   O    doub N N 379 
THR C   OXT  sing N N 380 
THR CB  OG1  sing N N 381 
THR CB  CG2  sing N N 382 
THR CB  HB   sing N N 383 
THR OG1 HG1  sing N N 384 
THR CG2 HG21 sing N N 385 
THR CG2 HG22 sing N N 386 
THR CG2 HG23 sing N N 387 
THR OXT HXT  sing N N 388 
TRP N   CA   sing N N 389 
TRP N   H    sing N N 390 
TRP N   H2   sing N N 391 
TRP CA  C    sing N N 392 
TRP CA  CB   sing N N 393 
TRP CA  HA   sing N N 394 
TRP C   O    doub N N 395 
TRP C   OXT  sing N N 396 
TRP CB  CG   sing N N 397 
TRP CB  HB2  sing N N 398 
TRP CB  HB3  sing N N 399 
TRP CG  CD1  doub Y N 400 
TRP CG  CD2  sing Y N 401 
TRP CD1 NE1  sing Y N 402 
TRP CD1 HD1  sing N N 403 
TRP CD2 CE2  doub Y N 404 
TRP CD2 CE3  sing Y N 405 
TRP NE1 CE2  sing Y N 406 
TRP NE1 HE1  sing N N 407 
TRP CE2 CZ2  sing Y N 408 
TRP CE3 CZ3  doub Y N 409 
TRP CE3 HE3  sing N N 410 
TRP CZ2 CH2  doub Y N 411 
TRP CZ2 HZ2  sing N N 412 
TRP CZ3 CH2  sing Y N 413 
TRP CZ3 HZ3  sing N N 414 
TRP CH2 HH2  sing N N 415 
TRP OXT HXT  sing N N 416 
TYR N   CA   sing N N 417 
TYR N   H    sing N N 418 
TYR N   H2   sing N N 419 
TYR CA  C    sing N N 420 
TYR CA  CB   sing N N 421 
TYR CA  HA   sing N N 422 
TYR C   O    doub N N 423 
TYR C   OXT  sing N N 424 
TYR CB  CG   sing N N 425 
TYR CB  HB2  sing N N 426 
TYR CB  HB3  sing N N 427 
TYR CG  CD1  doub Y N 428 
TYR CG  CD2  sing Y N 429 
TYR CD1 CE1  sing Y N 430 
TYR CD1 HD1  sing N N 431 
TYR CD2 CE2  doub Y N 432 
TYR CD2 HD2  sing N N 433 
TYR CE1 CZ   doub Y N 434 
TYR CE1 HE1  sing N N 435 
TYR CE2 CZ   sing Y N 436 
TYR CE2 HE2  sing N N 437 
TYR CZ  OH   sing N N 438 
TYR OH  HH   sing N N 439 
TYR OXT HXT  sing N N 440 
VAL N   CA   sing N N 441 
VAL N   H    sing N N 442 
VAL N   H2   sing N N 443 
VAL CA  C    sing N N 444 
VAL CA  CB   sing N N 445 
VAL CA  HA   sing N N 446 
VAL C   O    doub N N 447 
VAL C   OXT  sing N N 448 
VAL CB  CG1  sing N N 449 
VAL CB  CG2  sing N N 450 
VAL CB  HB   sing N N 451 
VAL CG1 HG11 sing N N 452 
VAL CG1 HG12 sing N N 453 
VAL CG1 HG13 sing N N 454 
VAL CG2 HG21 sing N N 455 
VAL CG2 HG22 sing N N 456 
VAL CG2 HG23 sing N N 457 
VAL OXT HXT  sing N N 458 
# 
_atom_sites.entry_id                    1JL7 
_atom_sites.fract_transf_matrix[1][1]   -0.01633595 
_atom_sites.fract_transf_matrix[1][2]   -0.00197055 
_atom_sites.fract_transf_matrix[1][3]   -0.00539021 
_atom_sites.fract_transf_matrix[2][1]   0.00186227 
_atom_sites.fract_transf_matrix[2][2]   -0.02995172 
_atom_sites.fract_transf_matrix[2][3]   0.00530582 
_atom_sites.fract_transf_matrix[3][1]   -0.01635306 
_atom_sites.fract_transf_matrix[3][2]   0.00253880 
_atom_sites.fract_transf_matrix[3][3]   0.02007138 
_atom_sites.fract_transf_vector[1]      -0.218028 
_atom_sites.fract_transf_vector[2]      -0.276499 
_atom_sites.fract_transf_vector[3]      0.697071 
# 
loop_
_atom_type.symbol 
C  
FE 
N  
O  
S  
# 
loop_
_atom_site.group_PDB 
_atom_site.id 
_atom_site.type_symbol 
_atom_site.label_atom_id 
_atom_site.label_alt_id 
_atom_site.label_comp_id 
_atom_site.label_asym_id 
_atom_site.label_entity_id 
_atom_site.label_seq_id 
_atom_site.pdbx_PDB_ins_code 
_atom_site.Cartn_x 
_atom_site.Cartn_y 
_atom_site.Cartn_z 
_atom_site.occupancy 
_atom_site.B_iso_or_equiv 
_atom_site.pdbx_formal_charge 
_atom_site.auth_seq_id 
_atom_site.auth_comp_id 
_atom_site.auth_asym_id 
_atom_site.auth_atom_id 
_atom_site.pdbx_PDB_model_num 
ATOM   1    N  N   . GLY A 1 1   ? -15.776 2.223   -7.425  1.00 39.19 ? 1   GLY A N   1 
ATOM   2    C  CA  . GLY A 1 1   ? -15.045 1.355   -6.518  1.00 36.01 ? 1   GLY A CA  1 
ATOM   3    C  C   . GLY A 1 1   ? -15.335 1.712   -5.067  1.00 34.41 ? 1   GLY A C   1 
ATOM   4    O  O   . GLY A 1 1   ? -15.673 0.856   -4.245  1.00 35.68 ? 1   GLY A O   1 
ATOM   5    N  N   . LEU A 1 2   ? -15.145 2.994   -4.745  1.00 31.18 ? 2   LEU A N   1 
ATOM   6    C  CA  . LEU A 1 2   ? -15.471 3.515   -3.430  1.00 28.05 ? 2   LEU A CA  1 
ATOM   7    C  C   . LEU A 1 2   ? -16.646 4.472   -3.530  1.00 26.36 ? 2   LEU A C   1 
ATOM   8    O  O   . LEU A 1 2   ? -16.822 5.154   -4.546  1.00 26.27 ? 2   LEU A O   1 
ATOM   9    C  CB  . LEU A 1 2   ? -14.322 4.298   -2.808  1.00 28.11 ? 2   LEU A CB  1 
ATOM   10   C  CG  . LEU A 1 2   ? -13.099 3.611   -2.242  1.00 28.60 ? 2   LEU A CG  1 
ATOM   11   C  CD1 . LEU A 1 2   ? -12.163 3.180   -3.349  1.00 29.62 ? 2   LEU A CD1 1 
ATOM   12   C  CD2 . LEU A 1 2   ? -12.341 4.608   -1.385  1.00 29.14 ? 2   LEU A CD2 1 
ATOM   13   N  N   . SER A 1 3   ? -17.466 4.528   -2.474  1.00 22.41 ? 3   SER A N   1 
ATOM   14   C  CA  . SER A 1 3   ? -18.542 5.508   -2.408  1.00 21.06 ? 3   SER A CA  1 
ATOM   15   C  C   . SER A 1 3   ? -17.946 6.892   -2.162  1.00 21.00 ? 3   SER A C   1 
ATOM   16   O  O   . SER A 1 3   ? -16.781 7.007   -1.767  1.00 19.49 ? 3   SER A O   1 
ATOM   17   C  CB  . SER A 1 3   ? -19.503 5.171   -1.275  1.00 18.90 ? 3   SER A CB  1 
ATOM   18   O  OG  . SER A 1 3   ? -18.923 5.261   0.014   1.00 20.08 ? 3   SER A OG  1 
ATOM   19   N  N   . ALA A 1 4   ? -18.715 7.966   -2.383  1.00 19.93 ? 4   ALA A N   1 
ATOM   20   C  CA  . ALA A 1 4   ? -18.224 9.315   -2.126  1.00 18.62 ? 4   ALA A CA  1 
ATOM   21   C  C   . ALA A 1 4   ? -17.846 9.508   -0.660  1.00 17.14 ? 4   ALA A C   1 
ATOM   22   O  O   . ALA A 1 4   ? -16.872 10.192  -0.352  1.00 16.17 ? 4   ALA A O   1 
ATOM   23   C  CB  . ALA A 1 4   ? -19.286 10.340  -2.476  1.00 20.39 ? 4   ALA A CB  1 
ATOM   24   N  N   . ALA A 1 5   ? -18.605 8.882   0.251   1.00 15.86 ? 5   ALA A N   1 
ATOM   25   C  CA  . ALA A 1 5   ? -18.302 8.926   1.672   1.00 14.95 ? 5   ALA A CA  1 
ATOM   26   C  C   . ALA A 1 5   ? -16.967 8.241   1.956   1.00 13.99 ? 5   ALA A C   1 
ATOM   27   O  O   . ALA A 1 5   ? -16.138 8.806   2.668   1.00 14.32 ? 5   ALA A O   1 
ATOM   28   C  CB  . ALA A 1 5   ? -19.378 8.216   2.486   1.00 15.13 ? 5   ALA A CB  1 
ATOM   29   N  N   . GLN A 1 6   ? -16.714 7.060   1.375   1.00 13.80 ? 6   GLN A N   1 
ATOM   30   C  CA  . GLN A 1 6   ? -15.445 6.372   1.585   1.00 14.06 ? 6   GLN A CA  1 
ATOM   31   C  C   . GLN A 1 6   ? -14.265 7.164   1.031   1.00 13.89 ? 6   GLN A C   1 
ATOM   32   O  O   . GLN A 1 6   ? -13.257 7.283   1.726   1.00 13.71 ? 6   GLN A O   1 
ATOM   33   C  CB  . GLN A 1 6   ? -15.464 5.004   0.924   1.00 15.24 ? 6   GLN A CB  1 
ATOM   34   C  CG  . GLN A 1 6   ? -16.379 4.008   1.611   1.00 16.46 ? 6   GLN A CG  1 
ATOM   35   C  CD  . GLN A 1 6   ? -16.488 2.685   0.873   1.00 16.71 ? 6   GLN A CD  1 
ATOM   36   O  OE1 . GLN A 1 6   ? -16.400 1.621   1.483   1.00 20.19 ? 6   GLN A OE1 1 
ATOM   37   N  NE2 . GLN A 1 6   ? -16.691 2.695   -0.443  1.00 16.01 ? 6   GLN A NE2 1 
ATOM   38   N  N   . ARG A 1 7   ? -14.376 7.744   -0.184  1.00 13.27 ? 7   ARG A N   1 
ATOM   39   C  CA  . ARG A 1 7   ? -13.307 8.544   -0.771  1.00 13.58 ? 7   ARG A CA  1 
ATOM   40   C  C   . ARG A 1 7   ? -12.990 9.758   0.078   1.00 15.32 ? 7   ARG A C   1 
ATOM   41   O  O   . ARG A 1 7   ? -11.825 10.132  0.209   1.00 15.77 ? 7   ARG A O   1 
ATOM   42   C  CB  . ARG A 1 7   ? -13.650 9.084   -2.152  1.00 15.43 ? 7   ARG A CB  1 
ATOM   43   C  CG  . ARG A 1 7   ? -13.898 8.026   -3.205  1.00 18.86 ? 7   ARG A CG  1 
ATOM   44   C  CD  . ARG A 1 7   ? -13.824 8.617   -4.607  1.00 22.27 ? 7   ARG A CD  1 
ATOM   45   N  NE  . ARG A 1 7   ? -14.728 9.737   -4.832  1.00 25.75 ? 7   ARG A NE  1 
ATOM   46   C  CZ  . ARG A 1 7   ? -15.981 9.577   -5.268  1.00 28.69 ? 7   ARG A CZ  1 
ATOM   47   N  NH1 . ARG A 1 7   ? -16.481 8.367   -5.528  1.00 29.44 ? 7   ARG A NH1 1 
ATOM   48   N  NH2 . ARG A 1 7   ? -16.750 10.651  -5.446  1.00 30.39 ? 7   ARG A NH2 1 
ATOM   49   N  N   . GLN A 1 8   ? -14.027 10.366  0.680   1.00 14.89 ? 8   GLN A N   1 
ATOM   50   C  CA  . GLN A 1 8   ? -13.840 11.523  1.527   1.00 15.13 ? 8   GLN A CA  1 
ATOM   51   C  C   . GLN A 1 8   ? -13.140 11.116  2.815   1.00 13.23 ? 8   GLN A C   1 
ATOM   52   O  O   . GLN A 1 8   ? -12.279 11.863  3.270   1.00 14.60 ? 8   GLN A O   1 
ATOM   53   C  CB  . GLN A 1 8   ? -15.211 12.141  1.784   1.00 18.55 ? 8   GLN A CB  1 
ATOM   54   C  CG  . GLN A 1 8   ? -15.196 13.554  2.333   1.00 21.82 ? 8   GLN A CG  1 
ATOM   55   C  CD  . GLN A 1 8   ? -15.017 13.624  3.842   1.00 26.52 ? 8   GLN A CD  1 
ATOM   56   O  OE1 . GLN A 1 8   ? -14.209 14.400  4.357   1.00 28.82 ? 8   GLN A OE1 1 
ATOM   57   N  NE2 . GLN A 1 8   ? -15.769 12.813  4.585   1.00 25.88 ? 8   GLN A NE2 1 
ATOM   58   N  N   . VAL A 1 9   ? -13.442 9.951   3.407   1.00 13.09 ? 9   VAL A N   1 
ATOM   59   C  CA  . VAL A 1 9   ? -12.753 9.471   4.606   1.00 13.60 ? 9   VAL A CA  1 
ATOM   60   C  C   . VAL A 1 9   ? -11.291 9.162   4.265   1.00 12.71 ? 9   VAL A C   1 
ATOM   61   O  O   . VAL A 1 9   ? -10.397 9.540   5.026   1.00 13.36 ? 9   VAL A O   1 
ATOM   62   C  CB  . VAL A 1 9   ? -13.454 8.189   5.169   1.00 16.48 ? 9   VAL A CB  1 
ATOM   63   C  CG1 . VAL A 1 9   ? -12.691 7.606   6.357   1.00 16.62 ? 9   VAL A CG1 1 
ATOM   64   C  CG2 . VAL A 1 9   ? -14.843 8.561   5.696   1.00 18.63 ? 9   VAL A CG2 1 
ATOM   65   N  N   . VAL A 1 10  ? -11.017 8.511   3.127   1.00 10.50 ? 10  VAL A N   1 
ATOM   66   C  CA  . VAL A 1 10  ? -9.648  8.196   2.740   1.00 11.96 ? 10  VAL A CA  1 
ATOM   67   C  C   . VAL A 1 10  ? -8.837  9.467   2.516   1.00 12.26 ? 10  VAL A C   1 
ATOM   68   O  O   . VAL A 1 10  ? -7.719  9.582   3.018   1.00 12.57 ? 10  VAL A O   1 
ATOM   69   C  CB  . VAL A 1 10  ? -9.691  7.309   1.470   1.00 12.02 ? 10  VAL A CB  1 
ATOM   70   C  CG1 . VAL A 1 10  ? -8.313  7.121   0.857   1.00 14.60 ? 10  VAL A CG1 1 
ATOM   71   C  CG2 . VAL A 1 10  ? -10.145 5.922   1.869   1.00 13.14 ? 10  VAL A CG2 1 
ATOM   72   N  N   . ALA A 1 11  ? -9.410  10.445  1.807   1.00 13.29 ? 11  ALA A N   1 
ATOM   73   C  CA  . ALA A 1 11  ? -8.737  11.704  1.522   1.00 15.56 ? 11  ALA A CA  1 
ATOM   74   C  C   . ALA A 1 11  ? -8.409  12.515  2.769   1.00 16.67 ? 11  ALA A C   1 
ATOM   75   O  O   . ALA A 1 11  ? -7.322  13.084  2.894   1.00 18.09 ? 11  ALA A O   1 
ATOM   76   C  CB  . ALA A 1 11  ? -9.611  12.554  0.618   1.00 16.43 ? 11  ALA A CB  1 
ATOM   77   N  N   . SER A 1 12  ? -9.356  12.525  3.713   1.00 16.15 ? 12  SER A N   1 
ATOM   78   C  CA  . SER A 1 12  ? -9.235  13.232  4.979   1.00 18.32 ? 12  SER A CA  1 
ATOM   79   C  C   . SER A 1 12  ? -8.149  12.652  5.892   1.00 16.46 ? 12  SER A C   1 
ATOM   80   O  O   . SER A 1 12  ? -7.264  13.383  6.342   1.00 17.36 ? 12  SER A O   1 
ATOM   81   C  CB  . SER A 1 12  ? -10.607 13.202  5.669   1.00 19.28 ? 12  SER A CB  1 
ATOM   82   O  OG  . SER A 1 12  ? -10.568 13.713  6.996   1.00 29.11 ? 12  SER A OG  1 
ATOM   83   N  N   . THR A 1 13  ? -8.195  11.337  6.156   1.00 14.59 ? 13  THR A N   1 
ATOM   84   C  CA  . THR A 1 13  ? -7.201  10.685  6.993   1.00 12.47 ? 13  THR A CA  1 
ATOM   85   C  C   . THR A 1 13  ? -5.844  10.572  6.305   1.00 12.64 ? 13  THR A C   1 
ATOM   86   O  O   . THR A 1 13  ? -4.842  10.439  7.010   1.00 12.97 ? 13  THR A O   1 
ATOM   87   C  CB  . THR A 1 13  ? -7.666  9.270   7.424   1.00 12.51 ? 13  THR A CB  1 
ATOM   88   O  OG1 . THR A 1 13  ? -7.954  8.521   6.249   1.00 12.87 ? 13  THR A OG1 1 
ATOM   89   C  CG2 . THR A 1 13  ? -8.849  9.344   8.382   1.00 13.49 ? 13  THR A CG2 1 
ATOM   90   N  N   . TRP A 1 14  ? -5.761  10.652  4.962   1.00 12.35 ? 14  TRP A N   1 
ATOM   91   C  CA  . TRP A 1 14  ? -4.471  10.611  4.287   1.00 11.86 ? 14  TRP A CA  1 
ATOM   92   C  C   . TRP A 1 14  ? -3.598  11.778  4.743   1.00 12.20 ? 14  TRP A C   1 
ATOM   93   O  O   . TRP A 1 14  ? -2.395  11.587  4.906   1.00 10.99 ? 14  TRP A O   1 
ATOM   94   C  CB  . TRP A 1 14  ? -4.619  10.666  2.734   1.00 11.91 ? 14  TRP A CB  1 
ATOM   95   C  CG  . TRP A 1 14  ? -3.240  10.714  2.056   1.00 12.46 ? 14  TRP A CG  1 
ATOM   96   C  CD1 . TRP A 1 14  ? -2.814  11.844  1.401   1.00 13.85 ? 14  TRP A CD1 1 
ATOM   97   C  CD2 . TRP A 1 14  ? -2.255  9.748   2.114   1.00 13.43 ? 14  TRP A CD2 1 
ATOM   98   N  NE1 . TRP A 1 14  ? -1.560  11.622  1.064   1.00 14.18 ? 14  TRP A NE1 1 
ATOM   99   C  CE2 . TRP A 1 14  ? -1.192  10.394  1.468   1.00 13.29 ? 14  TRP A CE2 1 
ATOM   100  C  CE3 . TRP A 1 14  ? -2.089  8.452   2.613   1.00 14.02 ? 14  TRP A CE3 1 
ATOM   101  C  CZ2 . TRP A 1 14  ? 0.044   9.764   1.315   1.00 12.41 ? 14  TRP A CZ2 1 
ATOM   102  C  CZ3 . TRP A 1 14  ? -0.853  7.824   2.455   1.00 13.33 ? 14  TRP A CZ3 1 
ATOM   103  C  CH2 . TRP A 1 14  ? 0.205   8.475   1.814   1.00 12.11 ? 14  TRP A CH2 1 
ATOM   104  N  N   . LYS A 1 15  ? -4.162  12.968  5.000   1.00 14.11 ? 15  LYS A N   1 
ATOM   105  C  CA  . LYS A 1 15  ? -3.377  14.095  5.495   1.00 17.90 ? 15  LYS A CA  1 
ATOM   106  C  C   . LYS A 1 15  ? -2.646  13.731  6.789   1.00 16.80 ? 15  LYS A C   1 
ATOM   107  O  O   . LYS A 1 15  ? -1.472  14.064  6.961   1.00 18.20 ? 15  LYS A O   1 
ATOM   108  C  CB  . LYS A 1 15  ? -4.325  15.293  5.699   1.00 22.99 ? 15  LYS A CB  1 
ATOM   109  C  CG  . LYS A 1 15  ? -3.765  16.551  6.395   1.00 32.96 ? 15  LYS A CG  1 
ATOM   110  C  CD  . LYS A 1 15  ? -3.922  16.494  7.932   1.00 39.37 ? 15  LYS A CD  1 
ATOM   111  C  CE  . LYS A 1 15  ? -2.920  17.377  8.678   1.00 42.78 ? 15  LYS A CE  1 
ATOM   112  N  NZ  . LYS A 1 15  ? -2.773  16.932  10.056  1.00 44.19 ? 15  LYS A NZ  1 
ATOM   113  N  N   . ASP A 1 16  ? -3.328  13.021  7.693   1.00 15.43 ? 16  ASP A N   1 
ATOM   114  C  CA  . ASP A 1 16  ? -2.738  12.590  8.947   1.00 16.48 ? 16  ASP A CA  1 
ATOM   115  C  C   . ASP A 1 16  ? -1.777  11.422  8.769   1.00 15.84 ? 16  ASP A C   1 
ATOM   116  O  O   . ASP A 1 16  ? -0.786  11.329  9.495   1.00 16.41 ? 16  ASP A O   1 
ATOM   117  C  CB  . ASP A 1 16  ? -3.836  12.186  9.922   1.00 19.72 ? 16  ASP A CB  1 
ATOM   118  C  CG  . ASP A 1 16  ? -4.837  13.297  10.206  1.00 24.78 ? 16  ASP A CG  1 
ATOM   119  O  OD1 . ASP A 1 16  ? -4.440  14.336  10.735  1.00 26.18 ? 16  ASP A OD1 1 
ATOM   120  O  OD2 . ASP A 1 16  ? -6.013  13.114  9.886   1.00 27.88 ? 16  ASP A OD2 1 
ATOM   121  N  N   . ILE A 1 17  ? -2.049  10.508  7.822   1.00 13.55 ? 17  ILE A N   1 
ATOM   122  C  CA  . ILE A 1 17  ? -1.174  9.374   7.542   1.00 12.86 ? 17  ILE A CA  1 
ATOM   123  C  C   . ILE A 1 17  ? 0.113   9.841   6.879   1.00 12.06 ? 17  ILE A C   1 
ATOM   124  O  O   . ILE A 1 17  ? 1.179   9.330   7.210   1.00 12.72 ? 17  ILE A O   1 
ATOM   125  C  CB  . ILE A 1 17  ? -1.903  8.356   6.635   1.00 11.46 ? 17  ILE A CB  1 
ATOM   126  C  CG1 . ILE A 1 17  ? -3.076  7.761   7.418   1.00 12.67 ? 17  ILE A CG1 1 
ATOM   127  C  CG2 . ILE A 1 17  ? -0.957  7.240   6.196   1.00 10.88 ? 17  ILE A CG2 1 
ATOM   128  C  CD1 . ILE A 1 17  ? -4.111  6.964   6.590   1.00 11.44 ? 17  ILE A CD1 1 
ATOM   129  N  N   . ALA A 1 18  ? 0.023   10.807  5.960   1.00 12.28 ? 18  ALA A N   1 
ATOM   130  C  CA  . ALA A 1 18  ? 1.186   11.367  5.284   1.00 12.55 ? 18  ALA A CA  1 
ATOM   131  C  C   . ALA A 1 18  ? 2.133   12.060  6.248   1.00 13.92 ? 18  ALA A C   1 
ATOM   132  O  O   . ALA A 1 18  ? 3.354   12.018  6.075   1.00 14.75 ? 18  ALA A O   1 
ATOM   133  C  CB  . ALA A 1 18  ? 0.779   12.398  4.254   1.00 12.50 ? 18  ALA A CB  1 
ATOM   134  N  N   . GLY A 1 19  ? 1.563   12.704  7.276   1.00 14.61 ? 19  GLY A N   1 
ATOM   135  C  CA  . GLY A 1 19  ? 2.333   13.421  8.288   1.00 16.06 ? 19  GLY A CA  1 
ATOM   136  C  C   . GLY A 1 19  ? 3.250   14.457  7.660   1.00 15.41 ? 19  GLY A C   1 
ATOM   137  O  O   . GLY A 1 19  ? 2.863   15.174  6.738   1.00 15.92 ? 19  GLY A O   1 
ATOM   138  N  N   . ALA A 1 20  ? 4.494   14.485  8.123   1.00 16.48 ? 20  ALA A N   1 
ATOM   139  C  CA  . ALA A 1 20  ? 5.471   15.400  7.561   1.00 17.79 ? 20  ALA A CA  1 
ATOM   140  C  C   . ALA A 1 20  ? 6.484   14.721  6.630   1.00 17.60 ? 20  ALA A C   1 
ATOM   141  O  O   . ALA A 1 20  ? 7.429   15.356  6.145   1.00 17.25 ? 20  ALA A O   1 
ATOM   142  C  CB  . ALA A 1 20  ? 6.201   16.074  8.719   1.00 20.67 ? 20  ALA A CB  1 
ATOM   143  N  N   . ASP A 1 21  ? 6.299   13.430  6.323   1.00 15.10 ? 21  ASP A N   1 
ATOM   144  C  CA  . ASP A 1 21  ? 7.272   12.687  5.530   1.00 13.78 ? 21  ASP A CA  1 
ATOM   145  C  C   . ASP A 1 21  ? 6.678   11.927  4.351   1.00 12.24 ? 21  ASP A C   1 
ATOM   146  O  O   . ASP A 1 21  ? 7.260   10.952  3.862   1.00 12.47 ? 21  ASP A O   1 
ATOM   147  C  CB  . ASP A 1 21  ? 8.015   11.708  6.465   1.00 15.32 ? 21  ASP A CB  1 
ATOM   148  C  CG  . ASP A 1 21  ? 7.152   10.633  7.133   1.00 15.44 ? 21  ASP A CG  1 
ATOM   149  O  OD1 . ASP A 1 21  ? 5.933   10.660  6.987   1.00 14.12 ? 21  ASP A OD1 1 
ATOM   150  O  OD2 . ASP A 1 21  ? 7.703   9.755   7.796   1.00 16.36 ? 21  ASP A OD2 1 
ATOM   151  N  N   . ASN A 1 22  ? 5.487   12.364  3.933   1.00 11.71 ? 22  ASN A N   1 
ATOM   152  C  CA  . ASN A 1 22  ? 4.714   11.761  2.862   1.00 12.22 ? 22  ASN A CA  1 
ATOM   153  C  C   . ASN A 1 22  ? 4.503   10.250  3.055   1.00 11.14 ? 22  ASN A C   1 
ATOM   154  O  O   . ASN A 1 22  ? 4.571   9.424   2.145   1.00 11.00 ? 22  ASN A O   1 
ATOM   155  C  CB  . ASN A 1 22  ? 5.429   12.091  1.542   1.00 11.85 ? 22  ASN A CB  1 
ATOM   156  C  CG  . ASN A 1 22  ? 4.549   11.891  0.321   1.00 14.21 ? 22  ASN A CG  1 
ATOM   157  O  OD1 . ASN A 1 22  ? 5.034   11.574  -0.765  1.00 17.73 ? 22  ASN A OD1 1 
ATOM   158  N  ND2 . ASN A 1 22  ? 3.237   12.071  0.468   1.00 12.19 ? 22  ASN A ND2 1 
ATOM   159  N  N   . GLY A 1 23  ? 4.252   9.899   4.321   1.00 10.01 ? 23  GLY A N   1 
ATOM   160  C  CA  . GLY A 1 23  ? 3.975   8.536   4.734   1.00 10.77 ? 23  GLY A CA  1 
ATOM   161  C  C   . GLY A 1 23  ? 5.187   7.619   4.819   1.00 10.20 ? 23  GLY A C   1 
ATOM   162  O  O   . GLY A 1 23  ? 5.006   6.430   5.068   1.00 10.57 ? 23  GLY A O   1 
ATOM   163  N  N   . ALA A 1 24  ? 6.421   8.124   4.664   1.00 10.45 ? 24  ALA A N   1 
ATOM   164  C  CA  . ALA A 1 24  ? 7.616   7.289   4.682   1.00 11.38 ? 24  ALA A CA  1 
ATOM   165  C  C   . ALA A 1 24  ? 7.743   6.356   5.874   1.00 11.42 ? 24  ALA A C   1 
ATOM   166  O  O   . ALA A 1 24  ? 7.998   5.168   5.697   1.00 12.60 ? 24  ALA A O   1 
ATOM   167  C  CB  . ALA A 1 24  ? 8.866   8.157   4.646   1.00 11.82 ? 24  ALA A CB  1 
ATOM   168  N  N   . GLY A 1 25  ? 7.487   6.866   7.081   1.00 11.54 ? 25  GLY A N   1 
ATOM   169  C  CA  . GLY A 1 25  ? 7.544   6.084   8.307   1.00 11.79 ? 25  GLY A CA  1 
ATOM   170  C  C   . GLY A 1 25  ? 6.514   4.961   8.349   1.00 11.30 ? 25  GLY A C   1 
ATOM   171  O  O   . GLY A 1 25  ? 6.814   3.869   8.835   1.00 11.86 ? 25  GLY A O   1 
ATOM   172  N  N   . VAL A 1 26  ? 5.303   5.215   7.827   1.00 10.96 ? 26  VAL A N   1 
ATOM   173  C  CA  . VAL A 1 26  ? 4.245   4.205   7.742   1.00 11.07 ? 26  VAL A CA  1 
ATOM   174  C  C   . VAL A 1 26  ? 4.690   3.083   6.805   1.00 11.11 ? 26  VAL A C   1 
ATOM   175  O  O   . VAL A 1 26  ? 4.420   1.910   7.071   1.00 11.57 ? 26  VAL A O   1 
ATOM   176  C  CB  . VAL A 1 26  ? 2.924   4.844   7.207   1.00 10.79 ? 26  VAL A CB  1 
ATOM   177  C  CG1 . VAL A 1 26  ? 1.823   3.809   6.994   1.00 10.04 ? 26  VAL A CG1 1 
ATOM   178  C  CG2 . VAL A 1 26  ? 2.435   5.850   8.238   1.00 11.17 ? 26  VAL A CG2 1 
ATOM   179  N  N   . GLY A 1 27  ? 5.388   3.447   5.716   1.00 9.83  ? 27  GLY A N   1 
ATOM   180  C  CA  . GLY A 1 27  ? 5.879   2.477   4.750   1.00 10.61 ? 27  GLY A CA  1 
ATOM   181  C  C   . GLY A 1 27  ? 6.936   1.538   5.313   1.00 11.53 ? 27  GLY A C   1 
ATOM   182  O  O   . GLY A 1 27  ? 6.918   0.332   5.054   1.00 11.88 ? 27  GLY A O   1 
ATOM   183  N  N   . LYS A 1 28  ? 7.875   2.108   6.077   1.00 11.81 ? 28  LYS A N   1 
ATOM   184  C  CA  . LYS A 1 28  ? 8.909   1.342   6.745   1.00 12.57 ? 28  LYS A CA  1 
ATOM   185  C  C   . LYS A 1 28  ? 8.272   0.359   7.726   1.00 12.49 ? 28  LYS A C   1 
ATOM   186  O  O   . LYS A 1 28  ? 8.579   -0.832  7.672   1.00 13.36 ? 28  LYS A O   1 
ATOM   187  C  CB  . LYS A 1 28  ? 9.842   2.286   7.486   1.00 13.03 ? 28  LYS A CB  1 
ATOM   188  C  CG  . LYS A 1 28  ? 10.960  1.537   8.200   1.00 16.10 ? 28  LYS A CG  1 
ATOM   189  C  CD  . LYS A 1 28  ? 11.841  2.499   8.968   1.00 21.38 ? 28  LYS A CD  1 
ATOM   190  C  CE  . LYS A 1 28  ? 12.982  1.689   9.558   1.00 25.05 ? 28  LYS A CE  1 
ATOM   191  N  NZ  . LYS A 1 28  ? 14.058  2.554   10.014  1.00 30.33 ? 28  LYS A NZ  1 
ATOM   192  N  N   . GLU A 1 29  ? 7.344   0.812   8.581   1.00 12.10 ? 29  GLU A N   1 
ATOM   193  C  CA  . GLU A 1 29  ? 6.719   -0.095  9.530   1.00 12.90 ? 29  GLU A CA  1 
ATOM   194  C  C   . GLU A 1 29  ? 5.880   -1.164  8.845   1.00 11.70 ? 29  GLU A C   1 
ATOM   195  O  O   . GLU A 1 29  ? 5.919   -2.318  9.261   1.00 12.84 ? 29  GLU A O   1 
ATOM   196  C  CB  . GLU A 1 29  ? 5.848   0.676   10.486  1.00 15.72 ? 29  GLU A CB  1 
ATOM   197  C  CG  . GLU A 1 29  ? 5.443   -0.238  11.640  1.00 22.63 ? 29  GLU A CG  1 
ATOM   198  C  CD  . GLU A 1 29  ? 4.468   0.356   12.641  1.00 29.60 ? 29  GLU A CD  1 
ATOM   199  O  OE1 . GLU A 1 29  ? 3.871   -0.410  13.391  1.00 34.29 ? 29  GLU A OE1 1 
ATOM   200  O  OE2 . GLU A 1 29  ? 4.301   1.573   12.689  1.00 32.85 ? 29  GLU A OE2 1 
ATOM   201  N  N   . CYS A 1 30  ? 5.162   -0.822  7.771   1.00 11.53 ? 30  CYS A N   1 
ATOM   202  C  CA  . CYS A 1 30  ? 4.367   -1.771  7.002   1.00 12.39 ? 30  CYS A CA  1 
ATOM   203  C  C   . CYS A 1 30  ? 5.184   -2.946  6.473   1.00 11.35 ? 30  CYS A C   1 
ATOM   204  O  O   . CYS A 1 30  ? 4.869   -4.100  6.751   1.00 10.91 ? 30  CYS A O   1 
ATOM   205  C  CB  . CYS A 1 30  ? 3.710   -1.039  5.837   1.00 12.10 ? 30  CYS A CB  1 
ATOM   206  S  SG  . CYS A 1 30  ? 2.859   -2.188  4.737   1.00 15.75 ? 30  CYS A SG  1 
ATOM   207  N  N   . LEU A 1 31  ? 6.257   -2.645  5.732   1.00 10.73 ? 31  LEU A N   1 
ATOM   208  C  CA  . LEU A 1 31  ? 7.089   -3.691  5.160   1.00 12.26 ? 31  LEU A CA  1 
ATOM   209  C  C   . LEU A 1 31  ? 7.908   -4.424  6.200   1.00 12.19 ? 31  LEU A C   1 
ATOM   210  O  O   . LEU A 1 31  ? 8.042   -5.640  6.068   1.00 13.77 ? 31  LEU A O   1 
ATOM   211  C  CB  . LEU A 1 31  ? 8.033   -3.116  4.101   1.00 13.07 ? 31  LEU A CB  1 
ATOM   212  C  CG  . LEU A 1 31  ? 7.561   -3.043  2.657   1.00 17.13 ? 31  LEU A CG  1 
ATOM   213  C  CD1 . LEU A 1 31  ? 6.384   -2.116  2.535   1.00 20.92 ? 31  LEU A CD1 1 
ATOM   214  C  CD2 . LEU A 1 31  ? 8.684   -2.518  1.787   1.00 17.17 ? 31  LEU A CD2 1 
ATOM   215  N  N   . SER A 1 32  ? 8.416   -3.734  7.244   1.00 12.89 ? 32  SER A N   1 
ATOM   216  C  CA  . SER A 1 32  ? 9.181   -4.352  8.332   1.00 15.15 ? 32  SER A CA  1 
ATOM   217  C  C   . SER A 1 32  ? 8.387   -5.449  9.004   1.00 14.34 ? 32  SER A C   1 
ATOM   218  O  O   . SER A 1 32  ? 8.839   -6.588  9.100   1.00 14.87 ? 32  SER A O   1 
ATOM   219  C  CB  . SER A 1 32  ? 9.543   -3.378  9.453   1.00 14.85 ? 32  SER A CB  1 
ATOM   220  O  OG  . SER A 1 32  ? 10.433  -2.368  9.032   1.00 26.02 ? 32  SER A OG  1 
ATOM   221  N  N   . LYS A 1 33  ? 7.179   -5.085  9.442   1.00 14.73 ? 33  LYS A N   1 
ATOM   222  C  CA  . LYS A 1 33  ? 6.293   -6.007  10.129  1.00 16.24 ? 33  LYS A CA  1 
ATOM   223  C  C   . LYS A 1 33  ? 5.808   -7.126  9.212   1.00 15.82 ? 33  LYS A C   1 
ATOM   224  O  O   . LYS A 1 33  ? 5.705   -8.270  9.655   1.00 16.24 ? 33  LYS A O   1 
ATOM   225  C  CB  . LYS A 1 33  ? 5.104   -5.224  10.702  1.00 18.97 ? 33  LYS A CB  1 
ATOM   226  C  CG  . LYS A 1 33  ? 5.458   -4.222  11.807  1.00 24.53 ? 33  LYS A CG  1 
ATOM   227  C  CD  . LYS A 1 33  ? 6.044   -4.915  13.035  1.00 31.99 ? 33  LYS A CD  1 
ATOM   228  C  CE  . LYS A 1 33  ? 6.569   -3.917  14.072  1.00 36.90 ? 33  LYS A CE  1 
ATOM   229  N  NZ  . LYS A 1 33  ? 5.494   -3.125  14.646  1.00 40.93 ? 33  LYS A NZ  1 
ATOM   230  N  N   . PHE A 1 34  ? 5.546   -6.830  7.928   1.00 13.53 ? 34  PHE A N   1 
ATOM   231  C  CA  . PHE A 1 34  ? 5.155   -7.837  6.961   1.00 12.49 ? 34  PHE A CA  1 
ATOM   232  C  C   . PHE A 1 34  ? 6.221   -8.918  6.811   1.00 12.53 ? 34  PHE A C   1 
ATOM   233  O  O   . PHE A 1 34  ? 5.921   -10.107 6.902   1.00 12.58 ? 34  PHE A O   1 
ATOM   234  C  CB  . PHE A 1 34  ? 4.914   -7.159  5.633   1.00 12.55 ? 34  PHE A CB  1 
ATOM   235  C  CG  . PHE A 1 34  ? 4.465   -8.104  4.540   1.00 14.83 ? 34  PHE A CG  1 
ATOM   236  C  CD1 . PHE A 1 34  ? 3.376   -8.962  4.749   1.00 16.69 ? 34  PHE A CD1 1 
ATOM   237  C  CD2 . PHE A 1 34  ? 5.145   -8.097  3.321   1.00 16.32 ? 34  PHE A CD2 1 
ATOM   238  C  CE1 . PHE A 1 34  ? 2.972   -9.817  3.726   1.00 16.40 ? 34  PHE A CE1 1 
ATOM   239  C  CE2 . PHE A 1 34  ? 4.728   -8.957  2.306   1.00 18.54 ? 34  PHE A CE2 1 
ATOM   240  C  CZ  . PHE A 1 34  ? 3.643   -9.815  2.507   1.00 17.82 ? 34  PHE A CZ  1 
ATOM   241  N  N   . ILE A 1 35  ? 7.476   -8.527  6.594   1.00 12.39 ? 35  ILE A N   1 
ATOM   242  C  CA  . ILE A 1 35  ? 8.541   -9.504  6.423   1.00 14.25 ? 35  ILE A CA  1 
ATOM   243  C  C   . ILE A 1 35  ? 8.881   -10.233 7.721   1.00 15.87 ? 35  ILE A C   1 
ATOM   244  O  O   . ILE A 1 35  ? 9.205   -11.417 7.665   1.00 17.43 ? 35  ILE A O   1 
ATOM   245  C  CB  . ILE A 1 35  ? 9.765   -8.763  5.814   1.00 15.44 ? 35  ILE A CB  1 
ATOM   246  C  CG1 . ILE A 1 35  ? 9.371   -8.338  4.392   1.00 15.53 ? 35  ILE A CG1 1 
ATOM   247  C  CG2 . ILE A 1 35  ? 11.016  -9.646  5.764   1.00 15.78 ? 35  ILE A CG2 1 
ATOM   248  C  CD1 . ILE A 1 35  ? 10.355  -7.417  3.663   1.00 19.54 ? 35  ILE A CD1 1 
ATOM   249  N  N   . SER A 1 36  ? 8.801   -9.604  8.902   1.00 16.40 ? 36  SER A N   1 
ATOM   250  C  CA  . SER A 1 36  ? 9.036   -10.293 10.173  1.00 18.47 ? 36  SER A CA  1 
ATOM   251  C  C   . SER A 1 36  ? 8.020   -11.405 10.438  1.00 18.41 ? 36  SER A C   1 
ATOM   252  O  O   . SER A 1 36  ? 8.357   -12.490 10.921  1.00 19.94 ? 36  SER A O   1 
ATOM   253  C  CB  . SER A 1 36  ? 8.984   -9.291  11.324  1.00 18.79 ? 36  SER A CB  1 
ATOM   254  O  OG  . SER A 1 36  ? 10.063  -8.366  11.276  1.00 22.44 ? 36  SER A OG  1 
ATOM   255  N  N   . ALA A 1 37  ? 6.769   -11.116 10.070  1.00 17.81 ? 37  ALA A N   1 
ATOM   256  C  CA  . ALA A 1 37  ? 5.655   -12.038 10.202  1.00 18.62 ? 37  ALA A CA  1 
ATOM   257  C  C   . ALA A 1 37  ? 5.642   -13.108 9.126   1.00 17.89 ? 37  ALA A C   1 
ATOM   258  O  O   . ALA A 1 37  ? 5.144   -14.213 9.338   1.00 19.70 ? 37  ALA A O   1 
ATOM   259  C  CB  . ALA A 1 37  ? 4.333   -11.278 10.128  1.00 19.22 ? 37  ALA A CB  1 
ATOM   260  N  N   . HIS A 1 38  ? 6.191   -12.808 7.950   1.00 16.72 ? 38  HIS A N   1 
ATOM   261  C  CA  . HIS A 1 38  ? 6.201   -13.765 6.860   1.00 17.34 ? 38  HIS A CA  1 
ATOM   262  C  C   . HIS A 1 38  ? 7.623   -13.806 6.338   1.00 16.00 ? 38  HIS A C   1 
ATOM   263  O  O   . HIS A 1 38  ? 7.921   -13.202 5.312   1.00 14.71 ? 38  HIS A O   1 
ATOM   264  C  CB  . HIS A 1 38  ? 5.234   -13.322 5.756   1.00 18.76 ? 38  HIS A CB  1 
ATOM   265  C  CG  . HIS A 1 38  ? 3.810   -13.120 6.249   1.00 23.05 ? 38  HIS A CG  1 
ATOM   266  N  ND1 . HIS A 1 38  ? 2.845   -14.024 6.326   1.00 25.19 ? 38  HIS A ND1 1 
ATOM   267  C  CD2 . HIS A 1 38  ? 3.320   -11.932 6.729   1.00 23.77 ? 38  HIS A CD2 1 
ATOM   268  C  CE1 . HIS A 1 38  ? 1.805   -13.415 6.838   1.00 23.95 ? 38  HIS A CE1 1 
ATOM   269  N  NE2 . HIS A 1 38  ? 2.090   -12.161 7.080   1.00 25.27 ? 38  HIS A NE2 1 
ATOM   270  N  N   . PRO A 1 39  ? 8.560   -14.477 7.027   1.00 17.43 ? 39  PRO A N   1 
ATOM   271  C  CA  . PRO A 1 39  ? 9.982   -14.461 6.688   1.00 18.00 ? 39  PRO A CA  1 
ATOM   272  C  C   . PRO A 1 39  ? 10.325  -14.946 5.284   1.00 17.46 ? 39  PRO A C   1 
ATOM   273  O  O   . PRO A 1 39  ? 11.317  -14.507 4.698   1.00 17.41 ? 39  PRO A O   1 
ATOM   274  C  CB  . PRO A 1 39  ? 10.622  -15.283 7.803   1.00 17.56 ? 39  PRO A CB  1 
ATOM   275  C  CG  . PRO A 1 39  ? 9.519   -16.178 8.314   1.00 20.05 ? 39  PRO A CG  1 
ATOM   276  C  CD  . PRO A 1 39  ? 8.330   -15.243 8.256   1.00 18.07 ? 39  PRO A CD  1 
ATOM   277  N  N   . GLU A 1 40  ? 9.468   -15.808 4.714   1.00 16.49 ? 40  GLU A N   1 
ATOM   278  C  CA  . GLU A 1 40  ? 9.658   -16.312 3.364   1.00 16.22 ? 40  GLU A CA  1 
ATOM   279  C  C   . GLU A 1 40  ? 9.427   -15.237 2.302   1.00 15.76 ? 40  GLU A C   1 
ATOM   280  O  O   . GLU A 1 40  ? 9.841   -15.407 1.153   1.00 16.66 ? 40  GLU A O   1 
ATOM   281  C  CB  . GLU A 1 40  ? 8.724   -17.505 3.129   1.00 17.24 ? 40  GLU A CB  1 
ATOM   282  C  CG  . GLU A 1 40  ? 7.221   -17.244 2.992   1.00 20.60 ? 40  GLU A CG  1 
ATOM   283  C  CD  . GLU A 1 40  ? 6.428   -16.836 4.230   1.00 23.19 ? 40  GLU A CD  1 
ATOM   284  O  OE1 . GLU A 1 40  ? 6.932   -16.879 5.355   1.00 24.31 ? 40  GLU A OE1 1 
ATOM   285  O  OE2 . GLU A 1 40  ? 5.265   -16.481 4.053   1.00 26.67 ? 40  GLU A OE2 1 
ATOM   286  N  N   . MET A 1 41  ? 8.805   -14.100 2.674   1.00 14.45 ? 41  MET A N   1 
ATOM   287  C  CA  . MET A 1 41  ? 8.599   -12.969 1.769   1.00 14.47 ? 41  MET A CA  1 
ATOM   288  C  C   . MET A 1 41  ? 9.846   -12.152 1.490   1.00 13.78 ? 41  MET A C   1 
ATOM   289  O  O   . MET A 1 41  ? 9.880   -11.449 0.481   1.00 13.49 ? 41  MET A O   1 
ATOM   290  C  CB  . MET A 1 41  ? 7.538   -12.013 2.310   1.00 15.61 ? 41  MET A CB  1 
ATOM   291  C  CG  . MET A 1 41  ? 6.129   -12.584 2.207   1.00 17.79 ? 41  MET A CG  1 
ATOM   292  S  SD  . MET A 1 41  ? 5.619   -12.964 0.510   1.00 22.17 ? 41  MET A SD  1 
ATOM   293  C  CE  . MET A 1 41  ? 5.404   -14.705 0.715   1.00 24.71 ? 41  MET A CE  1 
ATOM   294  N  N   . ALA A 1 42  ? 10.889  -12.237 2.337   1.00 13.81 ? 42  ALA A N   1 
ATOM   295  C  CA  . ALA A 1 42  ? 12.126  -11.496 2.121   1.00 14.11 ? 42  ALA A CA  1 
ATOM   296  C  C   . ALA A 1 42  ? 12.757  -11.824 0.769   1.00 13.95 ? 42  ALA A C   1 
ATOM   297  O  O   . ALA A 1 42  ? 13.186  -10.923 0.042   1.00 14.48 ? 42  ALA A O   1 
ATOM   298  C  CB  . ALA A 1 42  ? 13.138  -11.823 3.218   1.00 14.84 ? 42  ALA A CB  1 
ATOM   299  N  N   . ALA A 1 43  ? 12.730  -13.115 0.401   1.00 14.22 ? 43  ALA A N   1 
ATOM   300  C  CA  . ALA A 1 43  ? 13.257  -13.598 -0.874  1.00 15.03 ? 43  ALA A CA  1 
ATOM   301  C  C   . ALA A 1 43  ? 12.466  -13.114 -2.089  1.00 15.65 ? 43  ALA A C   1 
ATOM   302  O  O   . ALA A 1 43  ? 13.038  -12.914 -3.166  1.00 17.53 ? 43  ALA A O   1 
ATOM   303  C  CB  . ALA A 1 43  ? 13.266  -15.125 -0.887  1.00 15.58 ? 43  ALA A CB  1 
ATOM   304  N  N   . VAL A 1 44  ? 11.155  -12.885 -1.909  1.00 15.11 ? 44  VAL A N   1 
ATOM   305  C  CA  . VAL A 1 44  ? 10.288  -12.380 -2.969  1.00 15.62 ? 44  VAL A CA  1 
ATOM   306  C  C   . VAL A 1 44  ? 10.679  -10.945 -3.306  1.00 15.56 ? 44  VAL A C   1 
ATOM   307  O  O   . VAL A 1 44  ? 10.756  -10.591 -4.478  1.00 15.29 ? 44  VAL A O   1 
ATOM   308  C  CB  . VAL A 1 44  ? 8.799   -12.443 -2.527  1.00 14.87 ? 44  VAL A CB  1 
ATOM   309  C  CG1 . VAL A 1 44  ? 7.881   -12.007 -3.668  1.00 15.26 ? 44  VAL A CG1 1 
ATOM   310  C  CG2 . VAL A 1 44  ? 8.439   -13.870 -2.157  1.00 16.69 ? 44  VAL A CG2 1 
ATOM   311  N  N   . PHE A 1 45  ? 10.940  -10.124 -2.281  1.00 14.93 ? 45  PHE A N   1 
ATOM   312  C  CA  . PHE A 1 45  ? 11.395  -8.753  -2.450  1.00 16.07 ? 45  PHE A CA  1 
ATOM   313  C  C   . PHE A 1 45  ? 12.859  -8.610  -2.836  1.00 15.94 ? 45  PHE A C   1 
ATOM   314  O  O   . PHE A 1 45  ? 13.255  -7.595  -3.410  1.00 19.13 ? 45  PHE A O   1 
ATOM   315  C  CB  . PHE A 1 45  ? 11.217  -7.960  -1.179  1.00 15.38 ? 45  PHE A CB  1 
ATOM   316  C  CG  . PHE A 1 45  ? 9.800   -7.540  -0.867  1.00 14.45 ? 45  PHE A CG  1 
ATOM   317  C  CD1 . PHE A 1 45  ? 9.342   -6.301  -1.317  1.00 14.50 ? 45  PHE A CD1 1 
ATOM   318  C  CD2 . PHE A 1 45  ? 8.972   -8.364  -0.104  1.00 14.70 ? 45  PHE A CD2 1 
ATOM   319  C  CE1 . PHE A 1 45  ? 8.045   -5.890  -0.991  1.00 15.10 ? 45  PHE A CE1 1 
ATOM   320  C  CE2 . PHE A 1 45  ? 7.678   -7.942  0.213   1.00 15.41 ? 45  PHE A CE2 1 
ATOM   321  C  CZ  . PHE A 1 45  ? 7.211   -6.705  -0.228  1.00 14.38 ? 45  PHE A CZ  1 
ATOM   322  N  N   . GLY A 1 46  ? 13.684  -9.604  -2.502  1.00 14.98 ? 46  GLY A N   1 
ATOM   323  C  CA  . GLY A 1 46  ? 15.120  -9.531  -2.718  1.00 14.92 ? 46  GLY A CA  1 
ATOM   324  C  C   . GLY A 1 46  ? 15.834  -8.892  -1.525  1.00 14.77 ? 46  GLY A C   1 
ATOM   325  O  O   . GLY A 1 46  ? 16.937  -8.380  -1.684  1.00 17.48 ? 46  GLY A O   1 
ATOM   326  N  N   . PHE A 1 47  ? 15.230  -8.884  -0.330  1.00 12.94 ? 47  PHE A N   1 
ATOM   327  C  CA  . PHE A 1 47  ? 15.840  -8.338  0.877   1.00 13.65 ? 47  PHE A CA  1 
ATOM   328  C  C   . PHE A 1 47  ? 16.457  -9.423  1.744   1.00 13.03 ? 47  PHE A C   1 
ATOM   329  O  O   . PHE A 1 47  ? 16.031  -10.581 1.708   1.00 13.72 ? 47  PHE A O   1 
ATOM   330  C  CB  . PHE A 1 47  ? 14.819  -7.603  1.748   1.00 15.35 ? 47  PHE A CB  1 
ATOM   331  C  CG  . PHE A 1 47  ? 14.153  -6.395  1.105   1.00 16.39 ? 47  PHE A CG  1 
ATOM   332  C  CD1 . PHE A 1 47  ? 14.853  -5.567  0.226   1.00 18.87 ? 47  PHE A CD1 1 
ATOM   333  C  CD2 . PHE A 1 47  ? 12.821  -6.124  1.412   1.00 18.81 ? 47  PHE A CD2 1 
ATOM   334  C  CE1 . PHE A 1 47  ? 14.212  -4.465  -0.348  1.00 21.09 ? 47  PHE A CE1 1 
ATOM   335  C  CE2 . PHE A 1 47  ? 12.186  -5.022  0.839   1.00 19.43 ? 47  PHE A CE2 1 
ATOM   336  C  CZ  . PHE A 1 47  ? 12.879  -4.196  -0.039  1.00 19.55 ? 47  PHE A CZ  1 
ATOM   337  N  N   . SER A 1 48  ? 17.442  -9.046  2.566   1.00 12.35 ? 48  SER A N   1 
ATOM   338  C  CA  . SER A 1 48  ? 18.100  -9.978  3.470   1.00 11.30 ? 48  SER A CA  1 
ATOM   339  C  C   . SER A 1 48  ? 17.210  -10.352 4.645   1.00 12.32 ? 48  SER A C   1 
ATOM   340  O  O   . SER A 1 48  ? 17.347  -11.417 5.230   1.00 13.44 ? 48  SER A O   1 
ATOM   341  C  CB  . SER A 1 48  ? 19.391  -9.365  4.006   1.00 11.91 ? 48  SER A CB  1 
ATOM   342  O  OG  . SER A 1 48  ? 19.149  -8.232  4.836   1.00 12.53 ? 48  SER A OG  1 
ATOM   343  N  N   . GLY A 1 49  ? 16.300  -9.455  5.009   1.00 12.62 ? 49  GLY A N   1 
ATOM   344  C  CA  . GLY A 1 49  ? 15.396  -9.630  6.120   1.00 12.57 ? 49  GLY A CA  1 
ATOM   345  C  C   . GLY A 1 49  ? 14.702  -8.306  6.385   1.00 13.06 ? 49  GLY A C   1 
ATOM   346  O  O   . GLY A 1 49  ? 14.821  -7.348  5.617   1.00 12.70 ? 49  GLY A O   1 
ATOM   347  N  N   . ALA A 1 50  ? 14.006  -8.253  7.520   1.00 13.84 ? 50  ALA A N   1 
ATOM   348  C  CA  . ALA A 1 50  ? 13.233  -7.091  7.917   1.00 14.38 ? 50  ALA A CA  1 
ATOM   349  C  C   . ALA A 1 50  ? 14.029  -5.822  8.181   1.00 15.73 ? 50  ALA A C   1 
ATOM   350  O  O   . ALA A 1 50  ? 13.493  -4.721  8.081   1.00 16.71 ? 50  ALA A O   1 
ATOM   351  C  CB  . ALA A 1 50  ? 12.443  -7.425  9.169   1.00 15.91 ? 50  ALA A CB  1 
ATOM   352  N  N   . SER A 1 51  ? 15.320  -5.975  8.499   1.00 16.70 ? 51  SER A N   1 
ATOM   353  C  CA  . SER A 1 51  ? 16.200  -4.858  8.798   1.00 16.48 ? 51  SER A CA  1 
ATOM   354  C  C   . SER A 1 51  ? 17.009  -4.384  7.609   1.00 14.47 ? 51  SER A C   1 
ATOM   355  O  O   . SER A 1 51  ? 17.791  -3.449  7.754   1.00 15.90 ? 51  SER A O   1 
ATOM   356  C  CB  . SER A 1 51  ? 17.163  -5.238  9.917   1.00 18.66 ? 51  SER A CB  1 
ATOM   357  O  OG  . SER A 1 51  ? 16.438  -5.493  11.109  1.00 26.51 ? 51  SER A OG  1 
ATOM   358  N  N   . ASP A 1 52  ? 16.862  -4.987  6.427   1.00 12.19 ? 52  ASP A N   1 
ATOM   359  C  CA  . ASP A 1 52  ? 17.556  -4.544  5.221   1.00 12.63 ? 52  ASP A CA  1 
ATOM   360  C  C   . ASP A 1 52  ? 17.286  -3.053  4.989   1.00 13.05 ? 52  ASP A C   1 
ATOM   361  O  O   . ASP A 1 52  ? 16.128  -2.654  5.123   1.00 11.69 ? 52  ASP A O   1 
ATOM   362  C  CB  . ASP A 1 52  ? 17.049  -5.369  4.044   1.00 11.90 ? 52  ASP A CB  1 
ATOM   363  C  CG  . ASP A 1 52  ? 17.808  -5.238  2.734   1.00 12.79 ? 52  ASP A CG  1 
ATOM   364  O  OD1 . ASP A 1 52  ? 18.072  -4.137  2.258   1.00 12.92 ? 52  ASP A OD1 1 
ATOM   365  O  OD2 . ASP A 1 52  ? 18.137  -6.271  2.170   1.00 13.97 ? 52  ASP A OD2 1 
ATOM   366  N  N   . PRO A 1 53  ? 18.276  -2.184  4.671   1.00 14.54 ? 53  PRO A N   1 
ATOM   367  C  CA  . PRO A 1 53  ? 18.065  -0.775  4.294   1.00 14.61 ? 53  PRO A CA  1 
ATOM   368  C  C   . PRO A 1 53  ? 17.010  -0.554  3.210   1.00 12.49 ? 53  PRO A C   1 
ATOM   369  O  O   . PRO A 1 53  ? 16.288  0.441   3.226   1.00 13.60 ? 53  PRO A O   1 
ATOM   370  C  CB  . PRO A 1 53  ? 19.427  -0.294  3.869   1.00 13.30 ? 53  PRO A CB  1 
ATOM   371  C  CG  . PRO A 1 53  ? 20.324  -1.094  4.764   1.00 14.65 ? 53  PRO A CG  1 
ATOM   372  C  CD  . PRO A 1 53  ? 19.707  -2.486  4.707   1.00 14.47 ? 53  PRO A CD  1 
ATOM   373  N  N   . GLY A 1 54  ? 16.887  -1.528  2.299   1.00 11.45 ? 54  GLY A N   1 
ATOM   374  C  CA  . GLY A 1 54  ? 15.925  -1.496  1.210   1.00 11.30 ? 54  GLY A CA  1 
ATOM   375  C  C   . GLY A 1 54  ? 14.471  -1.465  1.655   1.00 11.13 ? 54  GLY A C   1 
ATOM   376  O  O   . GLY A 1 54  ? 13.622  -0.986  0.906   1.00 12.64 ? 54  GLY A O   1 
ATOM   377  N  N   . VAL A 1 55  ? 14.162  -1.973  2.857   1.00 10.26 ? 55  VAL A N   1 
ATOM   378  C  CA  . VAL A 1 55  ? 12.816  -1.981  3.407   1.00 10.04 ? 55  VAL A CA  1 
ATOM   379  C  C   . VAL A 1 55  ? 12.333  -0.549  3.616   1.00 10.90 ? 55  VAL A C   1 
ATOM   380  O  O   . VAL A 1 55  ? 11.228  -0.200  3.184   1.00 10.97 ? 55  VAL A O   1 
ATOM   381  C  CB  . VAL A 1 55  ? 12.835  -2.779  4.739   1.00 11.81 ? 55  VAL A CB  1 
ATOM   382  C  CG1 . VAL A 1 55  ? 11.519  -2.659  5.491   1.00 12.81 ? 55  VAL A CG1 1 
ATOM   383  C  CG2 . VAL A 1 55  ? 13.096  -4.243  4.418   1.00 11.86 ? 55  VAL A CG2 1 
ATOM   384  N  N   . ALA A 1 56  ? 13.160  0.300   4.247   1.00 8.88  ? 56  ALA A N   1 
ATOM   385  C  CA  . ALA A 1 56  ? 12.789  1.693   4.449   1.00 9.89  ? 56  ALA A CA  1 
ATOM   386  C  C   . ALA A 1 56  ? 12.687  2.449   3.129   1.00 9.55  ? 56  ALA A C   1 
ATOM   387  O  O   . ALA A 1 56  ? 11.783  3.262   2.949   1.00 10.67 ? 56  ALA A O   1 
ATOM   388  C  CB  . ALA A 1 56  ? 13.815  2.408   5.322   1.00 9.23  ? 56  ALA A CB  1 
ATOM   389  N  N   . GLU A 1 57  ? 13.565  2.140   2.171   1.00 9.44  ? 57  GLU A N   1 
ATOM   390  C  CA  . GLU A 1 57  ? 13.577  2.817   0.893   1.00 11.70 ? 57  GLU A CA  1 
ATOM   391  C  C   . GLU A 1 57  ? 12.337  2.503   0.075   1.00 11.99 ? 57  GLU A C   1 
ATOM   392  O  O   . GLU A 1 57  ? 11.659  3.398   -0.434  1.00 12.27 ? 57  GLU A O   1 
ATOM   393  C  CB  . GLU A 1 57  ? 14.834  2.407   0.144   1.00 15.66 ? 57  GLU A CB  1 
ATOM   394  C  CG  . GLU A 1 57  ? 15.006  3.187   -1.155  1.00 20.82 ? 57  GLU A CG  1 
ATOM   395  C  CD  . GLU A 1 57  ? 16.319  2.953   -1.892  1.00 26.69 ? 57  GLU A CD  1 
ATOM   396  O  OE1 . GLU A 1 57  ? 16.815  3.902   -2.496  1.00 31.03 ? 57  GLU A OE1 1 
ATOM   397  O  OE2 . GLU A 1 57  ? 16.841  1.836   -1.881  1.00 29.54 ? 57  GLU A OE2 1 
ATOM   398  N  N   . LEU A 1 58  ? 12.019  1.214   -0.010  1.00 11.17 ? 58  LEU A N   1 
ATOM   399  C  CA  . LEU A 1 58  ? 10.849  0.781   -0.738  1.00 12.10 ? 58  LEU A CA  1 
ATOM   400  C  C   . LEU A 1 58  ? 9.554   1.150   -0.024  1.00 11.38 ? 58  LEU A C   1 
ATOM   401  O  O   . LEU A 1 58  ? 8.594   1.523   -0.694  1.00 11.78 ? 58  LEU A O   1 
ATOM   402  C  CB  . LEU A 1 58  ? 10.952  -0.715  -0.943  1.00 13.33 ? 58  LEU A CB  1 
ATOM   403  C  CG  . LEU A 1 58  ? 9.935   -1.357  -1.847  1.00 17.78 ? 58  LEU A CG  1 
ATOM   404  C  CD1 . LEU A 1 58  ? 9.803   -0.556  -3.132  1.00 19.00 ? 58  LEU A CD1 1 
ATOM   405  C  CD2 . LEU A 1 58  ? 10.361  -2.790  -2.119  1.00 21.73 ? 58  LEU A CD2 1 
ATOM   406  N  N   . GLY A 1 59  ? 9.503   1.105   1.314   1.00 10.14 ? 59  GLY A N   1 
ATOM   407  C  CA  . GLY A 1 59  ? 8.322   1.506   2.070   1.00 10.25 ? 59  GLY A CA  1 
ATOM   408  C  C   . GLY A 1 59  ? 7.908   2.942   1.770   1.00 9.99  ? 59  GLY A C   1 
ATOM   409  O  O   . GLY A 1 59  ? 6.723   3.252   1.644   1.00 10.35 ? 59  GLY A O   1 
ATOM   410  N  N   . ALA A 1 60  ? 8.882   3.846   1.619   1.00 9.86  ? 60  ALA A N   1 
ATOM   411  C  CA  . ALA A 1 60  ? 8.606   5.228   1.256   1.00 10.18 ? 60  ALA A CA  1 
ATOM   412  C  C   . ALA A 1 60  ? 8.041   5.331   -0.153  1.00 9.62  ? 60  ALA A C   1 
ATOM   413  O  O   . ALA A 1 60  ? 7.115   6.102   -0.357  1.00 9.42  ? 60  ALA A O   1 
ATOM   414  C  CB  . ALA A 1 60  ? 9.869   6.076   1.299   1.00 11.72 ? 60  ALA A CB  1 
ATOM   415  N  N   . LYS A 1 61  ? 8.548   4.565   -1.134  1.00 9.62  ? 61  LYS A N   1 
ATOM   416  C  CA  . LYS A 1 61  ? 8.029   4.603   -2.503  1.00 10.87 ? 61  LYS A CA  1 
ATOM   417  C  C   . LYS A 1 61  ? 6.600   4.079   -2.601  1.00 10.67 ? 61  LYS A C   1 
ATOM   418  O  O   . LYS A 1 61  ? 5.790   4.614   -3.355  1.00 10.93 ? 61  LYS A O   1 
ATOM   419  C  CB  . LYS A 1 61  ? 8.921   3.782   -3.429  1.00 11.10 ? 61  LYS A CB  1 
ATOM   420  C  CG  . LYS A 1 61  ? 10.286  4.435   -3.579  1.00 14.32 ? 61  LYS A CG  1 
ATOM   421  C  CD  . LYS A 1 61  ? 11.205  3.578   -4.420  1.00 17.33 ? 61  LYS A CD  1 
ATOM   422  C  CE  . LYS A 1 61  ? 12.548  4.289   -4.486  1.00 22.19 ? 61  LYS A CE  1 
ATOM   423  N  NZ  . LYS A 1 61  ? 13.513  3.493   -5.219  1.00 26.02 ? 61  LYS A NZ  1 
ATOM   424  N  N   . VAL A 1 62  ? 6.263   3.043   -1.827  1.00 9.50  ? 62  VAL A N   1 
ATOM   425  C  CA  . VAL A 1 62  ? 4.917   2.487   -1.780  1.00 10.18 ? 62  VAL A CA  1 
ATOM   426  C  C   . VAL A 1 62  ? 3.924   3.524   -1.274  1.00 10.69 ? 62  VAL A C   1 
ATOM   427  O  O   . VAL A 1 62  ? 2.886   3.758   -1.900  1.00 9.60  ? 62  VAL A O   1 
ATOM   428  C  CB  . VAL A 1 62  ? 4.906   1.249   -0.858  1.00 11.56 ? 62  VAL A CB  1 
ATOM   429  C  CG1 . VAL A 1 62  ? 3.503   0.687   -0.606  1.00 12.69 ? 62  VAL A CG1 1 
ATOM   430  C  CG2 . VAL A 1 62  ? 5.741   0.203   -1.545  1.00 11.62 ? 62  VAL A CG2 1 
ATOM   431  N  N   . LEU A 1 63  ? 4.250   4.152   -0.132  1.00 9.73  ? 63  LEU A N   1 
ATOM   432  C  CA  . LEU A 1 63  ? 3.354   5.138   0.444   1.00 9.74  ? 63  LEU A CA  1 
ATOM   433  C  C   . LEU A 1 63  ? 3.232   6.403   -0.390  1.00 9.79  ? 63  LEU A C   1 
ATOM   434  O  O   . LEU A 1 63  ? 2.136   6.958   -0.475  1.00 9.82  ? 63  LEU A O   1 
ATOM   435  C  CB  . LEU A 1 63  ? 3.831   5.440   1.867   1.00 9.90  ? 63  LEU A CB  1 
ATOM   436  C  CG  . LEU A 1 63  ? 3.187   4.602   2.988   1.00 12.20 ? 63  LEU A CG  1 
ATOM   437  C  CD1 . LEU A 1 63  ? 1.771   5.120   3.235   1.00 13.52 ? 63  LEU A CD1 1 
ATOM   438  C  CD2 . LEU A 1 63  ? 3.174   3.122   2.625   1.00 11.03 ? 63  LEU A CD2 1 
ATOM   439  N  N   . ALA A 1 64  ? 4.316   6.820   -1.072  1.00 9.37  ? 64  ALA A N   1 
ATOM   440  C  CA  . ALA A 1 64  ? 4.261   7.965   -1.976  1.00 10.38 ? 64  ALA A CA  1 
ATOM   441  C  C   . ALA A 1 64  ? 3.323   7.664   -3.147  1.00 10.34 ? 64  ALA A C   1 
ATOM   442  O  O   . ALA A 1 64  ? 2.540   8.534   -3.538  1.00 10.28 ? 64  ALA A O   1 
ATOM   443  C  CB  . ALA A 1 64  ? 5.651   8.279   -2.529  1.00 10.74 ? 64  ALA A CB  1 
ATOM   444  N  N   . GLN A 1 65  ? 3.349   6.419   -3.667  1.00 9.31  ? 65  GLN A N   1 
ATOM   445  C  CA  . GLN A 1 65  ? 2.461   6.003   -4.740  1.00 8.87  ? 65  GLN A CA  1 
ATOM   446  C  C   . GLN A 1 65  ? 1.005   5.935   -4.290  1.00 9.48  ? 65  GLN A C   1 
ATOM   447  O  O   . GLN A 1 65  ? 0.110   6.280   -5.066  1.00 10.02 ? 65  GLN A O   1 
ATOM   448  C  CB  . GLN A 1 65  ? 2.897   4.648   -5.257  1.00 10.84 ? 65  GLN A CB  1 
ATOM   449  C  CG  . GLN A 1 65  ? 2.153   4.173   -6.513  1.00 13.11 ? 65  GLN A CG  1 
ATOM   450  C  CD  . GLN A 1 65  ? 2.257   5.120   -7.703  1.00 16.79 ? 65  GLN A CD  1 
ATOM   451  O  OE1 . GLN A 1 65  ? 1.251   5.492   -8.308  1.00 18.40 ? 65  GLN A OE1 1 
ATOM   452  N  NE2 . GLN A 1 65  ? 3.465   5.541   -8.073  1.00 18.84 ? 65  GLN A NE2 1 
ATOM   453  N  N   . ILE A 1 66  ? 0.731   5.502   -3.051  1.00 9.55  ? 66  ILE A N   1 
ATOM   454  C  CA  . ILE A 1 66  ? -0.630  5.492   -2.526  1.00 9.82  ? 66  ILE A CA  1 
ATOM   455  C  C   . ILE A 1 66  ? -1.107  6.928   -2.396  1.00 9.27  ? 66  ILE A C   1 
ATOM   456  O  O   . ILE A 1 66  ? -2.271  7.179   -2.679  1.00 10.89 ? 66  ILE A O   1 
ATOM   457  C  CB  . ILE A 1 66  ? -0.651  4.748   -1.171  1.00 12.01 ? 66  ILE A CB  1 
ATOM   458  C  CG1 . ILE A 1 66  ? -0.484  3.262   -1.469  1.00 13.12 ? 66  ILE A CG1 1 
ATOM   459  C  CG2 . ILE A 1 66  ? -1.961  4.980   -0.403  1.00 12.92 ? 66  ILE A CG2 1 
ATOM   460  C  CD1 . ILE A 1 66  ? -0.216  2.374   -0.239  1.00 16.11 ? 66  ILE A CD1 1 
ATOM   461  N  N   . GLY A 1 67  ? -0.234  7.886   -2.040  1.00 9.19  ? 67  GLY A N   1 
ATOM   462  C  CA  . GLY A 1 67  ? -0.573  9.304   -2.013  1.00 9.13  ? 67  GLY A CA  1 
ATOM   463  C  C   . GLY A 1 67  ? -1.025  9.812   -3.379  1.00 9.07  ? 67  GLY A C   1 
ATOM   464  O  O   . GLY A 1 67  ? -1.962  10.594  -3.476  1.00 10.34 ? 67  GLY A O   1 
ATOM   465  N  N   . VAL A 1 68  ? -0.389  9.350   -4.454  1.00 8.99  ? 68  VAL A N   1 
ATOM   466  C  CA  . VAL A 1 68  ? -0.785  9.702   -5.810  1.00 10.31 ? 68  VAL A CA  1 
ATOM   467  C  C   . VAL A 1 68  ? -2.134  9.073   -6.137  1.00 9.87  ? 68  VAL A C   1 
ATOM   468  O  O   . VAL A 1 68  ? -2.999  9.748   -6.697  1.00 10.36 ? 68  VAL A O   1 
ATOM   469  C  CB  . VAL A 1 68  ? 0.291   9.219   -6.787  1.00 11.15 ? 68  VAL A CB  1 
ATOM   470  C  CG1 . VAL A 1 68  ? -0.113  9.479   -8.224  1.00 12.05 ? 68  VAL A CG1 1 
ATOM   471  C  CG2 . VAL A 1 68  ? 1.570   9.992   -6.513  1.00 12.24 ? 68  VAL A CG2 1 
ATOM   472  N  N   . ALA A 1 69  ? -2.332  7.794   -5.772  1.00 10.92 ? 69  ALA A N   1 
ATOM   473  C  CA  . ALA A 1 69  ? -3.604  7.104   -5.963  1.00 10.80 ? 69  ALA A CA  1 
ATOM   474  C  C   . ALA A 1 69  ? -4.743  7.812   -5.231  1.00 12.02 ? 69  ALA A C   1 
ATOM   475  O  O   . ALA A 1 69  ? -5.823  7.983   -5.799  1.00 13.26 ? 69  ALA A O   1 
ATOM   476  C  CB  . ALA A 1 69  ? -3.525  5.680   -5.444  1.00 9.48  ? 69  ALA A CB  1 
ATOM   477  N  N   . VAL A 1 70  ? -4.503  8.299   -4.001  1.00 11.58 ? 70  VAL A N   1 
ATOM   478  C  CA  . VAL A 1 70  ? -5.488  9.052   -3.229  1.00 12.61 ? 70  VAL A CA  1 
ATOM   479  C  C   . VAL A 1 70  ? -5.867  10.335  -3.958  1.00 12.39 ? 70  VAL A C   1 
ATOM   480  O  O   . VAL A 1 70  ? -7.055  10.653  -4.003  1.00 14.45 ? 70  VAL A O   1 
ATOM   481  C  CB  . VAL A 1 70  ? -4.925  9.379   -1.803  1.00 12.91 ? 70  VAL A CB  1 
ATOM   482  C  CG1 . VAL A 1 70  ? -5.809  10.373  -1.040  1.00 13.84 ? 70  VAL A CG1 1 
ATOM   483  C  CG2 . VAL A 1 70  ? -4.910  8.095   -0.989  1.00 11.96 ? 70  VAL A CG2 1 
ATOM   484  N  N   . SER A 1 71  ? -4.917  11.048  -4.585  1.00 12.41 ? 71  SER A N   1 
ATOM   485  C  CA  . SER A 1 71  ? -5.234  12.268  -5.312  1.00 14.69 ? 71  SER A CA  1 
ATOM   486  C  C   . SER A 1 71  ? -6.060  12.026  -6.579  1.00 14.99 ? 71  SER A C   1 
ATOM   487  O  O   . SER A 1 71  ? -6.697  12.955  -7.067  1.00 16.19 ? 71  SER A O   1 
ATOM   488  C  CB  . SER A 1 71  ? -3.947  13.010  -5.687  1.00 15.00 ? 71  SER A CB  1 
ATOM   489  O  OG  . SER A 1 71  ? -3.242  12.405  -6.754  1.00 17.85 ? 71  SER A OG  1 
ATOM   490  N  N   . HIS A 1 72  ? -6.090  10.798  -7.113  1.00 14.68 ? 72  HIS A N   1 
ATOM   491  C  CA  . HIS A 1 72  ? -6.863  10.458  -8.305  1.00 16.12 ? 72  HIS A CA  1 
ATOM   492  C  C   . HIS A 1 72  ? -8.111  9.637   -8.041  1.00 15.93 ? 72  HIS A C   1 
ATOM   493  O  O   . HIS A 1 72  ? -8.771  9.188   -8.973  1.00 16.29 ? 72  HIS A O   1 
ATOM   494  C  CB  . HIS A 1 72  ? -6.001  9.676   -9.290  1.00 15.99 ? 72  HIS A CB  1 
ATOM   495  C  CG  . HIS A 1 72  ? -4.808  10.474  -9.765  1.00 17.61 ? 72  HIS A CG  1 
ATOM   496  N  ND1 . HIS A 1 72  ? -3.614  10.001  -10.044 1.00 16.68 ? 72  HIS A ND1 1 
ATOM   497  C  CD2 . HIS A 1 72  ? -4.791  11.831  -9.953  1.00 20.09 ? 72  HIS A CD2 1 
ATOM   498  C  CE1 . HIS A 1 72  ? -2.880  11.028  -10.389 1.00 17.94 ? 72  HIS A CE1 1 
ATOM   499  N  NE2 . HIS A 1 72  ? -3.582  12.127  -10.336 1.00 21.47 ? 72  HIS A NE2 1 
ATOM   500  N  N   . LEU A 1 73  ? -8.462  9.437   -6.771  1.00 17.89 ? 73  LEU A N   1 
ATOM   501  C  CA  . LEU A 1 73  ? -9.575  8.588   -6.361  1.00 19.78 ? 73  LEU A CA  1 
ATOM   502  C  C   . LEU A 1 73  ? -10.931 8.920   -6.977  1.00 19.77 ? 73  LEU A C   1 
ATOM   503  O  O   . LEU A 1 73  ? -11.719 8.022   -7.271  1.00 22.20 ? 73  LEU A O   1 
ATOM   504  C  CB  . LEU A 1 73  ? -9.631  8.652   -4.839  1.00 21.72 ? 73  LEU A CB  1 
ATOM   505  C  CG  . LEU A 1 73  ? -9.718  7.368   -4.032  1.00 23.06 ? 73  LEU A CG  1 
ATOM   506  C  CD1 . LEU A 1 73  ? -8.679  6.350   -4.458  1.00 23.83 ? 73  LEU A CD1 1 
ATOM   507  C  CD2 . LEU A 1 73  ? -9.502  7.738   -2.584  1.00 23.39 ? 73  LEU A CD2 1 
ATOM   508  N  N   . GLY A 1 74  ? -11.181 10.210  -7.230  1.00 18.36 ? 74  GLY A N   1 
ATOM   509  C  CA  . GLY A 1 74  ? -12.418 10.696  -7.835  1.00 19.19 ? 74  GLY A CA  1 
ATOM   510  C  C   . GLY A 1 74  ? -12.549 10.365  -9.316  1.00 19.01 ? 74  GLY A C   1 
ATOM   511  O  O   . GLY A 1 74  ? -13.634 10.507  -9.884  1.00 19.93 ? 74  GLY A O   1 
ATOM   512  N  N   . ASP A 1 75  ? -11.441 9.973   -9.962  1.00 17.17 ? 75  ASP A N   1 
ATOM   513  C  CA  . ASP A 1 75  ? -11.450 9.516   -11.339 1.00 15.21 ? 75  ASP A CA  1 
ATOM   514  C  C   . ASP A 1 75  ? -10.889 8.101   -11.319 1.00 14.36 ? 75  ASP A C   1 
ATOM   515  O  O   . ASP A 1 75  ? -9.677  7.885   -11.399 1.00 14.83 ? 75  ASP A O   1 
ATOM   516  C  CB  . ASP A 1 75  ? -10.586 10.438  -12.195 1.00 15.02 ? 75  ASP A CB  1 
ATOM   517  C  CG  . ASP A 1 75  ? -10.596 10.148  -13.698 1.00 16.31 ? 75  ASP A CG  1 
ATOM   518  O  OD1 . ASP A 1 75  ? -10.943 9.046   -14.121 1.00 17.01 ? 75  ASP A OD1 1 
ATOM   519  O  OD2 . ASP A 1 75  ? -10.216 11.036  -14.458 1.00 19.28 ? 75  ASP A OD2 1 
ATOM   520  N  N   . GLU A 1 76  ? -11.804 7.130   -11.268 1.00 13.64 ? 76  GLU A N   1 
ATOM   521  C  CA  . GLU A 1 76  ? -11.451 5.730   -11.151 1.00 15.12 ? 76  GLU A CA  1 
ATOM   522  C  C   . GLU A 1 76  ? -10.563 5.214   -12.261 1.00 14.58 ? 76  GLU A C   1 
ATOM   523  O  O   . GLU A 1 76  ? -9.555  4.574   -11.972 1.00 13.98 ? 76  GLU A O   1 
ATOM   524  C  CB  . GLU A 1 76  ? -12.709 4.879   -11.103 1.00 18.44 ? 76  GLU A CB  1 
ATOM   525  C  CG  . GLU A 1 76  ? -12.396 3.404   -10.832 1.00 23.27 ? 76  GLU A CG  1 
ATOM   526  C  CD  . GLU A 1 76  ? -13.576 2.491   -10.502 1.00 28.74 ? 76  GLU A CD  1 
ATOM   527  O  OE1 . GLU A 1 76  ? -14.734 2.858   -10.721 1.00 30.26 ? 76  GLU A OE1 1 
ATOM   528  O  OE2 . GLU A 1 76  ? -13.320 1.391   -10.009 1.00 31.86 ? 76  GLU A OE2 1 
ATOM   529  N  N   . GLY A 1 77  ? -10.909 5.528   -13.515 1.00 13.66 ? 77  GLY A N   1 
ATOM   530  C  CA  . GLY A 1 77  ? -10.138 5.082   -14.664 1.00 13.26 ? 77  GLY A CA  1 
ATOM   531  C  C   . GLY A 1 77  ? -8.710  5.611   -14.643 1.00 13.46 ? 77  GLY A C   1 
ATOM   532  O  O   . GLY A 1 77  ? -7.793  4.897   -15.059 1.00 13.69 ? 77  GLY A O   1 
ATOM   533  N  N   . LYS A 1 78  ? -8.517  6.839   -14.136 1.00 11.90 ? 78  LYS A N   1 
ATOM   534  C  CA  . LYS A 1 78  ? -7.192  7.434   -14.023 1.00 13.96 ? 78  LYS A CA  1 
ATOM   535  C  C   . LYS A 1 78  ? -6.379  6.694   -12.965 1.00 13.82 ? 78  LYS A C   1 
ATOM   536  O  O   . LYS A 1 78  ? -5.243  6.294   -13.222 1.00 14.47 ? 78  LYS A O   1 
ATOM   537  C  CB  . LYS A 1 78  ? -7.291  8.885   -13.617 1.00 15.79 ? 78  LYS A CB  1 
ATOM   538  C  CG  . LYS A 1 78  ? -5.985  9.648   -13.738 1.00 20.21 ? 78  LYS A CG  1 
ATOM   539  C  CD  . LYS A 1 78  ? -6.233  11.077  -13.285 1.00 27.38 ? 78  LYS A CD  1 
ATOM   540  C  CE  . LYS A 1 78  ? -5.163  12.037  -13.806 1.00 32.56 ? 78  LYS A CE  1 
ATOM   541  N  NZ  . LYS A 1 78  ? -3.828  11.673  -13.363 1.00 37.31 ? 78  LYS A NZ  1 
ATOM   542  N  N   . MET A 1 79  ? -6.971  6.484   -11.784 1.00 13.04 ? 79  MET A N   1 
ATOM   543  C  CA  . MET A 1 79  ? -6.312  5.758   -10.708 1.00 13.53 ? 79  MET A CA  1 
ATOM   544  C  C   . MET A 1 79  ? -5.934  4.339   -11.142 1.00 13.06 ? 79  MET A C   1 
ATOM   545  O  O   . MET A 1 79  ? -4.804  3.897   -10.925 1.00 12.94 ? 79  MET A O   1 
ATOM   546  C  CB  . MET A 1 79  ? -7.254  5.735   -9.503  1.00 13.86 ? 79  MET A CB  1 
ATOM   547  C  CG  . MET A 1 79  ? -6.677  5.137   -8.217  1.00 17.45 ? 79  MET A CG  1 
ATOM   548  S  SD  . MET A 1 79  ? -6.587  3.327   -8.207  1.00 25.00 ? 79  MET A SD  1 
ATOM   549  C  CE  . MET A 1 79  ? -8.241  2.999   -7.666  1.00 21.15 ? 79  MET A CE  1 
ATOM   550  N  N   . VAL A 1 80  ? -6.860  3.618   -11.791 1.00 12.19 ? 80  VAL A N   1 
ATOM   551  C  CA  . VAL A 1 80  ? -6.607  2.261   -12.251 1.00 12.50 ? 80  VAL A CA  1 
ATOM   552  C  C   . VAL A 1 80  ? -5.507  2.215   -13.294 1.00 12.71 ? 80  VAL A C   1 
ATOM   553  O  O   . VAL A 1 80  ? -4.655  1.333   -13.204 1.00 13.72 ? 80  VAL A O   1 
ATOM   554  C  CB  . VAL A 1 80  ? -7.907  1.655   -12.825 1.00 13.73 ? 80  VAL A CB  1 
ATOM   555  C  CG1 . VAL A 1 80  ? -7.656  0.306   -13.507 1.00 15.26 ? 80  VAL A CG1 1 
ATOM   556  C  CG2 . VAL A 1 80  ? -8.876  1.442   -11.670 1.00 15.09 ? 80  VAL A CG2 1 
ATOM   557  N  N   . ALA A 1 81  ? -5.499  3.151   -14.256 1.00 12.81 ? 81  ALA A N   1 
ATOM   558  C  CA  . ALA A 1 81  ? -4.484  3.190   -15.305 1.00 13.67 ? 81  ALA A CA  1 
ATOM   559  C  C   . ALA A 1 81  ? -3.078  3.352   -14.750 1.00 13.52 ? 81  ALA A C   1 
ATOM   560  O  O   . ALA A 1 81  ? -2.162  2.635   -15.152 1.00 14.13 ? 81  ALA A O   1 
ATOM   561  C  CB  . ALA A 1 81  ? -4.751  4.346   -16.259 1.00 14.14 ? 81  ALA A CB  1 
ATOM   562  N  N   . GLU A 1 82  ? -2.913  4.258   -13.778 1.00 13.54 ? 82  GLU A N   1 
ATOM   563  C  CA  . GLU A 1 82  ? -1.634  4.468   -13.105 1.00 16.49 ? 82  GLU A CA  1 
ATOM   564  C  C   . GLU A 1 82  ? -1.115  3.247   -12.372 1.00 14.03 ? 82  GLU A C   1 
ATOM   565  O  O   . GLU A 1 82  ? 0.046   2.888   -12.526 1.00 14.29 ? 82  GLU A O   1 
ATOM   566  C  CB  . GLU A 1 82  ? -1.683  5.496   -12.039 1.00 20.91 ? 82  GLU A CB  1 
ATOM   567  C  CG  . GLU A 1 82  ? -2.105  6.857   -12.435 1.00 33.67 ? 82  GLU A CG  1 
ATOM   568  C  CD  . GLU A 1 82  ? -1.833  7.777   -11.270 1.00 40.06 ? 82  GLU A CD  1 
ATOM   569  O  OE1 . GLU A 1 82  ? -1.004  8.673   -11.449 1.00 44.26 ? 82  GLU A OE1 1 
ATOM   570  O  OE2 . GLU A 1 82  ? -2.433  7.580   -10.203 1.00 43.22 ? 82  GLU A OE2 1 
ATOM   571  N  N   . MET A 1 83  ? -1.983  2.643   -11.543 1.00 12.49 ? 83  MET A N   1 
ATOM   572  C  CA  . MET A 1 83  ? -1.632  1.465   -10.768 1.00 11.80 ? 83  MET A CA  1 
ATOM   573  C  C   . MET A 1 83  ? -1.411  0.244   -11.639 1.00 11.93 ? 83  MET A C   1 
ATOM   574  O  O   . MET A 1 83  ? -0.595  -0.607  -11.304 1.00 11.55 ? 83  MET A O   1 
ATOM   575  C  CB  . MET A 1 83  ? -2.717  1.149   -9.742  1.00 11.13 ? 83  MET A CB  1 
ATOM   576  C  CG  . MET A 1 83  ? -2.839  2.178   -8.622  1.00 11.75 ? 83  MET A CG  1 
ATOM   577  S  SD  . MET A 1 83  ? -1.274  2.620   -7.811  1.00 14.64 ? 83  MET A SD  1 
ATOM   578  C  CE  . MET A 1 83  ? -0.686  1.039   -7.285  1.00 11.84 ? 83  MET A CE  1 
ATOM   579  N  N   . LYS A 1 84  ? -2.115  0.154   -12.774 1.00 12.16 ? 84  LYS A N   1 
ATOM   580  C  CA  . LYS A 1 84  ? -1.909  -0.922  -13.724 1.00 14.23 ? 84  LYS A CA  1 
ATOM   581  C  C   . LYS A 1 84  ? -0.487  -0.809  -14.294 1.00 12.55 ? 84  LYS A C   1 
ATOM   582  O  O   . LYS A 1 84  ? 0.211   -1.817  -14.432 1.00 13.03 ? 84  LYS A O   1 
ATOM   583  C  CB  . LYS A 1 84  ? -2.951  -0.814  -14.837 1.00 16.43 ? 84  LYS A CB  1 
ATOM   584  C  CG  . LYS A 1 84  ? -3.113  -2.149  -15.522 1.00 25.72 ? 84  LYS A CG  1 
ATOM   585  C  CD  . LYS A 1 84  ? -3.787  -2.037  -16.885 1.00 30.45 ? 84  LYS A CD  1 
ATOM   586  C  CE  . LYS A 1 84  ? -3.620  -3.345  -17.669 1.00 33.06 ? 84  LYS A CE  1 
ATOM   587  N  NZ  . LYS A 1 84  ? -2.217  -3.608  -17.967 1.00 33.41 ? 84  LYS A NZ  1 
ATOM   588  N  N   . ALA A 1 85  ? -0.014  0.421   -14.563 1.00 12.24 ? 85  ALA A N   1 
ATOM   589  C  CA  . ALA A 1 85  ? 1.340   0.656   -15.053 1.00 11.60 ? 85  ALA A CA  1 
ATOM   590  C  C   . ALA A 1 85  ? 2.398   0.278   -14.022 1.00 11.78 ? 85  ALA A C   1 
ATOM   591  O  O   . ALA A 1 85  ? 3.430   -0.299  -14.371 1.00 12.08 ? 85  ALA A O   1 
ATOM   592  C  CB  . ALA A 1 85  ? 1.525   2.115   -15.402 1.00 13.08 ? 85  ALA A CB  1 
ATOM   593  N  N   . VAL A 1 86  ? 2.132   0.580   -12.738 1.00 10.88 ? 86  VAL A N   1 
ATOM   594  C  CA  . VAL A 1 86  ? 2.988   0.138   -11.635 1.00 11.26 ? 86  VAL A CA  1 
ATOM   595  C  C   . VAL A 1 86  ? 3.044   -1.395  -11.624 1.00 10.51 ? 86  VAL A C   1 
ATOM   596  O  O   . VAL A 1 86  ? 4.120   -1.974  -11.480 1.00 10.85 ? 86  VAL A O   1 
ATOM   597  C  CB  . VAL A 1 86  ? 2.423   0.676   -10.280 1.00 11.92 ? 86  VAL A CB  1 
ATOM   598  C  CG1 . VAL A 1 86  ? 3.243   0.160   -9.102  1.00 12.69 ? 86  VAL A CG1 1 
ATOM   599  C  CG2 . VAL A 1 86  ? 2.496   2.193   -10.261 1.00 11.68 ? 86  VAL A CG2 1 
ATOM   600  N  N   . GLY A 1 87  ? 1.889   -2.047  -11.852 1.00 11.20 ? 87  GLY A N   1 
ATOM   601  C  CA  . GLY A 1 87  ? 1.746   -3.493  -11.888 1.00 10.60 ? 87  GLY A CA  1 
ATOM   602  C  C   . GLY A 1 87  ? 2.559   -4.153  -12.988 1.00 12.44 ? 87  GLY A C   1 
ATOM   603  O  O   . GLY A 1 87  ? 3.191   -5.191  -12.762 1.00 12.25 ? 87  GLY A O   1 
ATOM   604  N  N   . VAL A 1 88  ? 2.547   -3.557  -14.190 1.00 12.09 ? 88  VAL A N   1 
ATOM   605  C  CA  . VAL A 1 88  ? 3.334   -4.061  -15.314 1.00 12.54 ? 88  VAL A CA  1 
ATOM   606  C  C   . VAL A 1 88  ? 4.818   -4.023  -14.955 1.00 12.41 ? 88  VAL A C   1 
ATOM   607  O  O   . VAL A 1 88  ? 5.541   -4.969  -15.274 1.00 12.81 ? 88  VAL A O   1 
ATOM   608  C  CB  . VAL A 1 88  ? 3.054   -3.208  -16.581 1.00 14.14 ? 88  VAL A CB  1 
ATOM   609  C  CG1 . VAL A 1 88  ? 3.980   -3.611  -17.738 1.00 14.25 ? 88  VAL A CG1 1 
ATOM   610  C  CG2 . VAL A 1 88  ? 1.610   -3.438  -17.023 1.00 13.64 ? 88  VAL A CG2 1 
ATOM   611  N  N   . ARG A 1 89  ? 5.284   -2.975  -14.253 1.00 12.30 ? 89  ARG A N   1 
ATOM   612  C  CA  . ARG A 1 89  ? 6.678   -2.922  -13.826 1.00 12.68 ? 89  ARG A CA  1 
ATOM   613  C  C   . ARG A 1 89  ? 7.023   -4.016  -12.827 1.00 12.04 ? 89  ARG A C   1 
ATOM   614  O  O   . ARG A 1 89  ? 8.159   -4.493  -12.819 1.00 13.50 ? 89  ARG A O   1 
ATOM   615  C  CB  . ARG A 1 89  ? 6.989   -1.561  -13.216 1.00 13.54 ? 89  ARG A CB  1 
ATOM   616  C  CG  . ARG A 1 89  ? 6.850   -0.481  -14.282 1.00 14.21 ? 89  ARG A CG  1 
ATOM   617  C  CD  . ARG A 1 89  ? 7.543   0.822   -13.905 1.00 15.11 ? 89  ARG A CD  1 
ATOM   618  N  NE  . ARG A 1 89  ? 6.936   1.498   -12.774 1.00 16.71 ? 89  ARG A NE  1 
ATOM   619  C  CZ  . ARG A 1 89  ? 5.982   2.428   -12.885 1.00 16.27 ? 89  ARG A CZ  1 
ATOM   620  N  NH1 . ARG A 1 89  ? 5.506   2.801   -14.073 1.00 19.19 ? 89  ARG A NH1 1 
ATOM   621  N  NH2 . ARG A 1 89  ? 5.525   3.016   -11.781 1.00 16.80 ? 89  ARG A NH2 1 
ATOM   622  N  N   . HIS A 1 90  ? 6.058   -4.466  -11.998 1.00 10.76 ? 90  HIS A N   1 
ATOM   623  C  CA  . HIS A 1 90  ? 6.330   -5.540  -11.041 1.00 12.03 ? 90  HIS A CA  1 
ATOM   624  C  C   . HIS A 1 90  ? 6.583   -6.923  -11.650 1.00 13.48 ? 90  HIS A C   1 
ATOM   625  O  O   . HIS A 1 90  ? 7.044   -7.829  -10.952 1.00 13.48 ? 90  HIS A O   1 
ATOM   626  C  CB  . HIS A 1 90  ? 5.185   -5.655  -10.010 1.00 11.11 ? 90  HIS A CB  1 
ATOM   627  C  CG  . HIS A 1 90  ? 5.274   -4.537  -8.981  1.00 12.19 ? 90  HIS A CG  1 
ATOM   628  N  ND1 . HIS A 1 90  ? 5.147   -3.238  -9.221  1.00 11.88 ? 90  HIS A ND1 1 
ATOM   629  C  CD2 . HIS A 1 90  ? 5.567   -4.702  -7.649  1.00 11.91 ? 90  HIS A CD2 1 
ATOM   630  C  CE1 . HIS A 1 90  ? 5.368   -2.621  -8.085  1.00 12.90 ? 90  HIS A CE1 1 
ATOM   631  N  NE2 . HIS A 1 90  ? 5.617   -3.497  -7.141  1.00 12.65 ? 90  HIS A NE2 1 
ATOM   632  N  N   . LYS A 1 91  ? 6.302   -7.132  -12.948 1.00 14.30 ? 91  LYS A N   1 
ATOM   633  C  CA  . LYS A 1 91  ? 6.671   -8.359  -13.640 1.00 14.97 ? 91  LYS A CA  1 
ATOM   634  C  C   . LYS A 1 91  ? 8.181   -8.609  -13.548 1.00 15.89 ? 91  LYS A C   1 
ATOM   635  O  O   . LYS A 1 91  ? 8.605   -9.753  -13.387 1.00 17.81 ? 91  LYS A O   1 
ATOM   636  C  CB  . LYS A 1 91  ? 6.270   -8.260  -15.096 1.00 13.99 ? 91  LYS A CB  1 
ATOM   637  C  CG  . LYS A 1 91  ? 4.771   -8.249  -15.347 1.00 13.62 ? 91  LYS A CG  1 
ATOM   638  C  CD  . LYS A 1 91  ? 4.535   -7.950  -16.823 1.00 14.28 ? 91  LYS A CD  1 
ATOM   639  C  CE  . LYS A 1 91  ? 3.059   -7.981  -17.174 1.00 14.98 ? 91  LYS A CE  1 
ATOM   640  N  NZ  . LYS A 1 91  ? 2.543   -9.329  -17.054 1.00 16.93 ? 91  LYS A NZ  1 
ATOM   641  N  N   . GLY A 1 92  ? 8.987   -7.534  -13.578 1.00 15.98 ? 92  GLY A N   1 
ATOM   642  C  CA  . GLY A 1 92  ? 10.436  -7.640  -13.530 1.00 16.80 ? 92  GLY A CA  1 
ATOM   643  C  C   . GLY A 1 92  ? 11.056  -7.373  -12.161 1.00 17.39 ? 92  GLY A C   1 
ATOM   644  O  O   . GLY A 1 92  ? 12.277  -7.265  -12.072 1.00 17.53 ? 92  GLY A O   1 
ATOM   645  N  N   . TYR A 1 93  ? 10.269  -7.277  -11.078 1.00 16.70 ? 93  TYR A N   1 
ATOM   646  C  CA  . TYR A 1 93  ? 10.786  -6.978  -9.743  1.00 16.41 ? 93  TYR A CA  1 
ATOM   647  C  C   . TYR A 1 93  ? 10.969  -8.189  -8.839  1.00 16.59 ? 93  TYR A C   1 
ATOM   648  O  O   . TYR A 1 93  ? 10.291  -9.203  -9.006  1.00 16.60 ? 93  TYR A O   1 
ATOM   649  C  CB  . TYR A 1 93  ? 9.852   -5.982  -9.038  1.00 14.25 ? 93  TYR A CB  1 
ATOM   650  C  CG  . TYR A 1 93  ? 9.818   -4.580  -9.625  1.00 14.25 ? 93  TYR A CG  1 
ATOM   651  C  CD1 . TYR A 1 93  ? 10.764  -4.165  -10.567 1.00 15.13 ? 93  TYR A CD1 1 
ATOM   652  C  CD2 . TYR A 1 93  ? 8.839   -3.685  -9.194  1.00 13.81 ? 93  TYR A CD2 1 
ATOM   653  C  CE1 . TYR A 1 93  ? 10.737  -2.868  -11.069 1.00 14.19 ? 93  TYR A CE1 1 
ATOM   654  C  CE2 . TYR A 1 93  ? 8.808   -2.383  -9.693  1.00 13.08 ? 93  TYR A CE2 1 
ATOM   655  C  CZ  . TYR A 1 93  ? 9.762   -1.987  -10.626 1.00 15.12 ? 93  TYR A CZ  1 
ATOM   656  O  OH  . TYR A 1 93  ? 9.776   -0.696  -11.108 1.00 16.25 ? 93  TYR A OH  1 
ATOM   657  N  N   . GLY A 1 94  ? 11.890  -8.051  -7.862  1.00 17.77 ? 94  GLY A N   1 
ATOM   658  C  CA  . GLY A 1 94  ? 12.209  -9.055  -6.849  1.00 16.47 ? 94  GLY A CA  1 
ATOM   659  C  C   . GLY A 1 94  ? 12.649  -10.392 -7.432  1.00 17.78 ? 94  GLY A C   1 
ATOM   660  O  O   . GLY A 1 94  ? 13.534  -10.454 -8.288  1.00 18.82 ? 94  GLY A O   1 
ATOM   661  N  N   . ASN A 1 95  ? 12.011  -11.479 -6.981  1.00 19.22 ? 95  ASN A N   1 
ATOM   662  C  CA  . ASN A 1 95  ? 12.292  -12.811 -7.508  1.00 20.39 ? 95  ASN A CA  1 
ATOM   663  C  C   . ASN A 1 95  ? 11.560  -13.075 -8.831  1.00 21.08 ? 95  ASN A C   1 
ATOM   664  O  O   . ASN A 1 95  ? 11.654  -14.169 -9.388  1.00 22.31 ? 95  ASN A O   1 
ATOM   665  C  CB  . ASN A 1 95  ? 11.889  -13.866 -6.466  1.00 21.28 ? 95  ASN A CB  1 
ATOM   666  C  CG  . ASN A 1 95  ? 10.391  -14.090 -6.277  1.00 20.70 ? 95  ASN A CG  1 
ATOM   667  O  OD1 . ASN A 1 95  ? 9.538   -13.301 -6.684  1.00 21.94 ? 95  ASN A OD1 1 
ATOM   668  N  ND2 . ASN A 1 95  ? 10.036  -15.205 -5.652  1.00 22.88 ? 95  ASN A ND2 1 
ATOM   669  N  N   . LYS A 1 96  ? 10.809  -12.062 -9.309  1.00 20.90 ? 96  LYS A N   1 
ATOM   670  C  CA  . LYS A 1 96  ? 10.012  -12.024 -10.536 1.00 22.23 ? 96  LYS A CA  1 
ATOM   671  C  C   . LYS A 1 96  ? 8.856   -13.016 -10.582 1.00 22.16 ? 96  LYS A C   1 
ATOM   672  O  O   . LYS A 1 96  ? 8.312   -13.350 -11.641 1.00 23.18 ? 96  LYS A O   1 
ATOM   673  C  CB  . LYS A 1 96  ? 10.913  -12.241 -11.767 1.00 23.42 ? 96  LYS A CB  1 
ATOM   674  C  CG  . LYS A 1 96  ? 12.001  -11.189 -11.906 1.00 26.19 ? 96  LYS A CG  1 
ATOM   675  C  CD  . LYS A 1 96  ? 12.822  -11.486 -13.142 1.00 31.08 ? 96  LYS A CD  1 
ATOM   676  C  CE  . LYS A 1 96  ? 14.031  -10.574 -13.173 1.00 33.28 ? 96  LYS A CE  1 
ATOM   677  N  NZ  . LYS A 1 96  ? 14.855  -10.892 -14.325 1.00 38.52 ? 96  LYS A NZ  1 
ATOM   678  N  N   . HIS A 1 97  ? 8.460   -13.455 -9.382  1.00 21.52 ? 97  HIS A N   1 
ATOM   679  C  CA  . HIS A 1 97  ? 7.339   -14.357 -9.203  1.00 21.96 ? 97  HIS A CA  1 
ATOM   680  C  C   . HIS A 1 97  ? 6.408   -13.823 -8.123  1.00 20.28 ? 97  HIS A C   1 
ATOM   681  O  O   . HIS A 1 97  ? 5.974   -14.538 -7.216  1.00 21.20 ? 97  HIS A O   1 
ATOM   682  C  CB  . HIS A 1 97  ? 7.857   -15.754 -8.829  1.00 27.25 ? 97  HIS A CB  1 
ATOM   683  C  CG  . HIS A 1 97  ? 8.670   -16.404 -9.942  1.00 32.39 ? 97  HIS A CG  1 
ATOM   684  N  ND1 . HIS A 1 97  ? 9.993   -16.503 -10.017 1.00 33.94 ? 97  HIS A ND1 1 
ATOM   685  C  CD2 . HIS A 1 97  ? 8.128   -16.969 -11.073 1.00 34.13 ? 97  HIS A CD2 1 
ATOM   686  C  CE1 . HIS A 1 97  ? 10.259  -17.104 -11.152 1.00 35.24 ? 97  HIS A CE1 1 
ATOM   687  N  NE2 . HIS A 1 97  ? 9.141   -17.383 -11.783 1.00 35.96 ? 97  HIS A NE2 1 
ATOM   688  N  N   . ILE A 1 98  ? 6.092   -12.527 -8.213  1.00 17.27 ? 98  ILE A N   1 
ATOM   689  C  CA  . ILE A 1 98  ? 5.151   -11.899 -7.297  1.00 16.48 ? 98  ILE A CA  1 
ATOM   690  C  C   . ILE A 1 98  ? 3.759   -12.425 -7.652  1.00 18.38 ? 98  ILE A C   1 
ATOM   691  O  O   . ILE A 1 98  ? 3.300   -12.381 -8.799  1.00 19.08 ? 98  ILE A O   1 
ATOM   692  C  CB  . ILE A 1 98  ? 5.236   -10.359 -7.451  1.00 15.22 ? 98  ILE A CB  1 
ATOM   693  C  CG1 . ILE A 1 98  ? 6.652   -9.896  -7.129  1.00 15.63 ? 98  ILE A CG1 1 
ATOM   694  C  CG2 . ILE A 1 98  ? 4.241   -9.679  -6.512  1.00 14.51 ? 98  ILE A CG2 1 
ATOM   695  C  CD1 . ILE A 1 98  ? 6.944   -8.424  -7.464  1.00 15.21 ? 98  ILE A CD1 1 
ATOM   696  N  N   . LYS A 1 99  ? 3.123   -12.995 -6.628  1.00 17.89 ? 99  LYS A N   1 
ATOM   697  C  CA  . LYS A 1 99  ? 1.803   -13.600 -6.740  1.00 18.70 ? 99  LYS A CA  1 
ATOM   698  C  C   . LYS A 1 99  ? 0.707   -12.741 -6.135  1.00 17.55 ? 99  LYS A C   1 
ATOM   699  O  O   . LYS A 1 99  ? 0.913   -12.001 -5.168  1.00 16.70 ? 99  LYS A O   1 
ATOM   700  C  CB  . LYS A 1 99  ? 1.810   -14.947 -6.048  1.00 20.18 ? 99  LYS A CB  1 
ATOM   701  C  CG  . LYS A 1 99  ? 2.579   -16.014 -6.814  1.00 26.14 ? 99  LYS A CG  1 
ATOM   702  C  CD  . LYS A 1 99  ? 2.919   -17.208 -5.926  1.00 32.22 ? 99  LYS A CD  1 
ATOM   703  C  CE  . LYS A 1 99  ? 1.704   -17.887 -5.277  1.00 36.89 ? 99  LYS A CE  1 
ATOM   704  N  NZ  . LYS A 1 99  ? 2.113   -19.029 -4.475  1.00 39.65 ? 99  LYS A NZ  1 
ATOM   705  N  N   . ALA A 1 100 ? -0.493  -12.867 -6.708  1.00 17.32 ? 100 ALA A N   1 
ATOM   706  C  CA  . ALA A 1 100 ? -1.665  -12.142 -6.238  1.00 16.73 ? 100 ALA A CA  1 
ATOM   707  C  C   . ALA A 1 100 ? -1.985  -12.404 -4.763  1.00 15.81 ? 100 ALA A C   1 
ATOM   708  O  O   . ALA A 1 100 ? -2.413  -11.497 -4.044  1.00 14.31 ? 100 ALA A O   1 
ATOM   709  C  CB  . ALA A 1 100 ? -2.874  -12.539 -7.083  1.00 16.26 ? 100 ALA A CB  1 
ATOM   710  N  N   . GLU A 1 101 ? -1.688  -13.630 -4.302  1.00 15.34 ? 101 GLU A N   1 
ATOM   711  C  CA  . GLU A 1 101 ? -1.923  -14.074 -2.930  1.00 17.46 ? 101 GLU A CA  1 
ATOM   712  C  C   . GLU A 1 101 ? -1.186  -13.268 -1.870  1.00 16.70 ? 101 GLU A C   1 
ATOM   713  O  O   . GLU A 1 101 ? -1.608  -13.204 -0.717  1.00 17.03 ? 101 GLU A O   1 
ATOM   714  C  CB  . GLU A 1 101 ? -1.507  -15.535 -2.743  1.00 19.11 ? 101 GLU A CB  1 
ATOM   715  C  CG  . GLU A 1 101 ? -2.370  -16.604 -3.396  1.00 25.58 ? 101 GLU A CG  1 
ATOM   716  C  CD  . GLU A 1 101 ? -2.430  -16.612 -4.923  1.00 29.20 ? 101 GLU A CD  1 
ATOM   717  O  OE1 . GLU A 1 101 ? -1.409  -16.391 -5.577  1.00 28.23 ? 101 GLU A OE1 1 
ATOM   718  O  OE2 . GLU A 1 101 ? -3.517  -16.848 -5.456  1.00 32.85 ? 101 GLU A OE2 1 
ATOM   719  N  N   . TYR A 1 102 ? -0.072  -12.655 -2.268  1.00 14.73 ? 102 TYR A N   1 
ATOM   720  C  CA  . TYR A 1 102 ? 0.768   -11.897 -1.355  1.00 14.27 ? 102 TYR A CA  1 
ATOM   721  C  C   . TYR A 1 102 ? 0.220   -10.537 -0.948  1.00 14.71 ? 102 TYR A C   1 
ATOM   722  O  O   . TYR A 1 102 ? 0.608   -9.984  0.085   1.00 13.81 ? 102 TYR A O   1 
ATOM   723  C  CB  . TYR A 1 102 ? 2.145   -11.686 -1.980  1.00 14.85 ? 102 TYR A CB  1 
ATOM   724  C  CG  . TYR A 1 102 ? 2.918   -12.941 -2.362  1.00 14.66 ? 102 TYR A CG  1 
ATOM   725  C  CD1 . TYR A 1 102 ? 2.578   -14.193 -1.833  1.00 16.02 ? 102 TYR A CD1 1 
ATOM   726  C  CD2 . TYR A 1 102 ? 3.993   -12.826 -3.250  1.00 13.43 ? 102 TYR A CD2 1 
ATOM   727  C  CE1 . TYR A 1 102 ? 3.310   -15.326 -2.188  1.00 16.19 ? 102 TYR A CE1 1 
ATOM   728  C  CE2 . TYR A 1 102 ? 4.729   -13.957 -3.604  1.00 15.11 ? 102 TYR A CE2 1 
ATOM   729  C  CZ  . TYR A 1 102 ? 4.379   -15.195 -3.068  1.00 15.84 ? 102 TYR A CZ  1 
ATOM   730  O  OH  . TYR A 1 102 ? 5.105   -16.315 -3.403  1.00 18.07 ? 102 TYR A OH  1 
ATOM   731  N  N   . PHE A 1 103 ? -0.691  -9.983  -1.751  1.00 14.31 ? 103 PHE A N   1 
ATOM   732  C  CA  . PHE A 1 103 ? -1.212  -8.647  -1.505  1.00 15.01 ? 103 PHE A CA  1 
ATOM   733  C  C   . PHE A 1 103 ? -2.187  -8.532  -0.359  1.00 14.59 ? 103 PHE A C   1 
ATOM   734  O  O   . PHE A 1 103 ? -2.213  -7.484  0.281   1.00 13.19 ? 103 PHE A O   1 
ATOM   735  C  CB  . PHE A 1 103 ? -1.871  -8.108  -2.769  1.00 14.37 ? 103 PHE A CB  1 
ATOM   736  C  CG  . PHE A 1 103 ? -0.813  -7.779  -3.809  1.00 13.82 ? 103 PHE A CG  1 
ATOM   737  C  CD1 . PHE A 1 103 ? -0.257  -8.800  -4.591  1.00 13.38 ? 103 PHE A CD1 1 
ATOM   738  C  CD2 . PHE A 1 103 ? -0.401  -6.456  -3.972  1.00 13.74 ? 103 PHE A CD2 1 
ATOM   739  C  CE1 . PHE A 1 103 ? 0.718   -8.487  -5.539  1.00 14.92 ? 103 PHE A CE1 1 
ATOM   740  C  CE2 . PHE A 1 103 ? 0.573   -6.156  -4.924  1.00 14.95 ? 103 PHE A CE2 1 
ATOM   741  C  CZ  . PHE A 1 103 ? 1.135   -7.167  -5.708  1.00 15.13 ? 103 PHE A CZ  1 
ATOM   742  N  N   . GLU A 1 104 ? -2.960  -9.583  -0.057  1.00 16.40 ? 104 GLU A N   1 
ATOM   743  C  CA  . GLU A 1 104 ? -3.895  -9.494  1.055   1.00 19.58 ? 104 GLU A CA  1 
ATOM   744  C  C   . GLU A 1 104 ? -3.195  -9.380  2.418   1.00 17.34 ? 104 GLU A C   1 
ATOM   745  O  O   . GLU A 1 104 ? -3.545  -8.430  3.125   1.00 15.12 ? 104 GLU A O   1 
ATOM   746  C  CB  . GLU A 1 104 ? -4.846  -10.707 1.040   1.00 24.40 ? 104 GLU A CB  1 
ATOM   747  C  CG  . GLU A 1 104 ? -5.935  -10.537 2.113   1.00 34.06 ? 104 GLU A CG  1 
ATOM   748  C  CD  . GLU A 1 104 ? -7.039  -11.587 2.187   1.00 39.76 ? 104 GLU A CD  1 
ATOM   749  O  OE1 . GLU A 1 104 ? -8.086  -11.259 2.753   1.00 42.42 ? 104 GLU A OE1 1 
ATOM   750  O  OE2 . GLU A 1 104 ? -6.862  -12.713 1.704   1.00 42.49 ? 104 GLU A OE2 1 
ATOM   751  N  N   . PRO A 1 105 ? -2.213  -10.199 2.864   1.00 16.54 ? 105 PRO A N   1 
ATOM   752  C  CA  . PRO A 1 105 ? -1.469  -9.947  4.096   1.00 16.34 ? 105 PRO A CA  1 
ATOM   753  C  C   . PRO A 1 105 ? -0.715  -8.620  4.142   1.00 15.50 ? 105 PRO A C   1 
ATOM   754  O  O   . PRO A 1 105 ? -0.561  -8.044  5.222   1.00 16.97 ? 105 PRO A O   1 
ATOM   755  C  CB  . PRO A 1 105 ? -0.572  -11.170 4.231   1.00 16.91 ? 105 PRO A CB  1 
ATOM   756  C  CG  . PRO A 1 105 ? -0.399  -11.675 2.830   1.00 17.54 ? 105 PRO A CG  1 
ATOM   757  C  CD  . PRO A 1 105 ? -1.795  -11.473 2.281   1.00 17.16 ? 105 PRO A CD  1 
ATOM   758  N  N   . LEU A 1 106 ? -0.261  -8.097  2.992   1.00 14.19 ? 106 LEU A N   1 
ATOM   759  C  CA  . LEU A 1 106 ? 0.406   -6.800  2.936   1.00 13.04 ? 106 LEU A CA  1 
ATOM   760  C  C   . LEU A 1 106 ? -0.570  -5.695  3.329   1.00 11.97 ? 106 LEU A C   1 
ATOM   761  O  O   . LEU A 1 106 ? -0.205  -4.786  4.075   1.00 12.39 ? 106 LEU A O   1 
ATOM   762  C  CB  . LEU A 1 106 ? 0.941   -6.548  1.521   1.00 13.65 ? 106 LEU A CB  1 
ATOM   763  C  CG  . LEU A 1 106 ? 1.632   -5.215  1.266   1.00 15.34 ? 106 LEU A CG  1 
ATOM   764  C  CD1 . LEU A 1 106 ? 2.877   -5.115  2.126   1.00 17.97 ? 106 LEU A CD1 1 
ATOM   765  C  CD2 . LEU A 1 106 ? 2.009   -5.106  -0.192  1.00 17.24 ? 106 LEU A CD2 1 
ATOM   766  N  N   . GLY A 1 107 ? -1.828  -5.808  2.881   1.00 11.28 ? 107 GLY A N   1 
ATOM   767  C  CA  . GLY A 1 107 ? -2.896  -4.872  3.209   1.00 11.78 ? 107 GLY A CA  1 
ATOM   768  C  C   . GLY A 1 107 ? -3.158  -4.785  4.702   1.00 11.51 ? 107 GLY A C   1 
ATOM   769  O  O   . GLY A 1 107 ? -3.348  -3.692  5.233   1.00 12.06 ? 107 GLY A O   1 
ATOM   770  N  N   . ALA A 1 108 ? -3.137  -5.940  5.383   1.00 12.11 ? 108 ALA A N   1 
ATOM   771  C  CA  . ALA A 1 108 ? -3.305  -5.984  6.830   1.00 12.93 ? 108 ALA A CA  1 
ATOM   772  C  C   . ALA A 1 108 ? -2.165  -5.253  7.545   1.00 13.16 ? 108 ALA A C   1 
ATOM   773  O  O   . ALA A 1 108 ? -2.425  -4.462  8.449   1.00 13.84 ? 108 ALA A O   1 
ATOM   774  C  CB  . ALA A 1 108 ? -3.340  -7.433  7.295   1.00 13.68 ? 108 ALA A CB  1 
ATOM   775  N  N   . SER A 1 109 ? -0.901  -5.443  7.126   1.00 12.54 ? 109 SER A N   1 
ATOM   776  C  CA  . SER A 1 109 ? 0.238   -4.730  7.707   1.00 12.74 ? 109 SER A CA  1 
ATOM   777  C  C   . SER A 1 109 ? 0.155   -3.230  7.469   1.00 11.87 ? 109 SER A C   1 
ATOM   778  O  O   . SER A 1 109 ? 0.516   -2.438  8.338   1.00 12.17 ? 109 SER A O   1 
ATOM   779  C  CB  . SER A 1 109 ? 1.559   -5.217  7.112   1.00 13.80 ? 109 SER A CB  1 
ATOM   780  O  OG  . SER A 1 109 ? 1.735   -6.610  7.312   1.00 22.37 ? 109 SER A OG  1 
ATOM   781  N  N   . LEU A 1 110 ? -0.325  -2.823  6.281   1.00 11.57 ? 110 LEU A N   1 
ATOM   782  C  CA  . LEU A 1 110 ? -0.474  -1.413  5.951   1.00 11.61 ? 110 LEU A CA  1 
ATOM   783  C  C   . LEU A 1 110 ? -1.466  -0.702  6.864   1.00 10.91 ? 110 LEU A C   1 
ATOM   784  O  O   . LEU A 1 110 ? -1.132  0.348   7.418   1.00 10.26 ? 110 LEU A O   1 
ATOM   785  C  CB  . LEU A 1 110 ? -0.934  -1.256  4.501   1.00 12.29 ? 110 LEU A CB  1 
ATOM   786  C  CG  . LEU A 1 110 ? -1.089  0.175   3.984   1.00 13.62 ? 110 LEU A CG  1 
ATOM   787  C  CD1 . LEU A 1 110 ? 0.269   0.864   3.960   1.00 13.54 ? 110 LEU A CD1 1 
ATOM   788  C  CD2 . LEU A 1 110 ? -1.712  0.148   2.603   1.00 15.74 ? 110 LEU A CD2 1 
ATOM   789  N  N   . LEU A 1 111 ? -2.668  -1.270  7.042   1.00 11.33 ? 111 LEU A N   1 
ATOM   790  C  CA  . LEU A 1 111 ? -3.680  -0.662  7.898   1.00 12.66 ? 111 LEU A CA  1 
ATOM   791  C  C   . LEU A 1 111 ? -3.260  -0.584  9.366   1.00 12.26 ? 111 LEU A C   1 
ATOM   792  O  O   . LEU A 1 111 ? -3.548  0.394   10.063  1.00 11.88 ? 111 LEU A O   1 
ATOM   793  C  CB  . LEU A 1 111 ? -4.985  -1.451  7.751   1.00 15.93 ? 111 LEU A CB  1 
ATOM   794  C  CG  . LEU A 1 111 ? -6.053  -0.926  6.775   1.00 17.89 ? 111 LEU A CG  1 
ATOM   795  C  CD1 . LEU A 1 111 ? -5.486  -0.663  5.393   1.00 20.20 ? 111 LEU A CD1 1 
ATOM   796  C  CD2 . LEU A 1 111 ? -7.151  -1.965  6.690   1.00 19.21 ? 111 LEU A CD2 1 
ATOM   797  N  N   . SER A 1 112 ? -2.515  -1.600  9.814   1.00 12.12 ? 112 SER A N   1 
ATOM   798  C  CA  . SER A 1 112 ? -1.954  -1.615  11.157  1.00 14.75 ? 112 SER A CA  1 
ATOM   799  C  C   . SER A 1 112 ? -0.912  -0.502  11.333  1.00 14.09 ? 112 SER A C   1 
ATOM   800  O  O   . SER A 1 112 ? -0.913  0.188   12.358  1.00 15.42 ? 112 SER A O   1 
ATOM   801  C  CB  . SER A 1 112 ? -1.325  -2.982  11.403  1.00 16.17 ? 112 SER A CB  1 
ATOM   802  O  OG  . SER A 1 112 ? -0.765  -3.066  12.705  1.00 23.52 ? 112 SER A OG  1 
ATOM   803  N  N   . ALA A 1 113 ? -0.025  -0.287  10.346  1.00 13.06 ? 113 ALA A N   1 
ATOM   804  C  CA  . ALA A 1 113 ? 0.971   0.777   10.416  1.00 11.89 ? 113 ALA A CA  1 
ATOM   805  C  C   . ALA A 1 113 ? 0.315   2.159   10.383  1.00 12.91 ? 113 ALA A C   1 
ATOM   806  O  O   . ALA A 1 113 ? 0.740   3.075   11.092  1.00 13.56 ? 113 ALA A O   1 
ATOM   807  C  CB  . ALA A 1 113 ? 1.936   0.642   9.242   1.00 11.59 ? 113 ALA A CB  1 
ATOM   808  N  N   . MET A 1 114 ? -0.761  2.328   9.589   1.00 11.70 ? 114 MET A N   1 
ATOM   809  C  CA  . MET A 1 114 ? -1.521  3.574   9.550   1.00 12.38 ? 114 MET A CA  1 
ATOM   810  C  C   . MET A 1 114 ? -2.147  3.894   10.905  1.00 14.64 ? 114 MET A C   1 
ATOM   811  O  O   . MET A 1 114 ? -2.073  5.031   11.378  1.00 15.08 ? 114 MET A O   1 
ATOM   812  C  CB  . MET A 1 114 ? -2.630  3.490   8.522   1.00 11.24 ? 114 MET A CB  1 
ATOM   813  C  CG  . MET A 1 114 ? -2.106  3.456   7.110   1.00 10.66 ? 114 MET A CG  1 
ATOM   814  S  SD  . MET A 1 114 ? -3.481  3.243   5.957   1.00 13.75 ? 114 MET A SD  1 
ATOM   815  C  CE  . MET A 1 114 ? -2.635  3.754   4.490   1.00 15.18 ? 114 MET A CE  1 
ATOM   816  N  N   . GLU A 1 115 ? -2.735  2.874   11.543  1.00 15.48 ? 115 GLU A N   1 
ATOM   817  C  CA  . GLU A 1 115 ? -3.325  3.003   12.868  1.00 19.14 ? 115 GLU A CA  1 
ATOM   818  C  C   . GLU A 1 115 ? -2.290  3.368   13.914  1.00 19.41 ? 115 GLU A C   1 
ATOM   819  O  O   . GLU A 1 115 ? -2.542  4.226   14.757  1.00 18.78 ? 115 GLU A O   1 
ATOM   820  C  CB  . GLU A 1 115 ? -3.993  1.692   13.226  1.00 21.65 ? 115 GLU A CB  1 
ATOM   821  C  CG  . GLU A 1 115 ? -4.732  1.721   14.553  1.00 28.19 ? 115 GLU A CG  1 
ATOM   822  C  CD  . GLU A 1 115 ? -5.700  0.567   14.764  1.00 32.28 ? 115 GLU A CD  1 
ATOM   823  O  OE1 . GLU A 1 115 ? -5.398  -0.567  14.384  1.00 35.99 ? 115 GLU A OE1 1 
ATOM   824  O  OE2 . GLU A 1 115 ? -6.769  0.816   15.321  1.00 36.74 ? 115 GLU A OE2 1 
ATOM   825  N  N   . HIS A 1 116 ? -1.111  2.737   13.842  1.00 20.12 ? 116 HIS A N   1 
ATOM   826  C  CA  . HIS A 1 116 ? -0.003  3.030   14.738  1.00 22.46 ? 116 HIS A CA  1 
ATOM   827  C  C   . HIS A 1 116 ? 0.376   4.508   14.675  1.00 21.40 ? 116 HIS A C   1 
ATOM   828  O  O   . HIS A 1 116 ? 0.670   5.116   15.706  1.00 22.09 ? 116 HIS A O   1 
ATOM   829  C  CB  . HIS A 1 116 ? 1.173   2.146   14.345  1.00 26.48 ? 116 HIS A CB  1 
ATOM   830  C  CG  . HIS A 1 116 ? 2.401   2.329   15.217  1.00 34.46 ? 116 HIS A CG  1 
ATOM   831  N  ND1 . HIS A 1 116 ? 3.442   3.120   14.968  1.00 37.92 ? 116 HIS A ND1 1 
ATOM   832  C  CD2 . HIS A 1 116 ? 2.618   1.686   16.412  1.00 38.00 ? 116 HIS A CD2 1 
ATOM   833  C  CE1 . HIS A 1 116 ? 4.272   2.968   15.974  1.00 39.88 ? 116 HIS A CE1 1 
ATOM   834  N  NE2 . HIS A 1 116 ? 3.778   2.110   16.837  1.00 40.19 ? 116 HIS A NE2 1 
ATOM   835  N  N   . ARG A 1 117 ? 0.321   5.115   13.483  1.00 18.39 ? 117 ARG A N   1 
ATOM   836  C  CA  . ARG A 1 117 ? 0.609   6.525   13.320  1.00 17.01 ? 117 ARG A CA  1 
ATOM   837  C  C   . ARG A 1 117 ? -0.512  7.470   13.749  1.00 16.69 ? 117 ARG A C   1 
ATOM   838  O  O   . ARG A 1 117 ? -0.248  8.426   14.486  1.00 16.72 ? 117 ARG A O   1 
ATOM   839  C  CB  . ARG A 1 117 ? 0.937   6.813   11.867  1.00 17.83 ? 117 ARG A CB  1 
ATOM   840  C  CG  . ARG A 1 117 ? 1.303   8.267   11.620  1.00 17.39 ? 117 ARG A CG  1 
ATOM   841  C  CD  . ARG A 1 117 ? 2.790   8.383   11.417  1.00 22.15 ? 117 ARG A CD  1 
ATOM   842  N  NE  . ARG A 1 117 ? 2.925   8.982   10.123  1.00 21.27 ? 117 ARG A NE  1 
ATOM   843  C  CZ  . ARG A 1 117 ? 4.034   9.094   9.406   1.00 17.97 ? 117 ARG A CZ  1 
ATOM   844  N  NH1 . ARG A 1 117 ? 5.242   8.652   9.777   1.00 17.19 ? 117 ARG A NH1 1 
ATOM   845  N  NH2 . ARG A 1 117 ? 3.854   9.697   8.252   1.00 14.29 ? 117 ARG A NH2 1 
ATOM   846  N  N   . ILE A 1 118 ? -1.756  7.260   13.293  1.00 16.39 ? 118 ILE A N   1 
ATOM   847  C  CA  . ILE A 1 118 ? -2.811  8.222   13.592  1.00 16.44 ? 118 ILE A CA  1 
ATOM   848  C  C   . ILE A 1 118 ? -3.758  7.875   14.738  1.00 16.77 ? 118 ILE A C   1 
ATOM   849  O  O   . ILE A 1 118 ? -4.659  8.659   15.040  1.00 18.20 ? 118 ILE A O   1 
ATOM   850  C  CB  . ILE A 1 118 ? -3.641  8.524   12.298  1.00 15.15 ? 118 ILE A CB  1 
ATOM   851  C  CG1 . ILE A 1 118 ? -4.462  7.348   11.801  1.00 15.48 ? 118 ILE A CG1 1 
ATOM   852  C  CG2 . ILE A 1 118 ? -2.642  8.939   11.228  1.00 14.79 ? 118 ILE A CG2 1 
ATOM   853  C  CD1 . ILE A 1 118 ? -5.403  7.739   10.636  1.00 14.51 ? 118 ILE A CD1 1 
ATOM   854  N  N   . GLY A 1 119 ? -3.550  6.733   15.407  1.00 17.70 ? 119 GLY A N   1 
ATOM   855  C  CA  . GLY A 1 119 ? -4.291  6.320   16.600  1.00 18.91 ? 119 GLY A CA  1 
ATOM   856  C  C   . GLY A 1 119 ? -5.799  6.186   16.429  1.00 20.60 ? 119 GLY A C   1 
ATOM   857  O  O   . GLY A 1 119 ? -6.299  5.466   15.561  1.00 20.40 ? 119 GLY A O   1 
ATOM   858  N  N   . GLY A 1 120 ? -6.509  6.951   17.266  1.00 20.07 ? 120 GLY A N   1 
ATOM   859  C  CA  . GLY A 1 120 ? -7.962  6.977   17.300  1.00 21.61 ? 120 GLY A CA  1 
ATOM   860  C  C   . GLY A 1 120 ? -8.635  7.490   16.032  1.00 21.56 ? 120 GLY A C   1 
ATOM   861  O  O   . GLY A 1 120 ? -9.829  7.242   15.827  1.00 22.89 ? 120 GLY A O   1 
ATOM   862  N  N   . LYS A 1 121 ? -7.900  8.221   15.180  1.00 21.15 ? 121 LYS A N   1 
ATOM   863  C  CA  . LYS A 1 121 ? -8.432  8.691   13.907  1.00 20.91 ? 121 LYS A CA  1 
ATOM   864  C  C   . LYS A 1 121 ? -8.638  7.537   12.940  1.00 18.75 ? 121 LYS A C   1 
ATOM   865  O  O   . LYS A 1 121 ? -9.452  7.642   12.023  1.00 18.54 ? 121 LYS A O   1 
ATOM   866  C  CB  . LYS A 1 121 ? -7.492  9.706   13.272  1.00 22.88 ? 121 LYS A CB  1 
ATOM   867  C  CG  . LYS A 1 121 ? -7.493  11.036  14.005  1.00 27.78 ? 121 LYS A CG  1 
ATOM   868  C  CD  . LYS A 1 121 ? -6.408  11.913  13.420  1.00 32.02 ? 121 LYS A CD  1 
ATOM   869  C  CE  . LYS A 1 121 ? -6.340  13.218  14.185  1.00 35.37 ? 121 LYS A CE  1 
ATOM   870  N  NZ  . LYS A 1 121 ? -5.236  14.026  13.704  1.00 39.04 ? 121 LYS A NZ  1 
ATOM   871  N  N   . MET A 1 122 ? -7.915  6.427   13.148  1.00 18.69 ? 122 MET A N   1 
ATOM   872  C  CA  . MET A 1 122 ? -8.114  5.228   12.353  1.00 19.73 ? 122 MET A CA  1 
ATOM   873  C  C   . MET A 1 122 ? -9.209  4.425   13.040  1.00 19.47 ? 122 MET A C   1 
ATOM   874  O  O   . MET A 1 122 ? -8.972  3.376   13.645  1.00 19.98 ? 122 MET A O   1 
ATOM   875  C  CB  . MET A 1 122 ? -6.825  4.407   12.285  1.00 20.41 ? 122 MET A CB  1 
ATOM   876  C  CG  . MET A 1 122 ? -6.844  3.368   11.170  1.00 21.34 ? 122 MET A CG  1 
ATOM   877  S  SD  . MET A 1 122 ? -6.757  4.119   9.523   1.00 24.43 ? 122 MET A SD  1 
ATOM   878  C  CE  . MET A 1 122 ? -6.608  2.663   8.529   1.00 22.54 ? 122 MET A CE  1 
ATOM   879  N  N   . ASN A 1 123 ? -10.433 4.962   12.965  1.00 19.48 ? 123 ASN A N   1 
ATOM   880  C  CA  . ASN A 1 123 ? -11.595 4.314   13.557  1.00 22.07 ? 123 ASN A CA  1 
ATOM   881  C  C   . ASN A 1 123 ? -12.209 3.273   12.617  1.00 23.24 ? 123 ASN A C   1 
ATOM   882  O  O   . ASN A 1 123 ? -11.634 2.991   11.559  1.00 22.64 ? 123 ASN A O   1 
ATOM   883  C  CB  . ASN A 1 123 ? -12.629 5.389   13.932  1.00 21.99 ? 123 ASN A CB  1 
ATOM   884  C  CG  . ASN A 1 123 ? -13.137 6.301   12.820  1.00 25.84 ? 123 ASN A CG  1 
ATOM   885  O  OD1 . ASN A 1 123 ? -13.154 5.983   11.633  1.00 26.49 ? 123 ASN A OD1 1 
ATOM   886  N  ND2 . ASN A 1 123 ? -13.581 7.496   13.198  1.00 27.83 ? 123 ASN A ND2 1 
ATOM   887  N  N   . ALA A 1 124 ? -13.377 2.703   12.970  1.00 22.38 ? 124 ALA A N   1 
ATOM   888  C  CA  . ALA A 1 124 ? -14.056 1.689   12.168  1.00 21.64 ? 124 ALA A CA  1 
ATOM   889  C  C   . ALA A 1 124 ? -14.382 2.116   10.737  1.00 20.69 ? 124 ALA A C   1 
ATOM   890  O  O   . ALA A 1 124 ? -14.135 1.346   9.804   1.00 21.05 ? 124 ALA A O   1 
ATOM   891  C  CB  . ALA A 1 124 ? -15.363 1.278   12.841  1.00 22.94 ? 124 ALA A CB  1 
ATOM   892  N  N   . ALA A 1 125 ? -14.909 3.341   10.560  1.00 18.58 ? 125 ALA A N   1 
ATOM   893  C  CA  . ALA A 1 125 ? -15.212 3.894   9.245   1.00 17.58 ? 125 ALA A CA  1 
ATOM   894  C  C   . ALA A 1 125 ? -13.946 4.099   8.419   1.00 17.26 ? 125 ALA A C   1 
ATOM   895  O  O   . ALA A 1 125 ? -13.932 3.768   7.234   1.00 17.86 ? 125 ALA A O   1 
ATOM   896  C  CB  . ALA A 1 125 ? -15.894 5.240   9.361   1.00 17.54 ? 125 ALA A CB  1 
ATOM   897  N  N   . ALA A 1 126 ? -12.882 4.621   9.047   1.00 15.41 ? 126 ALA A N   1 
ATOM   898  C  CA  . ALA A 1 126 ? -11.589 4.803   8.411   1.00 14.87 ? 126 ALA A CA  1 
ATOM   899  C  C   . ALA A 1 126 ? -10.986 3.471   7.973   1.00 14.94 ? 126 ALA A C   1 
ATOM   900  O  O   . ALA A 1 126 ? -10.491 3.346   6.849   1.00 14.67 ? 126 ALA A O   1 
ATOM   901  C  CB  . ALA A 1 126 ? -10.638 5.478   9.379   1.00 14.78 ? 126 ALA A CB  1 
ATOM   902  N  N   . LYS A 1 127 ? -11.069 2.439   8.821   1.00 14.80 ? 127 LYS A N   1 
ATOM   903  C  CA  . LYS A 1 127 ? -10.569 1.114   8.476   1.00 16.45 ? 127 LYS A CA  1 
ATOM   904  C  C   . LYS A 1 127 ? -11.329 0.460   7.335   1.00 16.02 ? 127 LYS A C   1 
ATOM   905  O  O   . LYS A 1 127 ? -10.700 -0.119  6.448   1.00 16.31 ? 127 LYS A O   1 
ATOM   906  C  CB  . LYS A 1 127 ? -10.605 0.208   9.717   1.00 20.26 ? 127 LYS A CB  1 
ATOM   907  C  CG  . LYS A 1 127 ? -9.265  0.359   10.440  1.00 24.14 ? 127 LYS A CG  1 
ATOM   908  C  CD  . LYS A 1 127 ? -9.087  -0.472  11.696  1.00 29.12 ? 127 LYS A CD  1 
ATOM   909  C  CE  . LYS A 1 127 ? -9.839  0.166   12.847  1.00 32.10 ? 127 LYS A CE  1 
ATOM   910  N  NZ  . LYS A 1 127 ? -9.377  -0.373  14.110  1.00 35.84 ? 127 LYS A NZ  1 
ATOM   911  N  N   . ASP A 1 128 ? -12.661 0.583   7.308   1.00 15.10 ? 128 ASP A N   1 
ATOM   912  C  CA  . ASP A 1 128 ? -13.475 0.069   6.212   1.00 16.81 ? 128 ASP A CA  1 
ATOM   913  C  C   . ASP A 1 128 ? -13.153 0.756   4.880   1.00 13.35 ? 128 ASP A C   1 
ATOM   914  O  O   . ASP A 1 128 ? -12.987 0.083   3.863   1.00 12.42 ? 128 ASP A O   1 
ATOM   915  C  CB  . ASP A 1 128 ? -14.965 0.261   6.569   1.00 20.63 ? 128 ASP A CB  1 
ATOM   916  C  CG  . ASP A 1 128 ? -15.960 -0.072  5.450   1.00 27.03 ? 128 ASP A CG  1 
ATOM   917  O  OD1 . ASP A 1 128 ? -16.375 0.851   4.738   1.00 29.63 ? 128 ASP A OD1 1 
ATOM   918  O  OD2 . ASP A 1 128 ? -16.314 -1.244  5.290   1.00 31.33 ? 128 ASP A OD2 1 
ATOM   919  N  N   . ALA A 1 129 ? -13.056 2.089   4.888   1.00 11.56 ? 129 ALA A N   1 
ATOM   920  C  CA  . ALA A 1 129 ? -12.783 2.846   3.680   1.00 11.87 ? 129 ALA A CA  1 
ATOM   921  C  C   . ALA A 1 129 ? -11.390 2.557   3.139   1.00 12.16 ? 129 ALA A C   1 
ATOM   922  O  O   . ALA A 1 129 ? -11.213 2.429   1.928   1.00 11.77 ? 129 ALA A O   1 
ATOM   923  C  CB  . ALA A 1 129 ? -12.898 4.330   3.964   1.00 11.62 ? 129 ALA A CB  1 
ATOM   924  N  N   . TRP A 1 130 ? -10.391 2.427   4.023   1.00 11.25 ? 130 TRP A N   1 
ATOM   925  C  CA  . TRP A 1 130 ? -9.037  2.099   3.594   1.00 10.78 ? 130 TRP A CA  1 
ATOM   926  C  C   . TRP A 1 130 ? -8.890  0.651   3.149   1.00 11.20 ? 130 TRP A C   1 
ATOM   927  O  O   . TRP A 1 130 ? -8.072  0.372   2.273   1.00 11.91 ? 130 TRP A O   1 
ATOM   928  C  CB  . TRP A 1 130 ? -8.041  2.407   4.722   1.00 10.13 ? 130 TRP A CB  1 
ATOM   929  C  CG  . TRP A 1 130 ? -7.488  3.827   4.578   1.00 11.62 ? 130 TRP A CG  1 
ATOM   930  C  CD1 . TRP A 1 130 ? -7.836  4.841   5.437   1.00 12.10 ? 130 TRP A CD1 1 
ATOM   931  C  CD2 . TRP A 1 130 ? -6.608  4.250   3.610   1.00 11.66 ? 130 TRP A CD2 1 
ATOM   932  N  NE1 . TRP A 1 130 ? -7.182  5.906   5.025   1.00 12.93 ? 130 TRP A NE1 1 
ATOM   933  C  CE2 . TRP A 1 130 ? -6.441  5.599   3.944   1.00 11.75 ? 130 TRP A CE2 1 
ATOM   934  C  CE3 . TRP A 1 130 ? -5.935  3.701   2.516   1.00 11.80 ? 130 TRP A CE3 1 
ATOM   935  C  CZ2 . TRP A 1 130 ? -5.600  6.420   3.190   1.00 10.54 ? 130 TRP A CZ2 1 
ATOM   936  C  CZ3 . TRP A 1 130 ? -5.095  4.524   1.762   1.00 10.40 ? 130 TRP A CZ3 1 
ATOM   937  C  CH2 . TRP A 1 130 ? -4.930  5.867   2.099   1.00 10.68 ? 130 TRP A CH2 1 
ATOM   938  N  N   . ALA A 1 131 ? -9.697  -0.274  3.693   1.00 10.40 ? 131 ALA A N   1 
ATOM   939  C  CA  . ALA A 1 131 ? -9.703  -1.658  3.249   1.00 10.47 ? 131 ALA A CA  1 
ATOM   940  C  C   . ALA A 1 131 ? -10.294 -1.711  1.841   1.00 10.43 ? 131 ALA A C   1 
ATOM   941  O  O   . ALA A 1 131 ? -9.803  -2.447  0.981   1.00 12.19 ? 131 ALA A O   1 
ATOM   942  C  CB  . ALA A 1 131 ? -10.553 -2.521  4.179   1.00 10.48 ? 131 ALA A CB  1 
ATOM   943  N  N   . ALA A 1 132 ? -11.317 -0.888  1.573   1.00 10.29 ? 132 ALA A N   1 
ATOM   944  C  CA  . ALA A 1 132 ? -11.909 -0.783  0.248   1.00 10.04 ? 132 ALA A CA  1 
ATOM   945  C  C   . ALA A 1 132 ? -10.935 -0.138  -0.729  1.00 10.65 ? 132 ALA A C   1 
ATOM   946  O  O   . ALA A 1 132 ? -10.732 -0.658  -1.832  1.00 11.89 ? 132 ALA A O   1 
ATOM   947  C  CB  . ALA A 1 132 ? -13.166 0.070   0.286   1.00 10.03 ? 132 ALA A CB  1 
ATOM   948  N  N   . ALA A 1 133 ? -10.284 0.968   -0.333  1.00 10.18 ? 133 ALA A N   1 
ATOM   949  C  CA  . ALA A 1 133 ? -9.318  1.657   -1.186  1.00 10.67 ? 133 ALA A CA  1 
ATOM   950  C  C   . ALA A 1 133 ? -8.137  0.753   -1.492  1.00 11.40 ? 133 ALA A C   1 
ATOM   951  O  O   . ALA A 1 133 ? -7.767  0.640   -2.662  1.00 11.00 ? 133 ALA A O   1 
ATOM   952  C  CB  . ALA A 1 133 ? -8.778  2.909   -0.519  1.00 11.05 ? 133 ALA A CB  1 
ATOM   953  N  N   . TYR A 1 134 ? -7.587  0.043   -0.485  1.00 10.94 ? 134 TYR A N   1 
ATOM   954  C  CA  . TYR A 1 134 ? -6.470  -0.862  -0.706  1.00 9.61  ? 134 TYR A CA  1 
ATOM   955  C  C   . TYR A 1 134 ? -6.890  -1.979  -1.654  1.00 10.36 ? 134 TYR A C   1 
ATOM   956  O  O   . TYR A 1 134 ? -6.093  -2.353  -2.514  1.00 10.69 ? 134 TYR A O   1 
ATOM   957  C  CB  . TYR A 1 134 ? -5.961  -1.487  0.616   1.00 9.07  ? 134 TYR A CB  1 
ATOM   958  C  CG  . TYR A 1 134 ? -4.794  -2.439  0.355   1.00 10.16 ? 134 TYR A CG  1 
ATOM   959  C  CD1 . TYR A 1 134 ? -3.529  -1.914  0.065   1.00 11.54 ? 134 TYR A CD1 1 
ATOM   960  C  CD2 . TYR A 1 134 ? -4.996  -3.821  0.327   1.00 9.81  ? 134 TYR A CD2 1 
ATOM   961  C  CE1 . TYR A 1 134 ? -2.471  -2.763  -0.263  1.00 11.56 ? 134 TYR A CE1 1 
ATOM   962  C  CE2 . TYR A 1 134 ? -3.946  -4.673  -0.004  1.00 10.94 ? 134 TYR A CE2 1 
ATOM   963  C  CZ  . TYR A 1 134 ? -2.689  -4.137  -0.296  1.00 10.89 ? 134 TYR A CZ  1 
ATOM   964  O  OH  . TYR A 1 134 ? -1.641  -4.975  -0.622  1.00 13.11 ? 134 TYR A OH  1 
ATOM   965  N  N   . GLY A 1 135 ? -8.113  -2.510  -1.537  1.00 9.80  ? 135 GLY A N   1 
ATOM   966  C  CA  . GLY A 1 135 ? -8.612  -3.533  -2.449  1.00 10.21 ? 135 GLY A CA  1 
ATOM   967  C  C   . GLY A 1 135 ? -8.562  -3.083  -3.913  1.00 11.37 ? 135 GLY A C   1 
ATOM   968  O  O   . GLY A 1 135 ? -8.109  -3.827  -4.786  1.00 12.63 ? 135 GLY A O   1 
ATOM   969  N  N   . ASP A 1 136 ? -8.982  -1.843  -4.195  1.00 12.48 ? 136 ASP A N   1 
ATOM   970  C  CA  . ASP A 1 136 ? -8.958  -1.307  -5.556  1.00 12.04 ? 136 ASP A CA  1 
ATOM   971  C  C   . ASP A 1 136 ? -7.589  -0.926  -6.082  1.00 11.36 ? 136 ASP A C   1 
ATOM   972  O  O   . ASP A 1 136 ? -7.307  -1.148  -7.256  1.00 11.93 ? 136 ASP A O   1 
ATOM   973  C  CB  . ASP A 1 136 ? -9.867  -0.092  -5.644  1.00 12.73 ? 136 ASP A CB  1 
ATOM   974  C  CG  . ASP A 1 136 ? -11.360 -0.419  -5.566  1.00 16.13 ? 136 ASP A CG  1 
ATOM   975  O  OD1 . ASP A 1 136 ? -11.765 -1.574  -5.711  1.00 17.93 ? 136 ASP A OD1 1 
ATOM   976  O  OD2 . ASP A 1 136 ? -12.134 0.507   -5.366  1.00 19.30 ? 136 ASP A OD2 1 
ATOM   977  N  N   . ILE A 1 137 ? -6.731  -0.363  -5.224  1.00 11.21 ? 137 ILE A N   1 
ATOM   978  C  CA  . ILE A 1 137 ? -5.375  0.053   -5.592  1.00 11.02 ? 137 ILE A CA  1 
ATOM   979  C  C   . ILE A 1 137 ? -4.534  -1.181  -5.886  1.00 12.27 ? 137 ILE A C   1 
ATOM   980  O  O   . ILE A 1 137 ? -3.912  -1.241  -6.948  1.00 12.80 ? 137 ILE A O   1 
ATOM   981  C  CB  . ILE A 1 137 ? -4.772  0.910   -4.418  1.00 12.46 ? 137 ILE A CB  1 
ATOM   982  C  CG1 . ILE A 1 137 ? -5.511  2.251   -4.368  1.00 12.33 ? 137 ILE A CG1 1 
ATOM   983  C  CG2 . ILE A 1 137 ? -3.273  1.159   -4.602  1.00 12.79 ? 137 ILE A CG2 1 
ATOM   984  C  CD1 . ILE A 1 137 ? -5.249  3.089   -3.095  1.00 14.23 ? 137 ILE A CD1 1 
ATOM   985  N  N   . SER A 1 138 ? -4.523  -2.177  -4.983  1.00 11.38 ? 138 SER A N   1 
ATOM   986  C  CA  . SER A 1 138 ? -3.776  -3.404  -5.216  1.00 12.02 ? 138 SER A CA  1 
ATOM   987  C  C   . SER A 1 138 ? -4.448  -4.263  -6.288  1.00 11.45 ? 138 SER A C   1 
ATOM   988  O  O   . SER A 1 138 ? -3.751  -4.957  -7.023  1.00 11.60 ? 138 SER A O   1 
ATOM   989  C  CB  . SER A 1 138 ? -3.651  -4.212  -3.930  1.00 11.27 ? 138 SER A CB  1 
ATOM   990  O  OG  . SER A 1 138 ? -4.887  -4.736  -3.476  1.00 12.83 ? 138 SER A OG  1 
ATOM   991  N  N   . GLY A 1 139 ? -5.779  -4.217  -6.431  1.00 10.60 ? 139 GLY A N   1 
ATOM   992  C  CA  . GLY A 1 139 ? -6.482  -4.936  -7.482  1.00 11.37 ? 139 GLY A CA  1 
ATOM   993  C  C   . GLY A 1 139 ? -6.052  -4.450  -8.859  1.00 12.05 ? 139 GLY A C   1 
ATOM   994  O  O   . GLY A 1 139 ? -5.807  -5.259  -9.755  1.00 13.08 ? 139 GLY A O   1 
ATOM   995  N  N   . ALA A 1 140 ? -5.907  -3.126  -9.019  1.00 11.11 ? 140 ALA A N   1 
ATOM   996  C  CA  . ALA A 1 140 ? -5.441  -2.533  -10.270 1.00 11.47 ? 140 ALA A CA  1 
ATOM   997  C  C   . ALA A 1 140 ? -3.976  -2.874  -10.529 1.00 12.28 ? 140 ALA A C   1 
ATOM   998  O  O   . ALA A 1 140 ? -3.614  -3.153  -11.672 1.00 12.59 ? 140 ALA A O   1 
ATOM   999  C  CB  . ALA A 1 140 ? -5.587  -1.023  -10.220 1.00 11.75 ? 140 ALA A CB  1 
ATOM   1000 N  N   . LEU A 1 141 ? -3.106  -2.885  -9.502  1.00 11.06 ? 141 LEU A N   1 
ATOM   1001 C  CA  . LEU A 1 141 ? -1.715  -3.292  -9.682  1.00 11.11 ? 141 LEU A CA  1 
ATOM   1002 C  C   . LEU A 1 141 ? -1.646  -4.753  -10.121 1.00 10.52 ? 141 LEU A C   1 
ATOM   1003 O  O   . LEU A 1 141 ? -0.927  -5.059  -11.077 1.00 10.71 ? 141 LEU A O   1 
ATOM   1004 C  CB  . LEU A 1 141 ? -0.934  -3.096  -8.369  1.00 11.84 ? 141 LEU A CB  1 
ATOM   1005 C  CG  . LEU A 1 141 ? 0.607   -3.134  -8.411  1.00 11.87 ? 141 LEU A CG  1 
ATOM   1006 C  CD1 . LEU A 1 141 ? 1.112   -2.469  -7.155  1.00 12.60 ? 141 LEU A CD1 1 
ATOM   1007 C  CD2 . LEU A 1 141 ? 1.167   -4.550  -8.461  1.00 12.10 ? 141 LEU A CD2 1 
ATOM   1008 N  N   . ILE A 1 142 ? -2.390  -5.656  -9.456  1.00 9.98  ? 142 ILE A N   1 
ATOM   1009 C  CA  . ILE A 1 142 ? -2.437  -7.070  -9.814  1.00 10.51 ? 142 ILE A CA  1 
ATOM   1010 C  C   . ILE A 1 142 ? -2.894  -7.250  -11.263 1.00 12.03 ? 142 ILE A C   1 
ATOM   1011 O  O   . ILE A 1 142 ? -2.332  -8.096  -11.965 1.00 11.92 ? 142 ILE A O   1 
ATOM   1012 C  CB  . ILE A 1 142 ? -3.394  -7.818  -8.856  1.00 11.29 ? 142 ILE A CB  1 
ATOM   1013 C  CG1 . ILE A 1 142 ? -2.759  -7.918  -7.475  1.00 11.39 ? 142 ILE A CG1 1 
ATOM   1014 C  CG2 . ILE A 1 142 ? -3.685  -9.228  -9.370  1.00 11.82 ? 142 ILE A CG2 1 
ATOM   1015 C  CD1 . ILE A 1 142 ? -3.794  -8.350  -6.409  1.00 12.64 ? 142 ILE A CD1 1 
ATOM   1016 N  N   . SER A 1 143 ? -3.865  -6.461  -11.751 1.00 11.95 ? 143 SER A N   1 
ATOM   1017 C  CA  . SER A 1 143 ? -4.293  -6.625  -13.136 1.00 14.02 ? 143 SER A CA  1 
ATOM   1018 C  C   . SER A 1 143 ? -3.165  -6.259  -14.082 1.00 13.16 ? 143 SER A C   1 
ATOM   1019 O  O   . SER A 1 143 ? -3.014  -6.925  -15.098 1.00 14.76 ? 143 SER A O   1 
ATOM   1020 C  CB  . SER A 1 143 ? -5.534  -5.767  -13.434 1.00 14.87 ? 143 SER A CB  1 
ATOM   1021 O  OG  . SER A 1 143 ? -5.309  -4.371  -13.505 1.00 23.19 ? 143 SER A OG  1 
ATOM   1022 N  N   . GLY A 1 144 ? -2.324  -5.266  -13.754 1.00 13.06 ? 144 GLY A N   1 
ATOM   1023 C  CA  . GLY A 1 144 ? -1.154  -4.935  -14.565 1.00 12.12 ? 144 GLY A CA  1 
ATOM   1024 C  C   . GLY A 1 144 ? -0.134  -6.061  -14.544 1.00 13.31 ? 144 GLY A C   1 
ATOM   1025 O  O   . GLY A 1 144 ? 0.390   -6.454  -15.584 1.00 13.42 ? 144 GLY A O   1 
ATOM   1026 N  N   . LEU A 1 145 ? 0.115   -6.599  -13.344 1.00 12.76 ? 145 LEU A N   1 
ATOM   1027 C  CA  . LEU A 1 145 ? 1.020   -7.720  -13.090 1.00 14.41 ? 145 LEU A CA  1 
ATOM   1028 C  C   . LEU A 1 145 ? 0.649   -8.946  -13.926 1.00 14.54 ? 145 LEU A C   1 
ATOM   1029 O  O   . LEU A 1 145 ? 1.512   -9.650  -14.450 1.00 14.37 ? 145 LEU A O   1 
ATOM   1030 C  CB  . LEU A 1 145 ? 0.965   -8.126  -11.618 1.00 14.21 ? 145 LEU A CB  1 
ATOM   1031 C  CG  . LEU A 1 145 ? 2.155   -8.520  -10.736 1.00 19.65 ? 145 LEU A CG  1 
ATOM   1032 C  CD1 . LEU A 1 145 ? 1.643   -9.588  -9.790  1.00 18.27 ? 145 LEU A CD1 1 
ATOM   1033 C  CD2 . LEU A 1 145 ? 3.337   -9.075  -11.505 1.00 17.13 ? 145 LEU A CD2 1 
ATOM   1034 N  N   . GLN A 1 146 ? -0.654  -9.211  -14.047 1.00 13.45 ? 146 GLN A N   1 
ATOM   1035 C  CA  . GLN A 1 146 ? -1.145  -10.371 -14.777 1.00 13.46 ? 146 GLN A CA  1 
ATOM   1036 C  C   . GLN A 1 146 ? -1.503  -10.106 -16.234 1.00 13.09 ? 146 GLN A C   1 
ATOM   1037 O  O   . GLN A 1 146 ? -1.938  -11.024 -16.931 1.00 14.22 ? 146 GLN A O   1 
ATOM   1038 C  CB  . GLN A 1 146 ? -2.367  -10.924 -14.057 1.00 14.23 ? 146 GLN A CB  1 
ATOM   1039 C  CG  . GLN A 1 146 ? -2.073  -11.398 -12.637 1.00 19.12 ? 146 GLN A CG  1 
ATOM   1040 C  CD  . GLN A 1 146 ? -3.277  -11.949 -11.882 1.00 21.67 ? 146 GLN A CD  1 
ATOM   1041 O  OE1 . GLN A 1 146 ? -3.113  -12.746 -10.961 1.00 25.86 ? 146 GLN A OE1 1 
ATOM   1042 N  NE2 . GLN A 1 146 ? -4.509  -11.555 -12.194 1.00 22.73 ? 146 GLN A NE2 1 
ATOM   1043 N  N   . SER A 1 147 ? -1.316  -8.879  -16.734 1.00 13.20 ? 147 SER A N   1 
ATOM   1044 C  CA  . SER A 1 147 ? -1.703  -8.542  -18.098 1.00 14.07 ? 147 SER A CA  1 
ATOM   1045 C  C   . SER A 1 147 ? -0.855  -9.181  -19.198 1.00 14.86 ? 147 SER A C   1 
ATOM   1046 O  O   . SER A 1 147 ? 0.249   -9.635  -18.917 1.00 15.68 ? 147 SER A O   1 
ATOM   1047 C  CB  . SER A 1 147 ? -1.684  -7.024  -18.245 1.00 14.19 ? 147 SER A CB  1 
ATOM   1048 O  OG  . SER A 1 147 ? -0.384  -6.463  -18.142 1.00 15.95 ? 147 SER A OG  1 
ATOM   1049 O  OXT . SER A 1 147 ? -1.317  -9.249  -20.333 1.00 15.58 ? 147 SER A OXT 1 
HETATM 1050 C  C   . CYN B 2 .   ? 6.499   -2.680  -3.225  1.00 24.48 ? 149 CYN A C   1 
HETATM 1051 N  N   . CYN B 2 .   ? 7.331   -2.533  -2.437  1.00 25.53 ? 149 CYN A N   1 
HETATM 1052 C  CHA . HEM C 3 .   ? 8.871   -1.412  -6.220  1.00 13.19 ? 148 HEM A CHA 1 
HETATM 1053 C  CHB . HEM C 3 .   ? 7.914   -5.875  -4.747  1.00 14.72 ? 148 HEM A CHB 1 
HETATM 1054 C  CHC . HEM C 3 .   ? 3.432   -4.547  -3.663  1.00 15.33 ? 148 HEM A CHC 1 
HETATM 1055 C  CHD . HEM C 3 .   ? 4.384   -0.091  -5.168  1.00 12.66 ? 148 HEM A CHD 1 
HETATM 1056 C  C1A . HEM C 3 .   ? 9.021   -2.731  -5.842  1.00 14.38 ? 148 HEM A C1A 1 
HETATM 1057 C  C2A . HEM C 3 .   ? 10.282  -3.447  -5.830  1.00 16.83 ? 148 HEM A C2A 1 
HETATM 1058 C  C3A . HEM C 3 .   ? 9.998   -4.711  -5.458  1.00 14.88 ? 148 HEM A C3A 1 
HETATM 1059 C  C4A . HEM C 3 .   ? 8.581   -4.754  -5.196  1.00 14.17 ? 148 HEM A C4A 1 
HETATM 1060 C  CMA . HEM C 3 .   ? 10.974  -5.869  -5.298  1.00 13.92 ? 148 HEM A CMA 1 
HETATM 1061 C  CAA . HEM C 3 .   ? 11.665  -2.861  -6.037  1.00 20.69 ? 148 HEM A CAA 1 
HETATM 1062 C  CBA . HEM C 3 .   ? 11.959  -2.555  -7.482  1.00 30.07 ? 148 HEM A CBA 1 
HETATM 1063 C  CGA . HEM C 3 .   ? 13.372  -2.075  -7.765  1.00 37.17 ? 148 HEM A CGA 1 
HETATM 1064 O  O1A . HEM C 3 .   ? 13.516  -0.986  -8.322  1.00 42.15 ? 148 HEM A O1A 1 
HETATM 1065 O  O2A . HEM C 3 .   ? 14.323  -2.795  -7.452  1.00 40.27 ? 148 HEM A O2A 1 
HETATM 1066 C  C1B . HEM C 3 .   ? 6.588   -5.922  -4.379  1.00 15.05 ? 148 HEM A C1B 1 
HETATM 1067 C  C2B . HEM C 3 .   ? 5.962   -7.082  -3.798  1.00 13.50 ? 148 HEM A C2B 1 
HETATM 1068 C  C3B . HEM C 3 .   ? 4.684   -6.721  -3.502  1.00 15.50 ? 148 HEM A C3B 1 
HETATM 1069 C  C4B . HEM C 3 .   ? 4.557   -5.324  -3.892  1.00 15.01 ? 148 HEM A C4B 1 
HETATM 1070 C  CMB . HEM C 3 .   ? 6.653   -8.420  -3.560  1.00 14.18 ? 148 HEM A CMB 1 
HETATM 1071 C  CAB . HEM C 3 .   ? 3.660   -7.504  -2.979  1.00 16.96 ? 148 HEM A CAB 1 
HETATM 1072 C  CBB . HEM C 3 .   ? 3.703   -8.176  -1.695  1.00 20.96 ? 148 HEM A CBB 1 
HETATM 1073 C  C1C . HEM C 3 .   ? 3.311   -3.195  -3.922  1.00 13.53 ? 148 HEM A C1C 1 
HETATM 1074 C  C2C . HEM C 3 .   ? 2.111   -2.417  -3.659  1.00 12.29 ? 148 HEM A C2C 1 
HETATM 1075 C  C3C . HEM C 3 .   ? 2.342   -1.166  -4.100  1.00 12.52 ? 148 HEM A C3C 1 
HETATM 1076 C  C4C . HEM C 3 .   ? 3.721   -1.176  -4.618  1.00 12.92 ? 148 HEM A C4C 1 
HETATM 1077 C  CMC . HEM C 3 .   ? 0.832   -2.899  -2.984  1.00 13.64 ? 148 HEM A CMC 1 
HETATM 1078 C  CAC . HEM C 3 .   ? 1.376   -0.164  -4.132  1.00 14.07 ? 148 HEM A CAC 1 
HETATM 1079 C  CBC . HEM C 3 .   ? 1.616   1.247   -3.906  1.00 19.30 ? 148 HEM A CBC 1 
HETATM 1080 C  C1D . HEM C 3 .   ? 5.684   -0.075  -5.614  1.00 11.47 ? 148 HEM A C1D 1 
HETATM 1081 C  C2D . HEM C 3 .   ? 6.349   1.100   -6.106  1.00 11.61 ? 148 HEM A C2D 1 
HETATM 1082 C  C3D . HEM C 3 .   ? 7.609   0.722   -6.414  1.00 13.07 ? 148 HEM A C3D 1 
HETATM 1083 C  C4D . HEM C 3 .   ? 7.707   -0.677  -6.109  1.00 12.62 ? 148 HEM A C4D 1 
HETATM 1084 C  CMD . HEM C 3 .   ? 5.741   2.490   -6.243  1.00 13.04 ? 148 HEM A CMD 1 
HETATM 1085 C  CAD . HEM C 3 .   ? 8.739   1.593   -6.944  1.00 15.65 ? 148 HEM A CAD 1 
HETATM 1086 C  CBD . HEM C 3 .   ? 9.068   1.362   -8.420  1.00 17.78 ? 148 HEM A CBD 1 
HETATM 1087 C  CGD . HEM C 3 .   ? 7.885   1.581   -9.354  1.00 17.92 ? 148 HEM A CGD 1 
HETATM 1088 O  O1D . HEM C 3 .   ? 7.310   2.663   -9.351  1.00 20.05 ? 148 HEM A O1D 1 
HETATM 1089 O  O2D . HEM C 3 .   ? 7.524   0.659   -10.074 1.00 21.34 ? 148 HEM A O2D 1 
HETATM 1090 N  NA  . HEM C 3 .   ? 7.990   -3.523  -5.389  1.00 14.19 ? 148 HEM A NA  1 
HETATM 1091 N  NB  . HEM C 3 .   ? 5.729   -4.836  -4.421  1.00 14.01 ? 148 HEM A NB  1 
HETATM 1092 N  NC  . HEM C 3 .   ? 4.308   -2.426  -4.485  1.00 13.33 ? 148 HEM A NC  1 
HETATM 1093 N  ND  . HEM C 3 .   ? 6.523   -1.167  -5.602  1.00 13.02 ? 148 HEM A ND  1 
HETATM 1094 FE FE  . HEM C 3 .   ? 6.131   -2.998  -5.021  1.00 13.90 ? 148 HEM A FE  1 
HETATM 1095 O  O   . HOH D 4 .   ? -6.936  -4.607  4.174   1.00 38.15 ? 201 HOH A O   1 
HETATM 1096 O  O   . HOH D 4 .   ? -11.490 2.811   -7.098  1.00 36.66 ? 202 HOH A O   1 
HETATM 1097 O  O   . HOH D 4 .   ? -7.145  -7.234  0.453   1.00 34.61 ? 203 HOH A O   1 
HETATM 1098 O  O   . HOH D 4 .   ? 2.247   0.217   -18.820 1.00 23.07 ? 204 HOH A O   1 
HETATM 1099 O  O   . HOH D 4 .   ? 3.537   3.706   11.179  1.00 19.42 ? 207 HOH A O   1 
HETATM 1100 O  O   . HOH D 4 .   ? 8.962   9.529   0.069   1.00 28.20 ? 208 HOH A O   1 
HETATM 1101 O  O   . HOH D 4 .   ? 4.506   6.115   12.459  1.00 34.97 ? 209 HOH A O   1 
HETATM 1102 O  O   . HOH D 4 .   ? -17.675 10.589  4.622   1.00 35.18 ? 210 HOH A O   1 
HETATM 1103 O  O   . HOH D 4 .   ? 16.399  -13.047 0.596   1.00 26.35 ? 211 HOH A O   1 
HETATM 1104 O  O   . HOH D 4 .   ? -9.178  -1.418  -9.285  1.00 24.67 ? 212 HOH A O   1 
HETATM 1105 O  O   . HOH D 4 .   ? -4.509  1.119   -19.131 1.00 37.55 ? 213 HOH A O   1 
HETATM 1106 O  O   . HOH D 4 .   ? 12.316  5.829   6.945   1.00 26.16 ? 214 HOH A O   1 
HETATM 1107 O  O   . HOH D 4 .   ? 10.194  7.745   -1.954  1.00 36.15 ? 215 HOH A O   1 
HETATM 1108 O  O   . HOH D 4 .   ? -2.046  -13.772 -16.527 1.00 28.62 ? 216 HOH A O   1 
HETATM 1109 O  O   . HOH D 4 .   ? 13.472  -2.030  8.492   1.00 25.14 ? 217 HOH A O   1 
HETATM 1110 O  O   . HOH D 4 .   ? 2.579   -3.107  10.228  1.00 29.17 ? 218 HOH A O   1 
HETATM 1111 O  O   . HOH D 4 .   ? 15.287  6.504   -1.873  1.00 41.76 ? 219 HOH A O   1 
HETATM 1112 O  O   . HOH D 4 .   ? 10.418  -3.729  -14.515 1.00 34.49 ? 220 HOH A O   1 
HETATM 1113 O  O   . HOH D 4 .   ? 15.453  -14.758 2.642   1.00 20.95 ? 221 HOH A O   1 
HETATM 1114 O  O   . HOH D 4 .   ? -10.998 7.590   -16.470 1.00 16.44 ? 222 HOH A O   1 
HETATM 1115 O  O   . HOH D 4 .   ? 20.392  -6.226  0.658   1.00 29.00 ? 223 HOH A O   1 
HETATM 1116 O  O   . HOH D 4 .   ? 8.203   12.137  -0.724  1.00 30.49 ? 224 HOH A O   1 
HETATM 1117 O  O   . HOH D 4 .   ? -0.617  -0.772  -18.038 1.00 22.92 ? 225 HOH A O   1 
HETATM 1118 O  O   . HOH D 4 .   ? -22.254 7.869   -2.821  1.00 35.78 ? 226 HOH A O   1 
HETATM 1119 O  O   . HOH D 4 .   ? 12.513  -18.090 1.494   1.00 29.77 ? 227 HOH A O   1 
HETATM 1120 O  O   . HOH D 4 .   ? 0.881   12.356  -1.460  1.00 40.42 ? 228 HOH A O   1 
HETATM 1121 O  O   . HOH D 4 .   ? 12.819  6.224   -0.431  1.00 31.04 ? 229 HOH A O   1 
HETATM 1122 O  O   . HOH D 4 .   ? 5.588   -12.115 -13.080 1.00 43.23 ? 230 HOH A O   1 
HETATM 1123 O  O   . HOH D 4 .   ? 7.784   -5.144  -17.078 1.00 35.76 ? 231 HOH A O   1 
HETATM 1124 O  O   . HOH D 4 .   ? 0.528   -9.485  7.602   1.00 40.71 ? 232 HOH A O   1 
HETATM 1125 O  O   . HOH D 4 .   ? -9.817  12.781  -6.955  1.00 43.26 ? 233 HOH A O   1 
HETATM 1126 O  O   . HOH D 4 .   ? 6.921   -10.611 -10.541 1.00 20.33 ? 234 HOH A O   1 
HETATM 1127 O  O   . HOH D 4 .   ? -8.861  -4.922  1.367   1.00 29.50 ? 235 HOH A O   1 
HETATM 1128 O  O   . HOH D 4 .   ? -5.476  -7.251  -2.017  1.00 31.37 ? 236 HOH A O   1 
HETATM 1129 O  O   . HOH D 4 .   ? -8.966  10.478  -16.985 1.00 38.61 ? 237 HOH A O   1 
HETATM 1130 O  O   . HOH D 4 .   ? 0.395   12.727  11.587  1.00 26.79 ? 238 HOH A O   1 
HETATM 1131 O  O   . HOH D 4 .   ? 8.559   8.309   -4.917  1.00 27.19 ? 239 HOH A O   1 
HETATM 1132 O  O   . HOH D 4 .   ? 7.095   -1.219  -17.997 1.00 30.62 ? 240 HOH A O   1 
HETATM 1133 O  O   . HOH D 4 .   ? -1.013  13.777  -7.656  1.00 32.11 ? 241 HOH A O   1 
HETATM 1134 O  O   . HOH D 4 .   ? 10.546  4.677   4.930   1.00 13.88 ? 244 HOH A O   1 
HETATM 1135 O  O   . HOH D 4 .   ? 15.761  -13.515 5.084   1.00 15.88 ? 245 HOH A O   1 
HETATM 1136 O  O   . HOH D 4 .   ? 12.737  -15.363 2.482   1.00 16.16 ? 246 HOH A O   1 
HETATM 1137 O  O   . HOH D 4 .   ? 6.777   6.064   -5.483  1.00 15.73 ? 247 HOH A O   1 
HETATM 1138 O  O   . HOH D 4 .   ? 6.834   8.266   1.360   1.00 14.16 ? 248 HOH A O   1 
HETATM 1139 O  O   . HOH D 4 .   ? 20.688  -5.931  4.413   1.00 15.17 ? 249 HOH A O   1 
HETATM 1140 O  O   . HOH D 4 .   ? 13.323  -13.162 6.417   1.00 18.41 ? 250 HOH A O   1 
HETATM 1141 O  O   . HOH D 4 .   ? 3.367   11.177  -3.378  1.00 24.79 ? 251 HOH A O   1 
HETATM 1142 O  O   . HOH D 4 .   ? -16.302 3.789   5.778   1.00 21.69 ? 252 HOH A O   1 
HETATM 1143 O  O   . HOH D 4 .   ? 15.008  -0.675  6.478   1.00 18.14 ? 253 HOH A O   1 
HETATM 1144 O  O   . HOH D 4 .   ? 4.834   -17.411 7.223   1.00 20.29 ? 254 HOH A O   1 
HETATM 1145 O  O   . HOH D 4 .   ? -13.905 12.501  -12.450 1.00 35.39 ? 255 HOH A O   1 
HETATM 1146 O  O   . HOH D 4 .   ? -5.726  -6.963  3.064   1.00 26.64 ? 256 HOH A O   1 
HETATM 1147 O  O   . HOH D 4 .   ? 7.089   -16.159 -5.279  1.00 24.02 ? 257 HOH A O   1 
HETATM 1148 O  O   . HOH D 4 .   ? -2.354  12.828  -2.091  1.00 34.87 ? 258 HOH A O   1 
HETATM 1149 O  O   . HOH D 4 .   ? -7.060  -7.835  -9.813  1.00 37.81 ? 259 HOH A O   1 
HETATM 1150 O  O   . HOH D 4 .   ? 16.526  1.048   8.069   1.00 21.42 ? 260 HOH A O   1 
HETATM 1151 O  O   . HOH D 4 .   ? 13.872  -5.805  -8.197  1.00 28.01 ? 261 HOH A O   1 
HETATM 1152 O  O   . HOH D 4 .   ? 1.627   7.016   -10.905 1.00 31.89 ? 262 HOH A O   1 
HETATM 1153 O  O   . HOH D 4 .   ? 1.870   -5.949  10.884  1.00 34.63 ? 263 HOH A O   1 
HETATM 1154 O  O   . HOH D 4 .   ? 5.779   2.680   -17.156 1.00 41.38 ? 264 HOH A O   1 
HETATM 1155 O  O   . HOH D 4 .   ? 4.339   -0.060  -17.013 1.00 25.35 ? 265 HOH A O   1 
HETATM 1156 O  O   . HOH D 4 .   ? 5.602   12.810  10.107  1.00 33.49 ? 266 HOH A O   1 
HETATM 1157 O  O   . HOH D 4 .   ? -21.560 8.204   -0.058  1.00 22.78 ? 267 HOH A O   1 
HETATM 1158 O  O   . HOH D 4 .   ? 4.050   14.880  4.199   1.00 19.88 ? 268 HOH A O   1 
HETATM 1159 O  O   . HOH D 4 .   ? 2.134   -2.538  13.089  1.00 31.80 ? 269 HOH A O   1 
HETATM 1160 O  O   . HOH D 4 .   ? 4.799   7.933   -6.679  1.00 36.18 ? 270 HOH A O   1 
HETATM 1161 O  O   . HOH D 4 .   ? 12.038  -11.871 8.746   1.00 37.48 ? 271 HOH A O   1 
HETATM 1162 O  O   . HOH D 4 .   ? -4.540  -10.987 -2.411  1.00 37.71 ? 272 HOH A O   1 
HETATM 1163 O  O   . HOH D 4 .   ? 2.111   4.789   -12.873 1.00 41.19 ? 273 HOH A O   1 
HETATM 1164 O  O   . HOH D 4 .   ? -4.424  -4.452  10.122  1.00 34.86 ? 274 HOH A O   1 
HETATM 1165 O  O   . HOH D 4 .   ? -8.384  2.764   -16.837 1.00 27.42 ? 275 HOH A O   1 
HETATM 1166 O  O   . HOH D 4 .   ? -1.740  2.019   -17.763 1.00 27.15 ? 276 HOH A O   1 
# 
